data_9I2O
# 
_entry.id   9I2O 
# 
_audit_conform.dict_name       mmcif_pdbx.dic 
_audit_conform.dict_version    5.401 
_audit_conform.dict_location   http://mmcif.pdb.org/dictionaries/ascii/mmcif_pdbx.dic 
# 
loop_
_database_2.database_id 
_database_2.database_code 
_database_2.pdbx_database_accession 
_database_2.pdbx_DOI 
PDB   9I2O         pdb_00009i2o 10.2210/pdb9i2o/pdb 
WWPDB D_1292144375 ?            ?                   
# 
_pdbx_audit_revision_history.ordinal             1 
_pdbx_audit_revision_history.data_content_type   'Structure model' 
_pdbx_audit_revision_history.major_revision      1 
_pdbx_audit_revision_history.minor_revision      0 
_pdbx_audit_revision_history.revision_date       2025-01-29 
# 
_pdbx_audit_revision_details.ordinal             1 
_pdbx_audit_revision_details.revision_ordinal    1 
_pdbx_audit_revision_details.data_content_type   'Structure model' 
_pdbx_audit_revision_details.provider            repository 
_pdbx_audit_revision_details.type                'Initial release' 
_pdbx_audit_revision_details.description         ? 
_pdbx_audit_revision_details.details             ? 
# 
_pdbx_database_status.status_code                     REL 
_pdbx_database_status.status_code_sf                  REL 
_pdbx_database_status.status_code_mr                  ? 
_pdbx_database_status.entry_id                        9I2O 
_pdbx_database_status.recvd_initial_deposition_date   2025-01-21 
_pdbx_database_status.SG_entry                        N 
_pdbx_database_status.deposit_site                    PDBE 
_pdbx_database_status.process_site                    PDBE 
_pdbx_database_status.status_code_cs                  ? 
_pdbx_database_status.status_code_nmr_data            ? 
_pdbx_database_status.methods_development_category    ? 
_pdbx_database_status.pdb_format_compatible           Y 
# 
_pdbx_contact_author.id                 2 
_pdbx_contact_author.email              alke.meents@desy.de 
_pdbx_contact_author.name_first         Alke 
_pdbx_contact_author.name_last          Meents 
_pdbx_contact_author.name_mi            ? 
_pdbx_contact_author.role               'principal investigator/group leader' 
_pdbx_contact_author.identifier_ORCID   0000-0001-6078-4095 
# 
loop_
_audit_author.name 
_audit_author.pdbx_ordinal 
_audit_author.identifier_ORCID 
'Falke, S.'   1 0000-0003-3409-1791 
'Lewe, P.'    2 ?                   
'Witt, S.'    3 0000-0001-9102-1517 
'Wrenger, C.' 4 0000-0001-5987-1749 
'Meents, A.'  5 0000-0001-6078-4095 
# 
_citation.abstract                  ? 
_citation.abstract_id_CAS           ? 
_citation.book_id_ISBN              ? 
_citation.book_publisher            ? 
_citation.book_publisher_city       ? 
_citation.book_title                ? 
_citation.coordinate_linkage        ? 
_citation.country                   ? 
_citation.database_id_Medline       ? 
_citation.details                   ? 
_citation.id                        primary 
_citation.journal_abbrev            'To Be Published' 
_citation.journal_id_ASTM           ? 
_citation.journal_id_CSD            0353 
_citation.journal_id_ISSN           ? 
_citation.journal_full              ? 
_citation.journal_issue             ? 
_citation.journal_volume            ? 
_citation.language                  ? 
_citation.page_first                ? 
_citation.page_last                 ? 
_citation.title                     'PB2 cap-binding domain of human pathogenic influenza A virus H5N1 in complex with m7GTP' 
_citation.year                      ? 
_citation.database_id_CSD           ? 
_citation.pdbx_database_id_DOI      ? 
_citation.pdbx_database_id_PubMed   ? 
_citation.pdbx_database_id_patent   ? 
_citation.unpublished_flag          ? 
# 
loop_
_citation_author.citation_id 
_citation_author.name 
_citation_author.ordinal 
_citation_author.identifier_ORCID 
primary 'Falke, S.'   1 0000-0003-3409-1791 
primary 'Lewe, P.'    2 ?                   
primary 'Witt, S.'    3 0000-0001-9102-1517 
primary 'Wrenger, C.' 4 0000-0001-5987-1749 
primary 'Meents, A.'  5 0000-0001-6078-4095 
# 
loop_
_entity.id 
_entity.type 
_entity.src_method 
_entity.pdbx_description 
_entity.formula_weight 
_entity.pdbx_number_of_molecules 
_entity.pdbx_ec 
_entity.pdbx_mutation 
_entity.pdbx_fragment 
_entity.details 
1 polymer     man 'Polymerase basic protein 2'                 21374.643 1  ? ? ? ? 
2 non-polymer syn "7N-METHYL-8-HYDROGUANOSINE-5'-TRIPHOSPHATE" 539.223   1  ? ? ? ? 
3 water       nat water                                        18.015    71 ? ? ? ? 
# 
_entity_name_com.entity_id   1 
_entity_name_com.name        'RNA-directed RNA polymerase subunit P3' 
# 
_entity_poly.entity_id                      1 
_entity_poly.type                           'polypeptide(L)' 
_entity_poly.nstd_linkage                   no 
_entity_poly.nstd_monomer                   no 
_entity_poly.pdbx_seq_one_letter_code       
;MGSSHHHHHHSSGENLYFQGHMRISSSFSFGGFTFKRTSGSSVKKEEEVLTGNLQTLKIRVHEGYEEFTMVGRRATAILR
KATRRLIQLIVSGRDEQSIAEAIIVAMVFSQEDCMIKAVRGDLNFVNRANQRLNPMHQLLRHFQKDAKVLFQNWGIEPID
NVMGMIGILPDMTPSTEMSLRGVRVSKM
;
_entity_poly.pdbx_seq_one_letter_code_can   
;MGSSHHHHHHSSGENLYFQGHMRISSSFSFGGFTFKRTSGSSVKKEEEVLTGNLQTLKIRVHEGYEEFTMVGRRATAILR
KATRRLIQLIVSGRDEQSIAEAIIVAMVFSQEDCMIKAVRGDLNFVNRANQRLNPMHQLLRHFQKDAKVLFQNWGIEPID
NVMGMIGILPDMTPSTEMSLRGVRVSKM
;
_entity_poly.pdbx_strand_id                 A 
_entity_poly.pdbx_target_identifier         ? 
# 
loop_
_pdbx_entity_nonpoly.entity_id 
_pdbx_entity_nonpoly.name 
_pdbx_entity_nonpoly.comp_id 
2 "7N-METHYL-8-HYDROGUANOSINE-5'-TRIPHOSPHATE" MGT 
3 water                                        HOH 
# 
loop_
_entity_poly_seq.entity_id 
_entity_poly_seq.num 
_entity_poly_seq.mon_id 
_entity_poly_seq.hetero 
1 1   MET n 
1 2   GLY n 
1 3   SER n 
1 4   SER n 
1 5   HIS n 
1 6   HIS n 
1 7   HIS n 
1 8   HIS n 
1 9   HIS n 
1 10  HIS n 
1 11  SER n 
1 12  SER n 
1 13  GLY n 
1 14  GLU n 
1 15  ASN n 
1 16  LEU n 
1 17  TYR n 
1 18  PHE n 
1 19  GLN n 
1 20  GLY n 
1 21  HIS n 
1 22  MET n 
1 23  ARG n 
1 24  ILE n 
1 25  SER n 
1 26  SER n 
1 27  SER n 
1 28  PHE n 
1 29  SER n 
1 30  PHE n 
1 31  GLY n 
1 32  GLY n 
1 33  PHE n 
1 34  THR n 
1 35  PHE n 
1 36  LYS n 
1 37  ARG n 
1 38  THR n 
1 39  SER n 
1 40  GLY n 
1 41  SER n 
1 42  SER n 
1 43  VAL n 
1 44  LYS n 
1 45  LYS n 
1 46  GLU n 
1 47  GLU n 
1 48  GLU n 
1 49  VAL n 
1 50  LEU n 
1 51  THR n 
1 52  GLY n 
1 53  ASN n 
1 54  LEU n 
1 55  GLN n 
1 56  THR n 
1 57  LEU n 
1 58  LYS n 
1 59  ILE n 
1 60  ARG n 
1 61  VAL n 
1 62  HIS n 
1 63  GLU n 
1 64  GLY n 
1 65  TYR n 
1 66  GLU n 
1 67  GLU n 
1 68  PHE n 
1 69  THR n 
1 70  MET n 
1 71  VAL n 
1 72  GLY n 
1 73  ARG n 
1 74  ARG n 
1 75  ALA n 
1 76  THR n 
1 77  ALA n 
1 78  ILE n 
1 79  LEU n 
1 80  ARG n 
1 81  LYS n 
1 82  ALA n 
1 83  THR n 
1 84  ARG n 
1 85  ARG n 
1 86  LEU n 
1 87  ILE n 
1 88  GLN n 
1 89  LEU n 
1 90  ILE n 
1 91  VAL n 
1 92  SER n 
1 93  GLY n 
1 94  ARG n 
1 95  ASP n 
1 96  GLU n 
1 97  GLN n 
1 98  SER n 
1 99  ILE n 
1 100 ALA n 
1 101 GLU n 
1 102 ALA n 
1 103 ILE n 
1 104 ILE n 
1 105 VAL n 
1 106 ALA n 
1 107 MET n 
1 108 VAL n 
1 109 PHE n 
1 110 SER n 
1 111 GLN n 
1 112 GLU n 
1 113 ASP n 
1 114 CYS n 
1 115 MET n 
1 116 ILE n 
1 117 LYS n 
1 118 ALA n 
1 119 VAL n 
1 120 ARG n 
1 121 GLY n 
1 122 ASP n 
1 123 LEU n 
1 124 ASN n 
1 125 PHE n 
1 126 VAL n 
1 127 ASN n 
1 128 ARG n 
1 129 ALA n 
1 130 ASN n 
1 131 GLN n 
1 132 ARG n 
1 133 LEU n 
1 134 ASN n 
1 135 PRO n 
1 136 MET n 
1 137 HIS n 
1 138 GLN n 
1 139 LEU n 
1 140 LEU n 
1 141 ARG n 
1 142 HIS n 
1 143 PHE n 
1 144 GLN n 
1 145 LYS n 
1 146 ASP n 
1 147 ALA n 
1 148 LYS n 
1 149 VAL n 
1 150 LEU n 
1 151 PHE n 
1 152 GLN n 
1 153 ASN n 
1 154 TRP n 
1 155 GLY n 
1 156 ILE n 
1 157 GLU n 
1 158 PRO n 
1 159 ILE n 
1 160 ASP n 
1 161 ASN n 
1 162 VAL n 
1 163 MET n 
1 164 GLY n 
1 165 MET n 
1 166 ILE n 
1 167 GLY n 
1 168 ILE n 
1 169 LEU n 
1 170 PRO n 
1 171 ASP n 
1 172 MET n 
1 173 THR n 
1 174 PRO n 
1 175 SER n 
1 176 THR n 
1 177 GLU n 
1 178 MET n 
1 179 SER n 
1 180 LEU n 
1 181 ARG n 
1 182 GLY n 
1 183 VAL n 
1 184 ARG n 
1 185 VAL n 
1 186 SER n 
1 187 LYS n 
1 188 MET n 
# 
_entity_src_gen.entity_id                          1 
_entity_src_gen.pdbx_src_id                        1 
_entity_src_gen.pdbx_alt_source_flag               sample 
_entity_src_gen.pdbx_seq_type                      'Biological sequence' 
_entity_src_gen.pdbx_beg_seq_num                   1 
_entity_src_gen.pdbx_end_seq_num                   188 
_entity_src_gen.gene_src_common_name               ? 
_entity_src_gen.gene_src_genus                     ? 
_entity_src_gen.pdbx_gene_src_gene                 PB2 
_entity_src_gen.gene_src_species                   ? 
_entity_src_gen.gene_src_strain                    ? 
_entity_src_gen.gene_src_tissue                    ? 
_entity_src_gen.gene_src_tissue_fraction           ? 
_entity_src_gen.gene_src_details                   ? 
_entity_src_gen.pdbx_gene_src_fragment             ? 
_entity_src_gen.pdbx_gene_src_scientific_name      'Influenza A virus' 
_entity_src_gen.pdbx_gene_src_ncbi_taxonomy_id     11320 
_entity_src_gen.pdbx_gene_src_variant              ? 
_entity_src_gen.pdbx_gene_src_cell_line            ? 
_entity_src_gen.pdbx_gene_src_atcc                 ? 
_entity_src_gen.pdbx_gene_src_organ                ? 
_entity_src_gen.pdbx_gene_src_organelle            ? 
_entity_src_gen.pdbx_gene_src_cell                 ? 
_entity_src_gen.pdbx_gene_src_cellular_location    ? 
_entity_src_gen.host_org_common_name               ? 
_entity_src_gen.pdbx_host_org_scientific_name      'Escherichia coli BL21(DE3)' 
_entity_src_gen.pdbx_host_org_ncbi_taxonomy_id     469008 
_entity_src_gen.host_org_genus                     ? 
_entity_src_gen.pdbx_host_org_gene                 ? 
_entity_src_gen.pdbx_host_org_organ                ? 
_entity_src_gen.host_org_species                   ? 
_entity_src_gen.pdbx_host_org_tissue               ? 
_entity_src_gen.pdbx_host_org_tissue_fraction      ? 
_entity_src_gen.pdbx_host_org_strain               ? 
_entity_src_gen.pdbx_host_org_variant              ? 
_entity_src_gen.pdbx_host_org_cell_line            ? 
_entity_src_gen.pdbx_host_org_atcc                 ? 
_entity_src_gen.pdbx_host_org_culture_collection   ? 
_entity_src_gen.pdbx_host_org_cell                 ? 
_entity_src_gen.pdbx_host_org_organelle            ? 
_entity_src_gen.pdbx_host_org_cellular_location    ? 
_entity_src_gen.pdbx_host_org_vector_type          ? 
_entity_src_gen.pdbx_host_org_vector               ? 
_entity_src_gen.host_org_details                   ? 
_entity_src_gen.expression_system_id               ? 
_entity_src_gen.plasmid_name                       ? 
_entity_src_gen.plasmid_details                    ? 
_entity_src_gen.pdbx_description                   ? 
# 
loop_
_chem_comp.id 
_chem_comp.type 
_chem_comp.mon_nstd_flag 
_chem_comp.name 
_chem_comp.pdbx_synonyms 
_chem_comp.formula 
_chem_comp.formula_weight 
ALA 'L-peptide linking' y ALANINE                                      ? 'C3 H7 N O2'        89.093  
ARG 'L-peptide linking' y ARGININE                                     ? 'C6 H15 N4 O2 1'    175.209 
ASN 'L-peptide linking' y ASPARAGINE                                   ? 'C4 H8 N2 O3'       132.118 
ASP 'L-peptide linking' y 'ASPARTIC ACID'                              ? 'C4 H7 N O4'        133.103 
CYS 'L-peptide linking' y CYSTEINE                                     ? 'C3 H7 N O2 S'      121.158 
GLN 'L-peptide linking' y GLUTAMINE                                    ? 'C5 H10 N2 O3'      146.144 
GLU 'L-peptide linking' y 'GLUTAMIC ACID'                              ? 'C5 H9 N O4'        147.129 
GLY 'peptide linking'   y GLYCINE                                      ? 'C2 H5 N O2'        75.067  
HIS 'L-peptide linking' y HISTIDINE                                    ? 'C6 H10 N3 O2 1'    156.162 
HOH non-polymer         . WATER                                        ? 'H2 O'              18.015  
ILE 'L-peptide linking' y ISOLEUCINE                                   ? 'C6 H13 N O2'       131.173 
LEU 'L-peptide linking' y LEUCINE                                      ? 'C6 H13 N O2'       131.173 
LYS 'L-peptide linking' y LYSINE                                       ? 'C6 H15 N2 O2 1'    147.195 
MET 'L-peptide linking' y METHIONINE                                   ? 'C5 H11 N O2 S'     149.211 
MGT non-polymer         n "7N-METHYL-8-HYDROGUANOSINE-5'-TRIPHOSPHATE" ? 'C11 H20 N5 O14 P3' 539.223 
PHE 'L-peptide linking' y PHENYLALANINE                                ? 'C9 H11 N O2'       165.189 
PRO 'L-peptide linking' y PROLINE                                      ? 'C5 H9 N O2'        115.130 
SER 'L-peptide linking' y SERINE                                       ? 'C3 H7 N O3'        105.093 
THR 'L-peptide linking' y THREONINE                                    ? 'C4 H9 N O3'        119.119 
TRP 'L-peptide linking' y TRYPTOPHAN                                   ? 'C11 H12 N2 O2'     204.225 
TYR 'L-peptide linking' y TYROSINE                                     ? 'C9 H11 N O3'       181.189 
VAL 'L-peptide linking' y VALINE                                       ? 'C5 H11 N O2'       117.146 
# 
loop_
_pdbx_poly_seq_scheme.asym_id 
_pdbx_poly_seq_scheme.entity_id 
_pdbx_poly_seq_scheme.seq_id 
_pdbx_poly_seq_scheme.mon_id 
_pdbx_poly_seq_scheme.ndb_seq_num 
_pdbx_poly_seq_scheme.pdb_seq_num 
_pdbx_poly_seq_scheme.auth_seq_num 
_pdbx_poly_seq_scheme.pdb_mon_id 
_pdbx_poly_seq_scheme.auth_mon_id 
_pdbx_poly_seq_scheme.pdb_strand_id 
_pdbx_poly_seq_scheme.pdb_ins_code 
_pdbx_poly_seq_scheme.hetero 
A 1 1   MET 1   296 ?   ?   ?   A . n 
A 1 2   GLY 2   297 ?   ?   ?   A . n 
A 1 3   SER 3   298 ?   ?   ?   A . n 
A 1 4   SER 4   299 ?   ?   ?   A . n 
A 1 5   HIS 5   300 ?   ?   ?   A . n 
A 1 6   HIS 6   301 ?   ?   ?   A . n 
A 1 7   HIS 7   302 ?   ?   ?   A . n 
A 1 8   HIS 8   303 ?   ?   ?   A . n 
A 1 9   HIS 9   304 ?   ?   ?   A . n 
A 1 10  HIS 10  305 ?   ?   ?   A . n 
A 1 11  SER 11  306 ?   ?   ?   A . n 
A 1 12  SER 12  307 ?   ?   ?   A . n 
A 1 13  GLY 13  308 ?   ?   ?   A . n 
A 1 14  GLU 14  309 ?   ?   ?   A . n 
A 1 15  ASN 15  310 ?   ?   ?   A . n 
A 1 16  LEU 16  311 ?   ?   ?   A . n 
A 1 17  TYR 17  312 ?   ?   ?   A . n 
A 1 18  PHE 18  313 ?   ?   ?   A . n 
A 1 19  GLN 19  314 ?   ?   ?   A . n 
A 1 20  GLY 20  315 ?   ?   ?   A . n 
A 1 21  HIS 21  316 ?   ?   ?   A . n 
A 1 22  MET 22  317 ?   ?   ?   A . n 
A 1 23  ARG 23  318 ?   ?   ?   A . n 
A 1 24  ILE 24  319 ?   ?   ?   A . n 
A 1 25  SER 25  320 ?   ?   ?   A . n 
A 1 26  SER 26  321 321 SER SER A . n 
A 1 27  SER 27  322 322 SER SER A . n 
A 1 28  PHE 28  323 323 PHE PHE A . n 
A 1 29  SER 29  324 324 SER SER A . n 
A 1 30  PHE 30  325 325 PHE PHE A . n 
A 1 31  GLY 31  326 326 GLY GLY A . n 
A 1 32  GLY 32  327 327 GLY GLY A . n 
A 1 33  PHE 33  328 328 PHE PHE A . n 
A 1 34  THR 34  329 329 THR THR A . n 
A 1 35  PHE 35  330 330 PHE PHE A . n 
A 1 36  LYS 36  331 331 LYS LYS A . n 
A 1 37  ARG 37  332 332 ARG ARG A . n 
A 1 38  THR 38  333 333 THR THR A . n 
A 1 39  SER 39  334 334 SER SER A . n 
A 1 40  GLY 40  335 335 GLY GLY A . n 
A 1 41  SER 41  336 336 SER SER A . n 
A 1 42  SER 42  337 337 SER SER A . n 
A 1 43  VAL 43  338 338 VAL VAL A . n 
A 1 44  LYS 44  339 339 LYS LYS A . n 
A 1 45  LYS 45  340 340 LYS LYS A . n 
A 1 46  GLU 46  341 341 GLU GLU A . n 
A 1 47  GLU 47  342 342 GLU GLU A . n 
A 1 48  GLU 48  343 343 GLU GLU A . n 
A 1 49  VAL 49  344 344 VAL VAL A . n 
A 1 50  LEU 50  345 345 LEU LEU A . n 
A 1 51  THR 51  346 346 THR THR A . n 
A 1 52  GLY 52  347 347 GLY GLY A . n 
A 1 53  ASN 53  348 348 ASN ASN A . n 
A 1 54  LEU 54  349 349 LEU LEU A . n 
A 1 55  GLN 55  350 350 GLN GLN A . n 
A 1 56  THR 56  351 351 THR THR A . n 
A 1 57  LEU 57  352 352 LEU LEU A . n 
A 1 58  LYS 58  353 353 LYS LYS A . n 
A 1 59  ILE 59  354 354 ILE ILE A . n 
A 1 60  ARG 60  355 355 ARG ARG A . n 
A 1 61  VAL 61  356 356 VAL VAL A . n 
A 1 62  HIS 62  357 357 HIS HIS A . n 
A 1 63  GLU 63  358 358 GLU GLU A . n 
A 1 64  GLY 64  359 359 GLY GLY A . n 
A 1 65  TYR 65  360 360 TYR TYR A . n 
A 1 66  GLU 66  361 361 GLU GLU A . n 
A 1 67  GLU 67  362 362 GLU GLU A . n 
A 1 68  PHE 68  363 363 PHE PHE A . n 
A 1 69  THR 69  364 364 THR THR A . n 
A 1 70  MET 70  365 365 MET MET A . n 
A 1 71  VAL 71  366 366 VAL VAL A . n 
A 1 72  GLY 72  367 367 GLY GLY A . n 
A 1 73  ARG 73  368 368 ARG ARG A . n 
A 1 74  ARG 74  369 369 ARG ARG A . n 
A 1 75  ALA 75  370 370 ALA ALA A . n 
A 1 76  THR 76  371 371 THR THR A . n 
A 1 77  ALA 77  372 372 ALA ALA A . n 
A 1 78  ILE 78  373 373 ILE ILE A . n 
A 1 79  LEU 79  374 374 LEU LEU A . n 
A 1 80  ARG 80  375 375 ARG ARG A . n 
A 1 81  LYS 81  376 376 LYS LYS A . n 
A 1 82  ALA 82  377 377 ALA ALA A . n 
A 1 83  THR 83  378 378 THR THR A . n 
A 1 84  ARG 84  379 379 ARG ARG A . n 
A 1 85  ARG 85  380 380 ARG ARG A . n 
A 1 86  LEU 86  381 381 LEU LEU A . n 
A 1 87  ILE 87  382 382 ILE ILE A . n 
A 1 88  GLN 88  383 383 GLN GLN A . n 
A 1 89  LEU 89  384 384 LEU LEU A . n 
A 1 90  ILE 90  385 385 ILE ILE A . n 
A 1 91  VAL 91  386 386 VAL VAL A . n 
A 1 92  SER 92  387 387 SER SER A . n 
A 1 93  GLY 93  388 388 GLY GLY A . n 
A 1 94  ARG 94  389 389 ARG ARG A . n 
A 1 95  ASP 95  390 390 ASP ASP A . n 
A 1 96  GLU 96  391 391 GLU GLU A . n 
A 1 97  GLN 97  392 392 GLN GLN A . n 
A 1 98  SER 98  393 393 SER SER A . n 
A 1 99  ILE 99  394 394 ILE ILE A . n 
A 1 100 ALA 100 395 395 ALA ALA A . n 
A 1 101 GLU 101 396 396 GLU GLU A . n 
A 1 102 ALA 102 397 397 ALA ALA A . n 
A 1 103 ILE 103 398 398 ILE ILE A . n 
A 1 104 ILE 104 399 399 ILE ILE A . n 
A 1 105 VAL 105 400 400 VAL VAL A . n 
A 1 106 ALA 106 401 401 ALA ALA A . n 
A 1 107 MET 107 402 402 MET MET A . n 
A 1 108 VAL 108 403 403 VAL VAL A . n 
A 1 109 PHE 109 404 404 PHE PHE A . n 
A 1 110 SER 110 405 405 SER SER A . n 
A 1 111 GLN 111 406 406 GLN GLN A . n 
A 1 112 GLU 112 407 407 GLU GLU A . n 
A 1 113 ASP 113 408 408 ASP ASP A . n 
A 1 114 CYS 114 409 409 CYS CYS A . n 
A 1 115 MET 115 410 410 MET MET A . n 
A 1 116 ILE 116 411 411 ILE ILE A . n 
A 1 117 LYS 117 412 412 LYS LYS A . n 
A 1 118 ALA 118 413 413 ALA ALA A . n 
A 1 119 VAL 119 414 414 VAL VAL A . n 
A 1 120 ARG 120 415 415 ARG ARG A . n 
A 1 121 GLY 121 416 416 GLY GLY A . n 
A 1 122 ASP 122 417 417 ASP ASP A . n 
A 1 123 LEU 123 418 418 LEU LEU A . n 
A 1 124 ASN 124 419 419 ASN ASN A . n 
A 1 125 PHE 125 420 420 PHE PHE A . n 
A 1 126 VAL 126 421 421 VAL VAL A . n 
A 1 127 ASN 127 422 422 ASN ASN A . n 
A 1 128 ARG 128 423 423 ARG ARG A . n 
A 1 129 ALA 129 424 424 ALA ALA A . n 
A 1 130 ASN 130 425 425 ASN ASN A . n 
A 1 131 GLN 131 426 426 GLN GLN A . n 
A 1 132 ARG 132 427 427 ARG ARG A . n 
A 1 133 LEU 133 428 428 LEU LEU A . n 
A 1 134 ASN 134 429 429 ASN ASN A . n 
A 1 135 PRO 135 430 430 PRO PRO A . n 
A 1 136 MET 136 431 431 MET MET A . n 
A 1 137 HIS 137 432 432 HIS HIS A . n 
A 1 138 GLN 138 433 433 GLN GLN A . n 
A 1 139 LEU 139 434 434 LEU LEU A . n 
A 1 140 LEU 140 435 435 LEU LEU A . n 
A 1 141 ARG 141 436 436 ARG ARG A . n 
A 1 142 HIS 142 437 437 HIS HIS A . n 
A 1 143 PHE 143 438 438 PHE PHE A . n 
A 1 144 GLN 144 439 439 GLN GLN A . n 
A 1 145 LYS 145 440 440 LYS LYS A . n 
A 1 146 ASP 146 441 441 ASP ASP A . n 
A 1 147 ALA 147 442 442 ALA ALA A . n 
A 1 148 LYS 148 443 443 LYS LYS A . n 
A 1 149 VAL 149 444 444 VAL VAL A . n 
A 1 150 LEU 150 445 445 LEU LEU A . n 
A 1 151 PHE 151 446 446 PHE PHE A . n 
A 1 152 GLN 152 447 447 GLN GLN A . n 
A 1 153 ASN 153 448 448 ASN ASN A . n 
A 1 154 TRP 154 449 449 TRP TRP A . n 
A 1 155 GLY 155 450 450 GLY GLY A . n 
A 1 156 ILE 156 451 451 ILE ILE A . n 
A 1 157 GLU 157 452 452 GLU GLU A . n 
A 1 158 PRO 158 453 453 PRO PRO A . n 
A 1 159 ILE 159 454 454 ILE ILE A . n 
A 1 160 ASP 160 455 455 ASP ASP A . n 
A 1 161 ASN 161 456 456 ASN ASN A . n 
A 1 162 VAL 162 457 457 VAL VAL A . n 
A 1 163 MET 163 458 458 MET MET A . n 
A 1 164 GLY 164 459 459 GLY GLY A . n 
A 1 165 MET 165 460 460 MET MET A . n 
A 1 166 ILE 166 461 461 ILE ILE A . n 
A 1 167 GLY 167 462 462 GLY GLY A . n 
A 1 168 ILE 168 463 463 ILE ILE A . n 
A 1 169 LEU 169 464 464 LEU LEU A . n 
A 1 170 PRO 170 465 465 PRO PRO A . n 
A 1 171 ASP 171 466 466 ASP ASP A . n 
A 1 172 MET 172 467 467 MET MET A . n 
A 1 173 THR 173 468 468 THR THR A . n 
A 1 174 PRO 174 469 469 PRO PRO A . n 
A 1 175 SER 175 470 470 SER SER A . n 
A 1 176 THR 176 471 471 THR THR A . n 
A 1 177 GLU 177 472 472 GLU GLU A . n 
A 1 178 MET 178 473 473 MET MET A . n 
A 1 179 SER 179 474 474 SER SER A . n 
A 1 180 LEU 180 475 475 LEU LEU A . n 
A 1 181 ARG 181 476 476 ARG ARG A . n 
A 1 182 GLY 182 477 477 GLY GLY A . n 
A 1 183 VAL 183 478 478 VAL VAL A . n 
A 1 184 ARG 184 479 479 ARG ARG A . n 
A 1 185 VAL 185 480 480 VAL VAL A . n 
A 1 186 SER 186 481 481 SER SER A . n 
A 1 187 LYS 187 482 482 LYS LYS A . n 
A 1 188 MET 188 483 483 MET MET A . n 
# 
_pdbx_entity_instance_feature.ordinal        1 
_pdbx_entity_instance_feature.comp_id        MGT 
_pdbx_entity_instance_feature.asym_id        ? 
_pdbx_entity_instance_feature.seq_num        ? 
_pdbx_entity_instance_feature.auth_comp_id   MGT 
_pdbx_entity_instance_feature.auth_asym_id   ? 
_pdbx_entity_instance_feature.auth_seq_num   ? 
_pdbx_entity_instance_feature.feature_type   'SUBJECT OF INVESTIGATION' 
_pdbx_entity_instance_feature.details        ? 
# 
loop_
_pdbx_nonpoly_scheme.asym_id 
_pdbx_nonpoly_scheme.entity_id 
_pdbx_nonpoly_scheme.mon_id 
_pdbx_nonpoly_scheme.ndb_seq_num 
_pdbx_nonpoly_scheme.pdb_seq_num 
_pdbx_nonpoly_scheme.auth_seq_num 
_pdbx_nonpoly_scheme.pdb_mon_id 
_pdbx_nonpoly_scheme.auth_mon_id 
_pdbx_nonpoly_scheme.pdb_strand_id 
_pdbx_nonpoly_scheme.pdb_ins_code 
B 2 MGT 1  501 501 MGT MGT A . 
C 3 HOH 1  601 60  HOH HOH A . 
C 3 HOH 2  602 75  HOH HOH A . 
C 3 HOH 3  603 32  HOH HOH A . 
C 3 HOH 4  604 26  HOH HOH A . 
C 3 HOH 5  605 6   HOH HOH A . 
C 3 HOH 6  606 45  HOH HOH A . 
C 3 HOH 7  607 70  HOH HOH A . 
C 3 HOH 8  608 42  HOH HOH A . 
C 3 HOH 9  609 23  HOH HOH A . 
C 3 HOH 10 610 37  HOH HOH A . 
C 3 HOH 11 611 7   HOH HOH A . 
C 3 HOH 12 612 55  HOH HOH A . 
C 3 HOH 13 613 51  HOH HOH A . 
C 3 HOH 14 614 5   HOH HOH A . 
C 3 HOH 15 615 86  HOH HOH A . 
C 3 HOH 16 616 40  HOH HOH A . 
C 3 HOH 17 617 22  HOH HOH A . 
C 3 HOH 18 618 21  HOH HOH A . 
C 3 HOH 19 619 54  HOH HOH A . 
C 3 HOH 20 620 44  HOH HOH A . 
C 3 HOH 21 621 36  HOH HOH A . 
C 3 HOH 22 622 61  HOH HOH A . 
C 3 HOH 23 623 14  HOH HOH A . 
C 3 HOH 24 624 77  HOH HOH A . 
C 3 HOH 25 625 48  HOH HOH A . 
C 3 HOH 26 626 57  HOH HOH A . 
C 3 HOH 27 627 46  HOH HOH A . 
C 3 HOH 28 628 28  HOH HOH A . 
C 3 HOH 29 629 41  HOH HOH A . 
C 3 HOH 30 630 24  HOH HOH A . 
C 3 HOH 31 631 43  HOH HOH A . 
C 3 HOH 32 632 56  HOH HOH A . 
C 3 HOH 33 633 58  HOH HOH A . 
C 3 HOH 34 634 47  HOH HOH A . 
C 3 HOH 35 635 1   HOH HOH A . 
C 3 HOH 36 636 17  HOH HOH A . 
C 3 HOH 37 637 76  HOH HOH A . 
C 3 HOH 38 638 30  HOH HOH A . 
C 3 HOH 39 639 72  HOH HOH A . 
C 3 HOH 40 640 59  HOH HOH A . 
C 3 HOH 41 641 9   HOH HOH A . 
C 3 HOH 42 642 68  HOH HOH A . 
C 3 HOH 43 643 62  HOH HOH A . 
C 3 HOH 44 644 67  HOH HOH A . 
C 3 HOH 45 645 35  HOH HOH A . 
C 3 HOH 46 646 20  HOH HOH A . 
C 3 HOH 47 647 81  HOH HOH A . 
C 3 HOH 48 648 65  HOH HOH A . 
C 3 HOH 49 649 15  HOH HOH A . 
C 3 HOH 50 650 3   HOH HOH A . 
C 3 HOH 51 651 80  HOH HOH A . 
C 3 HOH 52 652 74  HOH HOH A . 
C 3 HOH 53 653 10  HOH HOH A . 
C 3 HOH 54 654 33  HOH HOH A . 
C 3 HOH 55 655 50  HOH HOH A . 
C 3 HOH 56 656 71  HOH HOH A . 
C 3 HOH 57 657 83  HOH HOH A . 
C 3 HOH 58 658 49  HOH HOH A . 
C 3 HOH 59 659 19  HOH HOH A . 
C 3 HOH 60 660 2   HOH HOH A . 
C 3 HOH 61 661 13  HOH HOH A . 
C 3 HOH 62 662 63  HOH HOH A . 
C 3 HOH 63 663 4   HOH HOH A . 
C 3 HOH 64 664 29  HOH HOH A . 
C 3 HOH 65 665 79  HOH HOH A . 
C 3 HOH 66 666 53  HOH HOH A . 
C 3 HOH 67 667 82  HOH HOH A . 
C 3 HOH 68 668 85  HOH HOH A . 
C 3 HOH 69 669 38  HOH HOH A . 
C 3 HOH 70 670 39  HOH HOH A . 
C 3 HOH 71 671 84  HOH HOH A . 
# 
loop_
_software.citation_id 
_software.classification 
_software.compiler_name 
_software.compiler_version 
_software.contact_author 
_software.contact_author_email 
_software.date 
_software.description 
_software.dependencies 
_software.hardware 
_software.language 
_software.location 
_software.mods 
_software.name 
_software.os 
_software.os_version 
_software.type 
_software.version 
_software.pdbx_ordinal 
? refinement       ? ? ? ? ? ? ? ? ? ? ? PHENIX ? ? ? 1.21.2-5419_9999 1 
? 'data reduction' ? ? ? ? ? ? ? ? ? ? ? XDS    ? ? ? .                2 
? phasing          ? ? ? ? ? ? ? ? ? ? ? PHENIX ? ? ? 1.21.2-5419_9999 3 
? 'data scaling'   ? ? ? ? ? ? ? ? ? ? ? XSCALE ? ? ? .                4 
# 
_cell.angle_alpha                  90.000 
_cell.angle_alpha_esd              ? 
_cell.angle_beta                   90.000 
_cell.angle_beta_esd               ? 
_cell.angle_gamma                  120.000 
_cell.angle_gamma_esd              ? 
_cell.entry_id                     9I2O 
_cell.details                      ? 
_cell.formula_units_Z              ? 
_cell.length_a                     81.750 
_cell.length_a_esd                 ? 
_cell.length_b                     81.750 
_cell.length_b_esd                 ? 
_cell.length_c                     55.009 
_cell.length_c_esd                 ? 
_cell.volume                       318375.694 
_cell.volume_esd                   ? 
_cell.Z_PDB                        6 
_cell.reciprocal_angle_alpha       ? 
_cell.reciprocal_angle_beta        ? 
_cell.reciprocal_angle_gamma       ? 
_cell.reciprocal_angle_alpha_esd   ? 
_cell.reciprocal_angle_beta_esd    ? 
_cell.reciprocal_angle_gamma_esd   ? 
_cell.reciprocal_length_a          ? 
_cell.reciprocal_length_b          ? 
_cell.reciprocal_length_c          ? 
_cell.reciprocal_length_a_esd      ? 
_cell.reciprocal_length_b_esd      ? 
_cell.reciprocal_length_c_esd      ? 
_cell.pdbx_unique_axis             ? 
_cell.pdbx_esd_method              ? 
# 
_symmetry.entry_id                         9I2O 
_symmetry.cell_setting                     ? 
_symmetry.Int_Tables_number                170 
_symmetry.space_group_name_Hall            'P 65' 
_symmetry.space_group_name_H-M             'P 65' 
_symmetry.pdbx_full_space_group_name_H-M   ? 
# 
_exptl.absorpt_coefficient_mu     ? 
_exptl.absorpt_correction_T_max   ? 
_exptl.absorpt_correction_T_min   ? 
_exptl.absorpt_correction_type    ? 
_exptl.absorpt_process_details    ? 
_exptl.entry_id                   9I2O 
_exptl.crystals_number            1 
_exptl.details                    ? 
_exptl.method                     'X-RAY DIFFRACTION' 
_exptl.method_details             ? 
# 
_exptl_crystal.colour                       ? 
_exptl_crystal.density_diffrn               ? 
_exptl_crystal.density_Matthews             2.48 
_exptl_crystal.density_method               ? 
_exptl_crystal.density_percent_sol          50.45 
_exptl_crystal.description                  ? 
_exptl_crystal.F_000                        ? 
_exptl_crystal.id                           1 
_exptl_crystal.preparation                  ? 
_exptl_crystal.size_max                     ? 
_exptl_crystal.size_mid                     ? 
_exptl_crystal.size_min                     ? 
_exptl_crystal.size_rad                     ? 
_exptl_crystal.colour_lustre                ? 
_exptl_crystal.colour_modifier              ? 
_exptl_crystal.colour_primary               ? 
_exptl_crystal.density_meas                 ? 
_exptl_crystal.density_meas_esd             ? 
_exptl_crystal.density_meas_gt              ? 
_exptl_crystal.density_meas_lt              ? 
_exptl_crystal.density_meas_temp            ? 
_exptl_crystal.density_meas_temp_esd        ? 
_exptl_crystal.density_meas_temp_gt         ? 
_exptl_crystal.density_meas_temp_lt         ? 
_exptl_crystal.pdbx_crystal_image_url       ? 
_exptl_crystal.pdbx_crystal_image_format    ? 
_exptl_crystal.pdbx_mosaicity               ? 
_exptl_crystal.pdbx_mosaicity_esd           ? 
_exptl_crystal.pdbx_mosaic_method           ? 
_exptl_crystal.pdbx_mosaic_block_size       ? 
_exptl_crystal.pdbx_mosaic_block_size_esd   ? 
# 
_exptl_crystal_grow.apparatus       ? 
_exptl_crystal_grow.atmosphere      ? 
_exptl_crystal_grow.crystal_id      1 
_exptl_crystal_grow.details         ? 
_exptl_crystal_grow.method          'VAPOR DIFFUSION' 
_exptl_crystal_grow.method_ref      ? 
_exptl_crystal_grow.pH              ? 
_exptl_crystal_grow.pressure        ? 
_exptl_crystal_grow.pressure_esd    ? 
_exptl_crystal_grow.seeding         ? 
_exptl_crystal_grow.seeding_ref     ? 
_exptl_crystal_grow.temp_details    ? 
_exptl_crystal_grow.temp_esd        ? 
_exptl_crystal_grow.time            ? 
_exptl_crystal_grow.pdbx_details    
;The PB2 cap-binding domain (8 mg/ml) in complex with m7GTP was mixed with crystallization solution (20% w/v PEG 6000, 1 M lithium chloride, 0.1 M tri-sodium citrate at pH 4.0) at a ratio of 3:2 and incubated in a sitting drop vapor diffusion plate.
;
_exptl_crystal_grow.pdbx_pH_range   ? 
_exptl_crystal_grow.temp            293 
# 
_diffrn.ambient_environment              ? 
_diffrn.ambient_temp                     100 
_diffrn.ambient_temp_details             ? 
_diffrn.ambient_temp_esd                 ? 
_diffrn.crystal_id                       1 
_diffrn.crystal_support                  ? 
_diffrn.crystal_treatment                ? 
_diffrn.details                          ? 
_diffrn.id                               1 
_diffrn.ambient_pressure                 ? 
_diffrn.ambient_pressure_esd             ? 
_diffrn.ambient_pressure_gt              ? 
_diffrn.ambient_pressure_lt              ? 
_diffrn.ambient_temp_gt                  ? 
_diffrn.ambient_temp_lt                  ? 
_diffrn.pdbx_serial_crystal_experiment   N 
# 
_diffrn_detector.details                      ? 
_diffrn_detector.detector                     PIXEL 
_diffrn_detector.diffrn_id                    1 
_diffrn_detector.type                         'DECTRIS EIGER2 X 16M' 
_diffrn_detector.area_resol_mean              ? 
_diffrn_detector.dtime                        ? 
_diffrn_detector.pdbx_frames_total            ? 
_diffrn_detector.pdbx_collection_time_total   ? 
_diffrn_detector.pdbx_collection_date         2024-08-04 
_diffrn_detector.pdbx_frequency               ? 
_diffrn_detector.id                           ? 
_diffrn_detector.number_of_axes               ? 
# 
_diffrn_radiation.collimation                      ? 
_diffrn_radiation.diffrn_id                        1 
_diffrn_radiation.filter_edge                      ? 
_diffrn_radiation.inhomogeneity                    ? 
_diffrn_radiation.monochromator                    ? 
_diffrn_radiation.polarisn_norm                    ? 
_diffrn_radiation.polarisn_ratio                   ? 
_diffrn_radiation.probe                            ? 
_diffrn_radiation.type                             ? 
_diffrn_radiation.xray_symbol                      ? 
_diffrn_radiation.wavelength_id                    1 
_diffrn_radiation.pdbx_monochromatic_or_laue_m_l   M 
_diffrn_radiation.pdbx_wavelength_list             ? 
_diffrn_radiation.pdbx_wavelength                  ? 
_diffrn_radiation.pdbx_diffrn_protocol             'SINGLE WAVELENGTH' 
_diffrn_radiation.pdbx_analyzer                    ? 
_diffrn_radiation.pdbx_scattering_type             x-ray 
# 
_diffrn_radiation_wavelength.id           1 
_diffrn_radiation_wavelength.wavelength   1.033270 
_diffrn_radiation_wavelength.wt           1.0 
# 
_diffrn_source.current                     ? 
_diffrn_source.details                     ? 
_diffrn_source.diffrn_id                   1 
_diffrn_source.power                       ? 
_diffrn_source.size                        ? 
_diffrn_source.source                      SYNCHROTRON 
_diffrn_source.target                      ? 
_diffrn_source.type                        'PETRA III, DESY BEAMLINE P11' 
_diffrn_source.voltage                     ? 
_diffrn_source.take-off_angle              ? 
_diffrn_source.pdbx_wavelength_list        1.033270 
_diffrn_source.pdbx_wavelength             ? 
_diffrn_source.pdbx_synchrotron_beamline   P11 
_diffrn_source.pdbx_synchrotron_site       'PETRA III, DESY' 
# 
_reflns.B_iso_Wilson_estimate                          29.70 
_reflns.entry_id                                       9I2O 
_reflns.data_reduction_details                         ? 
_reflns.data_reduction_method                          ? 
_reflns.d_resolution_high                              1.72 
_reflns.d_resolution_low                               43.44 
_reflns.details                                        ? 
_reflns.limit_h_max                                    ? 
_reflns.limit_h_min                                    ? 
_reflns.limit_k_max                                    ? 
_reflns.limit_k_min                                    ? 
_reflns.limit_l_max                                    ? 
_reflns.limit_l_min                                    ? 
_reflns.number_all                                     ? 
_reflns.number_obs                                     43754 
_reflns.observed_criterion                             ? 
_reflns.observed_criterion_F_max                       ? 
_reflns.observed_criterion_F_min                       ? 
_reflns.observed_criterion_I_max                       ? 
_reflns.observed_criterion_I_min                       ? 
_reflns.observed_criterion_sigma_F                     ? 
_reflns.observed_criterion_sigma_I                     ? 
_reflns.percent_possible_obs                           100 
_reflns.R_free_details                                 ? 
_reflns.Rmerge_F_all                                   ? 
_reflns.Rmerge_F_obs                                   ? 
_reflns.Friedel_coverage                               ? 
_reflns.number_gt                                      ? 
_reflns.threshold_expression                           ? 
_reflns.pdbx_redundancy                                10.4 
_reflns.pdbx_netI_over_av_sigmaI                       ? 
_reflns.pdbx_netI_over_sigmaI                          9.54 
_reflns.pdbx_res_netI_over_av_sigmaI_2                 ? 
_reflns.pdbx_res_netI_over_sigmaI_2                    ? 
_reflns.pdbx_chi_squared                               ? 
_reflns.pdbx_scaling_rejects                           ? 
_reflns.pdbx_d_res_high_opt                            ? 
_reflns.pdbx_d_res_low_opt                             ? 
_reflns.pdbx_d_res_opt_method                          ? 
_reflns.phase_calculation_details                      ? 
_reflns.pdbx_Rrim_I_all                                0.014 
_reflns.pdbx_Rpim_I_all                                ? 
_reflns.pdbx_d_opt                                     ? 
_reflns.pdbx_number_measured_all                       ? 
_reflns.pdbx_diffrn_id                                 1 
_reflns.pdbx_ordinal                                   1 
_reflns.pdbx_CC_half                                   0.999 
_reflns.pdbx_CC_star                                   ? 
_reflns.pdbx_R_split                                   ? 
_reflns.pdbx_Rmerge_I_obs                              ? 
_reflns.pdbx_Rmerge_I_all                              ? 
_reflns.pdbx_Rsym_value                                ? 
_reflns.pdbx_CC_split_method                           ? 
_reflns.pdbx_aniso_diffraction_limit_axis_1_ortho[1]   ? 
_reflns.pdbx_aniso_diffraction_limit_axis_1_ortho[2]   ? 
_reflns.pdbx_aniso_diffraction_limit_axis_1_ortho[3]   ? 
_reflns.pdbx_aniso_diffraction_limit_axis_2_ortho[1]   ? 
_reflns.pdbx_aniso_diffraction_limit_axis_2_ortho[2]   ? 
_reflns.pdbx_aniso_diffraction_limit_axis_2_ortho[3]   ? 
_reflns.pdbx_aniso_diffraction_limit_axis_3_ortho[1]   ? 
_reflns.pdbx_aniso_diffraction_limit_axis_3_ortho[2]   ? 
_reflns.pdbx_aniso_diffraction_limit_axis_3_ortho[3]   ? 
_reflns.pdbx_aniso_diffraction_limit_1                 ? 
_reflns.pdbx_aniso_diffraction_limit_2                 ? 
_reflns.pdbx_aniso_diffraction_limit_3                 ? 
_reflns.pdbx_aniso_B_tensor_eigenvector_1_ortho[1]     ? 
_reflns.pdbx_aniso_B_tensor_eigenvector_1_ortho[2]     ? 
_reflns.pdbx_aniso_B_tensor_eigenvector_1_ortho[3]     ? 
_reflns.pdbx_aniso_B_tensor_eigenvector_2_ortho[1]     ? 
_reflns.pdbx_aniso_B_tensor_eigenvector_2_ortho[2]     ? 
_reflns.pdbx_aniso_B_tensor_eigenvector_2_ortho[3]     ? 
_reflns.pdbx_aniso_B_tensor_eigenvector_3_ortho[1]     ? 
_reflns.pdbx_aniso_B_tensor_eigenvector_3_ortho[2]     ? 
_reflns.pdbx_aniso_B_tensor_eigenvector_3_ortho[3]     ? 
_reflns.pdbx_aniso_B_tensor_eigenvalue_1               ? 
_reflns.pdbx_aniso_B_tensor_eigenvalue_2               ? 
_reflns.pdbx_aniso_B_tensor_eigenvalue_3               ? 
_reflns.pdbx_orthogonalization_convention              ? 
_reflns.pdbx_percent_possible_ellipsoidal              ? 
_reflns.pdbx_percent_possible_spherical                ? 
_reflns.pdbx_percent_possible_ellipsoidal_anomalous    ? 
_reflns.pdbx_percent_possible_spherical_anomalous      ? 
_reflns.pdbx_redundancy_anomalous                      ? 
_reflns.pdbx_CC_half_anomalous                         ? 
_reflns.pdbx_absDiff_over_sigma_anomalous              ? 
_reflns.pdbx_percent_possible_anomalous                ? 
_reflns.pdbx_observed_signal_threshold                 ? 
_reflns.pdbx_signal_type                               ? 
_reflns.pdbx_signal_details                            ? 
_reflns.pdbx_signal_software_id                        ? 
# 
_reflns_shell.d_res_high                                    1.72 
_reflns_shell.d_res_low                                     1.82 
_reflns_shell.meanI_over_sigI_all                           ? 
_reflns_shell.meanI_over_sigI_obs                           ? 
_reflns_shell.number_measured_all                           ? 
_reflns_shell.number_measured_obs                           ? 
_reflns_shell.number_possible                               ? 
_reflns_shell.number_unique_all                             ? 
_reflns_shell.number_unique_obs                             3589 
_reflns_shell.percent_possible_obs                          ? 
_reflns_shell.Rmerge_F_all                                  ? 
_reflns_shell.Rmerge_F_obs                                  ? 
_reflns_shell.meanI_over_sigI_gt                            ? 
_reflns_shell.meanI_over_uI_all                             ? 
_reflns_shell.meanI_over_uI_gt                              ? 
_reflns_shell.number_measured_gt                            ? 
_reflns_shell.number_unique_gt                              ? 
_reflns_shell.percent_possible_gt                           ? 
_reflns_shell.Rmerge_F_gt                                   ? 
_reflns_shell.Rmerge_I_gt                                   ? 
_reflns_shell.pdbx_redundancy                               ? 
_reflns_shell.pdbx_chi_squared                              ? 
_reflns_shell.pdbx_netI_over_sigmaI_all                     ? 
_reflns_shell.pdbx_netI_over_sigmaI_obs                     ? 
_reflns_shell.pdbx_Rrim_I_all                               ? 
_reflns_shell.pdbx_Rpim_I_all                               ? 
_reflns_shell.pdbx_rejects                                  ? 
_reflns_shell.pdbx_ordinal                                  1 
_reflns_shell.pdbx_diffrn_id                                1 
_reflns_shell.pdbx_CC_half                                  0.618 
_reflns_shell.pdbx_CC_star                                  ? 
_reflns_shell.pdbx_R_split                                  ? 
_reflns_shell.percent_possible_all                          ? 
_reflns_shell.Rmerge_I_all                                  ? 
_reflns_shell.Rmerge_I_obs                                  ? 
_reflns_shell.pdbx_Rsym_value                               ? 
_reflns_shell.pdbx_percent_possible_ellipsoidal             ? 
_reflns_shell.pdbx_percent_possible_spherical               ? 
_reflns_shell.pdbx_percent_possible_ellipsoidal_anomalous   ? 
_reflns_shell.pdbx_percent_possible_spherical_anomalous     ? 
_reflns_shell.pdbx_redundancy_anomalous                     ? 
_reflns_shell.pdbx_CC_half_anomalous                        ? 
_reflns_shell.pdbx_absDiff_over_sigma_anomalous             ? 
_reflns_shell.pdbx_percent_possible_anomalous               ? 
# 
_refine.aniso_B[1][1]                            ? 
_refine.aniso_B[1][2]                            ? 
_refine.aniso_B[1][3]                            ? 
_refine.aniso_B[2][2]                            ? 
_refine.aniso_B[2][3]                            ? 
_refine.aniso_B[3][3]                            ? 
_refine.B_iso_max                                ? 
_refine.B_iso_mean                               36.79 
_refine.B_iso_min                                ? 
_refine.correlation_coeff_Fo_to_Fc               ? 
_refine.correlation_coeff_Fo_to_Fc_free          ? 
_refine.details                                  ? 
_refine.diff_density_max                         ? 
_refine.diff_density_max_esd                     ? 
_refine.diff_density_min                         ? 
_refine.diff_density_min_esd                     ? 
_refine.diff_density_rms                         ? 
_refine.diff_density_rms_esd                     ? 
_refine.entry_id                                 9I2O 
_refine.pdbx_refine_id                           'X-RAY DIFFRACTION' 
_refine.ls_abs_structure_details                 ? 
_refine.ls_abs_structure_Flack                   ? 
_refine.ls_abs_structure_Flack_esd               ? 
_refine.ls_abs_structure_Rogers                  ? 
_refine.ls_abs_structure_Rogers_esd              ? 
_refine.ls_d_res_high                            1.72 
_refine.ls_d_res_low                             43.44 
_refine.ls_extinction_coef                       ? 
_refine.ls_extinction_coef_esd                   ? 
_refine.ls_extinction_expression                 ? 
_refine.ls_extinction_method                     ? 
_refine.ls_goodness_of_fit_all                   ? 
_refine.ls_goodness_of_fit_all_esd               ? 
_refine.ls_goodness_of_fit_obs                   ? 
_refine.ls_goodness_of_fit_obs_esd               ? 
_refine.ls_hydrogen_treatment                    ? 
_refine.ls_matrix_type                           ? 
_refine.ls_number_constraints                    ? 
_refine.ls_number_parameters                     ? 
_refine.ls_number_reflns_all                     ? 
_refine.ls_number_reflns_obs                     43708 
_refine.ls_number_reflns_R_free                  3934 
_refine.ls_number_reflns_R_work                  39774 
_refine.ls_number_restraints                     ? 
_refine.ls_percent_reflns_obs                    99.83 
_refine.ls_percent_reflns_R_free                 9.00 
_refine.ls_R_factor_all                          ? 
_refine.ls_R_factor_obs                          0.1846 
_refine.ls_R_factor_R_free                       0.2059 
_refine.ls_R_factor_R_free_error                 ? 
_refine.ls_R_factor_R_free_error_details         ? 
_refine.ls_R_factor_R_work                       0.1824 
_refine.ls_R_Fsqd_factor_obs                     ? 
_refine.ls_R_I_factor_obs                        ? 
_refine.ls_redundancy_reflns_all                 ? 
_refine.ls_redundancy_reflns_obs                 ? 
_refine.ls_restrained_S_all                      ? 
_refine.ls_restrained_S_obs                      ? 
_refine.ls_shift_over_esd_max                    ? 
_refine.ls_shift_over_esd_mean                   ? 
_refine.ls_structure_factor_coef                 ? 
_refine.ls_weighting_details                     ? 
_refine.ls_weighting_scheme                      ? 
_refine.ls_wR_factor_all                         ? 
_refine.ls_wR_factor_obs                         ? 
_refine.ls_wR_factor_R_free                      ? 
_refine.ls_wR_factor_R_work                      ? 
_refine.occupancy_max                            ? 
_refine.occupancy_min                            ? 
_refine.solvent_model_details                    'FLAT BULK SOLVENT MODEL' 
_refine.solvent_model_param_bsol                 ? 
_refine.solvent_model_param_ksol                 ? 
_refine.pdbx_R_complete                          ? 
_refine.ls_R_factor_gt                           ? 
_refine.ls_goodness_of_fit_gt                    ? 
_refine.ls_goodness_of_fit_ref                   ? 
_refine.ls_shift_over_su_max                     ? 
_refine.ls_shift_over_su_max_lt                  ? 
_refine.ls_shift_over_su_mean                    ? 
_refine.ls_shift_over_su_mean_lt                 ? 
_refine.pdbx_ls_sigma_I                          ? 
_refine.pdbx_ls_sigma_F                          1.35 
_refine.pdbx_ls_sigma_Fsqd                       ? 
_refine.pdbx_data_cutoff_high_absF               ? 
_refine.pdbx_data_cutoff_high_rms_absF           ? 
_refine.pdbx_data_cutoff_low_absF                ? 
_refine.pdbx_isotropic_thermal_model             ? 
_refine.pdbx_ls_cross_valid_method               'FREE R-VALUE' 
_refine.pdbx_method_to_determine_struct          'MOLECULAR REPLACEMENT' 
_refine.pdbx_starting_model                      ? 
_refine.pdbx_stereochemistry_target_values       'GeoStd + Monomer Library + CDL v1.2' 
_refine.pdbx_R_Free_selection_details            ? 
_refine.pdbx_stereochem_target_val_spec_case     ? 
_refine.pdbx_overall_ESU_R                       ? 
_refine.pdbx_overall_ESU_R_Free                  ? 
_refine.pdbx_solvent_vdw_probe_radii             1.1000 
_refine.pdbx_solvent_ion_probe_radii             ? 
_refine.pdbx_solvent_shrinkage_radii             0.9000 
_refine.pdbx_real_space_R                        ? 
_refine.pdbx_density_correlation                 ? 
_refine.pdbx_pd_number_of_powder_patterns        ? 
_refine.pdbx_pd_number_of_points                 ? 
_refine.pdbx_pd_meas_number_of_points            ? 
_refine.pdbx_pd_proc_ls_prof_R_factor            ? 
_refine.pdbx_pd_proc_ls_prof_wR_factor           ? 
_refine.pdbx_pd_Marquardt_correlation_coeff      ? 
_refine.pdbx_pd_Fsqrd_R_factor                   ? 
_refine.pdbx_pd_ls_matrix_band_width             ? 
_refine.pdbx_overall_phase_error                 26.4893 
_refine.pdbx_overall_SU_R_free_Cruickshank_DPI   ? 
_refine.pdbx_overall_SU_R_free_Blow_DPI          ? 
_refine.pdbx_overall_SU_R_Blow_DPI               ? 
_refine.pdbx_TLS_residual_ADP_flag               ? 
_refine.pdbx_diffrn_id                           1 
_refine.overall_SU_B                             ? 
_refine.overall_SU_ML                            0.2888 
_refine.overall_SU_R_Cruickshank_DPI             ? 
_refine.overall_SU_R_free                        ? 
_refine.overall_FOM_free_R_set                   ? 
_refine.overall_FOM_work_R_set                   ? 
_refine.pdbx_average_fsc_overall                 ? 
_refine.pdbx_average_fsc_work                    ? 
_refine.pdbx_average_fsc_free                    ? 
# 
_refine_hist.pdbx_refine_id                   'X-RAY DIFFRACTION' 
_refine_hist.cycle_id                         LAST 
_refine_hist.details                          ? 
_refine_hist.d_res_high                       1.72 
_refine_hist.d_res_low                        43.44 
_refine_hist.number_atoms_solvent             71 
_refine_hist.number_atoms_total               1394 
_refine_hist.number_reflns_all                ? 
_refine_hist.number_reflns_obs                ? 
_refine_hist.number_reflns_R_free             ? 
_refine_hist.number_reflns_R_work             ? 
_refine_hist.R_factor_all                     ? 
_refine_hist.R_factor_obs                     ? 
_refine_hist.R_factor_R_free                  ? 
_refine_hist.R_factor_R_work                  ? 
_refine_hist.pdbx_number_residues_total       ? 
_refine_hist.pdbx_B_iso_mean_ligand           ? 
_refine_hist.pdbx_B_iso_mean_solvent          ? 
_refine_hist.pdbx_number_atoms_protein        1290 
_refine_hist.pdbx_number_atoms_nucleic_acid   0 
_refine_hist.pdbx_number_atoms_ligand         33 
_refine_hist.pdbx_number_atoms_lipid          ? 
_refine_hist.pdbx_number_atoms_carb           ? 
_refine_hist.pdbx_pseudo_atom_details         ? 
# 
loop_
_refine_ls_restr.pdbx_refine_id 
_refine_ls_restr.criterion 
_refine_ls_restr.dev_ideal 
_refine_ls_restr.dev_ideal_target 
_refine_ls_restr.number 
_refine_ls_restr.rejects 
_refine_ls_restr.type 
_refine_ls_restr.weight 
_refine_ls_restr.pdbx_restraint_function 
'X-RAY DIFFRACTION' ? 0.0076  ? 1386 ? f_bond_d           ? ? 
'X-RAY DIFFRACTION' ? 0.7940  ? 1872 ? f_angle_d          ? ? 
'X-RAY DIFFRACTION' ? 0.0598  ? 207  ? f_chiral_restr     ? ? 
'X-RAY DIFFRACTION' ? 0.0079  ? 244  ? f_plane_restr      ? ? 
'X-RAY DIFFRACTION' ? 16.4443 ? 547  ? f_dihedral_angle_d ? ? 
# 
loop_
_refine_ls_shell.pdbx_refine_id 
_refine_ls_shell.d_res_high 
_refine_ls_shell.d_res_low 
_refine_ls_shell.number_reflns_all 
_refine_ls_shell.number_reflns_obs 
_refine_ls_shell.number_reflns_R_free 
_refine_ls_shell.number_reflns_R_work 
_refine_ls_shell.percent_reflns_obs 
_refine_ls_shell.percent_reflns_R_free 
_refine_ls_shell.R_factor_all 
_refine_ls_shell.R_factor_obs 
_refine_ls_shell.R_factor_R_free_error 
_refine_ls_shell.R_factor_R_work 
_refine_ls_shell.redundancy_reflns_all 
_refine_ls_shell.redundancy_reflns_obs 
_refine_ls_shell.wR_factor_all 
_refine_ls_shell.wR_factor_obs 
_refine_ls_shell.wR_factor_R_free 
_refine_ls_shell.wR_factor_R_work 
_refine_ls_shell.pdbx_R_complete 
_refine_ls_shell.pdbx_total_number_of_bins_used 
_refine_ls_shell.pdbx_phase_error 
_refine_ls_shell.pdbx_fsc_work 
_refine_ls_shell.pdbx_fsc_free 
_refine_ls_shell.R_factor_R_free 
'X-RAY DIFFRACTION' 1.72 1.74  . . 139 1349 96.81  . . . . 0.4170 . . . . . . . . . . . 0.4029 
'X-RAY DIFFRACTION' 1.74 1.76  . . 136 1446 99.50  . . . . 0.3760 . . . . . . . . . . . 0.4312 
'X-RAY DIFFRACTION' 1.76 1.78  . . 142 1423 99.55  . . . . 0.3387 . . . . . . . . . . . 0.3644 
'X-RAY DIFFRACTION' 1.78 1.81  . . 142 1412 100.00 . . . . 0.3219 . . . . . . . . . . . 0.3336 
'X-RAY DIFFRACTION' 1.81 1.84  . . 140 1424 99.94  . . . . 0.3066 . . . . . . . . . . . 0.3240 
'X-RAY DIFFRACTION' 1.84 1.86  . . 140 1447 100.00 . . . . 0.2787 . . . . . . . . . . . 0.3116 
'X-RAY DIFFRACTION' 1.86 1.89  . . 140 1413 100.00 . . . . 0.2797 . . . . . . . . . . . 0.3019 
'X-RAY DIFFRACTION' 1.89 1.92  . . 138 1387 100.00 . . . . 0.2878 . . . . . . . . . . . 0.2726 
'X-RAY DIFFRACTION' 1.92 1.96  . . 146 1433 99.87  . . . . 0.2493 . . . . . . . . . . . 0.2562 
'X-RAY DIFFRACTION' 1.96 1.99  . . 140 1443 100.00 . . . . 0.2358 . . . . . . . . . . . 0.2736 
'X-RAY DIFFRACTION' 1.99 2.03  . . 141 1420 100.00 . . . . 0.1925 . . . . . . . . . . . 0.2613 
'X-RAY DIFFRACTION' 2.03 2.07  . . 142 1401 100.00 . . . . 0.1971 . . . . . . . . . . . 0.2190 
'X-RAY DIFFRACTION' 2.07 2.12  . . 143 1421 99.94  . . . . 0.1860 . . . . . . . . . . . 0.1963 
'X-RAY DIFFRACTION' 2.12 2.17  . . 137 1421 100.00 . . . . 0.1694 . . . . . . . . . . . 0.2810 
'X-RAY DIFFRACTION' 2.17 2.22  . . 142 1441 99.87  . . . . 0.1829 . . . . . . . . . . . 0.2764 
'X-RAY DIFFRACTION' 2.22 2.28  . . 142 1417 100.00 . . . . 0.1779 . . . . . . . . . . . 0.2171 
'X-RAY DIFFRACTION' 2.28 2.35  . . 130 1439 100.00 . . . . 0.1678 . . . . . . . . . . . 0.2017 
'X-RAY DIFFRACTION' 2.35 2.42  . . 141 1415 100.00 . . . . 0.1825 . . . . . . . . . . . 0.2372 
'X-RAY DIFFRACTION' 2.42 2.51  . . 133 1408 100.00 . . . . 0.1831 . . . . . . . . . . . 0.1635 
'X-RAY DIFFRACTION' 2.51 2.61  . . 146 1444 100.00 . . . . 0.1785 . . . . . . . . . . . 0.2162 
'X-RAY DIFFRACTION' 2.61 2.73  . . 150 1433 100.00 . . . . 0.1787 . . . . . . . . . . . 0.2058 
'X-RAY DIFFRACTION' 2.73 2.87  . . 136 1393 100.00 . . . . 0.1970 . . . . . . . . . . . 0.2339 
'X-RAY DIFFRACTION' 2.87 3.05  . . 144 1438 99.87  . . . . 0.1823 . . . . . . . . . . . 0.2239 
'X-RAY DIFFRACTION' 3.05 3.28  . . 132 1419 100.00 . . . . 0.1784 . . . . . . . . . . . 0.1829 
'X-RAY DIFFRACTION' 3.29 3.62  . . 127 1440 100.00 . . . . 0.1700 . . . . . . . . . . . 0.1858 
'X-RAY DIFFRACTION' 3.62 4.14  . . 150 1410 100.00 . . . . 0.1493 . . . . . . . . . . . 0.1602 
'X-RAY DIFFRACTION' 4.14 5.21  . . 149 1414 99.94  . . . . 0.1428 . . . . . . . . . . . 0.1562 
'X-RAY DIFFRACTION' 5.22 43.44 . . 146 1423 100.00 . . . . 0.1662 . . . . . . . . . . . 0.1836 
# 
_struct.entry_id                     9I2O 
_struct.title                        'PB2 cap-binding domain of human pathogenic influenza A virus H5N1 in complex with m7GTP' 
_struct.pdbx_model_details           ? 
_struct.pdbx_formula_weight          ? 
_struct.pdbx_formula_weight_method   ? 
_struct.pdbx_model_type_details      ? 
_struct.pdbx_CASP_flag               N 
# 
_struct_keywords.entry_id        9I2O 
_struct_keywords.text            'avian influenza, RNA capping, polymerase complex, drug development, RNA BINDING PROTEIN' 
_struct_keywords.pdbx_keywords   'RNA BINDING PROTEIN' 
# 
loop_
_struct_asym.id 
_struct_asym.pdbx_blank_PDB_chainid_flag 
_struct_asym.pdbx_modified 
_struct_asym.entity_id 
_struct_asym.details 
A N N 1 ? 
B N N 2 ? 
C N N 3 ? 
# 
_struct_ref.id                         1 
_struct_ref.db_name                    UNP 
_struct_ref.db_code                    PB2_I02A6 
_struct_ref.pdbx_db_accession          Q6DNL8 
_struct_ref.pdbx_db_isoform            ? 
_struct_ref.entity_id                  1 
_struct_ref.pdbx_seq_one_letter_code   
;RISSSFSFGGFTFKRTSGSSVKKEEEVLTGNLQTLKIRVHEGYEEFTMVGRRATAILRKATRRLIQLIVSGRDEQSIAEA
IIVAMVFSQEDCMIKAVRGDLNFVNRANQRLNPMHQLLRHFQKDAKVLFQNWGIEPIDNVMGMIGILPDMTPSTEMSLRG
VRVSKM
;
_struct_ref.pdbx_align_begin           318 
# 
_struct_ref_seq.align_id                      1 
_struct_ref_seq.ref_id                        1 
_struct_ref_seq.pdbx_PDB_id_code              9I2O 
_struct_ref_seq.pdbx_strand_id                A 
_struct_ref_seq.seq_align_beg                 23 
_struct_ref_seq.pdbx_seq_align_beg_ins_code   ? 
_struct_ref_seq.seq_align_end                 188 
_struct_ref_seq.pdbx_seq_align_end_ins_code   ? 
_struct_ref_seq.pdbx_db_accession             Q6DNL8 
_struct_ref_seq.db_align_beg                  318 
_struct_ref_seq.pdbx_db_align_beg_ins_code    ? 
_struct_ref_seq.db_align_end                  483 
_struct_ref_seq.pdbx_db_align_end_ins_code    ? 
_struct_ref_seq.pdbx_auth_seq_align_beg       318 
_struct_ref_seq.pdbx_auth_seq_align_end       483 
# 
loop_
_struct_ref_seq_dif.align_id 
_struct_ref_seq_dif.pdbx_pdb_id_code 
_struct_ref_seq_dif.mon_id 
_struct_ref_seq_dif.pdbx_pdb_strand_id 
_struct_ref_seq_dif.seq_num 
_struct_ref_seq_dif.pdbx_pdb_ins_code 
_struct_ref_seq_dif.pdbx_seq_db_name 
_struct_ref_seq_dif.pdbx_seq_db_accession_code 
_struct_ref_seq_dif.db_mon_id 
_struct_ref_seq_dif.pdbx_seq_db_seq_num 
_struct_ref_seq_dif.details 
_struct_ref_seq_dif.pdbx_auth_seq_num 
_struct_ref_seq_dif.pdbx_ordinal 
1 9I2O MET A 1  ? UNP Q6DNL8 ? ? 'initiating methionine' 296 1  
1 9I2O GLY A 2  ? UNP Q6DNL8 ? ? 'expression tag'        297 2  
1 9I2O SER A 3  ? UNP Q6DNL8 ? ? 'expression tag'        298 3  
1 9I2O SER A 4  ? UNP Q6DNL8 ? ? 'expression tag'        299 4  
1 9I2O HIS A 5  ? UNP Q6DNL8 ? ? 'expression tag'        300 5  
1 9I2O HIS A 6  ? UNP Q6DNL8 ? ? 'expression tag'        301 6  
1 9I2O HIS A 7  ? UNP Q6DNL8 ? ? 'expression tag'        302 7  
1 9I2O HIS A 8  ? UNP Q6DNL8 ? ? 'expression tag'        303 8  
1 9I2O HIS A 9  ? UNP Q6DNL8 ? ? 'expression tag'        304 9  
1 9I2O HIS A 10 ? UNP Q6DNL8 ? ? 'expression tag'        305 10 
1 9I2O SER A 11 ? UNP Q6DNL8 ? ? 'expression tag'        306 11 
1 9I2O SER A 12 ? UNP Q6DNL8 ? ? 'expression tag'        307 12 
1 9I2O GLY A 13 ? UNP Q6DNL8 ? ? 'expression tag'        308 13 
1 9I2O GLU A 14 ? UNP Q6DNL8 ? ? 'expression tag'        309 14 
1 9I2O ASN A 15 ? UNP Q6DNL8 ? ? 'expression tag'        310 15 
1 9I2O LEU A 16 ? UNP Q6DNL8 ? ? 'expression tag'        311 16 
1 9I2O TYR A 17 ? UNP Q6DNL8 ? ? 'expression tag'        312 17 
1 9I2O PHE A 18 ? UNP Q6DNL8 ? ? 'expression tag'        313 18 
1 9I2O GLN A 19 ? UNP Q6DNL8 ? ? 'expression tag'        314 19 
1 9I2O GLY A 20 ? UNP Q6DNL8 ? ? 'expression tag'        315 20 
1 9I2O HIS A 21 ? UNP Q6DNL8 ? ? 'expression tag'        316 21 
1 9I2O MET A 22 ? UNP Q6DNL8 ? ? 'expression tag'        317 22 
# 
_pdbx_struct_assembly.id                   1 
_pdbx_struct_assembly.details              author_defined_assembly 
_pdbx_struct_assembly.method_details       ? 
_pdbx_struct_assembly.oligomeric_details   monomeric 
_pdbx_struct_assembly.oligomeric_count     1 
# 
loop_
_pdbx_struct_assembly_prop.biol_id 
_pdbx_struct_assembly_prop.type 
_pdbx_struct_assembly_prop.value 
_pdbx_struct_assembly_prop.details 
1 'ABSA (A^2)' 830  ? 
1 MORE         -3   ? 
1 'SSA (A^2)'  8890 ? 
# 
_pdbx_struct_assembly_gen.assembly_id       1 
_pdbx_struct_assembly_gen.oper_expression   1 
_pdbx_struct_assembly_gen.asym_id_list      A,B,C 
# 
_pdbx_struct_assembly_auth_evidence.id                     1 
_pdbx_struct_assembly_auth_evidence.assembly_id            1 
_pdbx_struct_assembly_auth_evidence.experimental_support   'light scattering' 
_pdbx_struct_assembly_auth_evidence.details                ? 
# 
_pdbx_struct_oper_list.id                   1 
_pdbx_struct_oper_list.type                 'identity operation' 
_pdbx_struct_oper_list.name                 1_555 
_pdbx_struct_oper_list.symmetry_operation   x,y,z 
_pdbx_struct_oper_list.matrix[1][1]         1.0000000000 
_pdbx_struct_oper_list.matrix[1][2]         0.0000000000 
_pdbx_struct_oper_list.matrix[1][3]         0.0000000000 
_pdbx_struct_oper_list.vector[1]            0.0000000000 
_pdbx_struct_oper_list.matrix[2][1]         0.0000000000 
_pdbx_struct_oper_list.matrix[2][2]         1.0000000000 
_pdbx_struct_oper_list.matrix[2][3]         0.0000000000 
_pdbx_struct_oper_list.vector[2]            0.0000000000 
_pdbx_struct_oper_list.matrix[3][1]         0.0000000000 
_pdbx_struct_oper_list.matrix[3][2]         0.0000000000 
_pdbx_struct_oper_list.matrix[3][3]         1.0000000000 
_pdbx_struct_oper_list.vector[3]            0.0000000000 
# 
loop_
_struct_conf.conf_type_id 
_struct_conf.id 
_struct_conf.pdbx_PDB_helix_id 
_struct_conf.beg_label_comp_id 
_struct_conf.beg_label_asym_id 
_struct_conf.beg_label_seq_id 
_struct_conf.pdbx_beg_PDB_ins_code 
_struct_conf.end_label_comp_id 
_struct_conf.end_label_asym_id 
_struct_conf.end_label_seq_id 
_struct_conf.pdbx_end_PDB_ins_code 
_struct_conf.beg_auth_comp_id 
_struct_conf.beg_auth_asym_id 
_struct_conf.beg_auth_seq_id 
_struct_conf.end_auth_comp_id 
_struct_conf.end_auth_asym_id 
_struct_conf.end_auth_seq_id 
_struct_conf.pdbx_PDB_helix_class 
_struct_conf.details 
_struct_conf.pdbx_PDB_helix_length 
HELX_P HELX_P1 AA1 ASP A 95  ? GLN A 111 ? ASP A 390 GLN A 406 1 ? 17 
HELX_P HELX_P2 AA2 GLU A 112 ? LYS A 117 ? GLU A 407 LYS A 412 1 ? 6  
HELX_P HELX_P3 AA3 ASN A 127 ? GLN A 131 ? ASN A 422 GLN A 426 5 ? 5  
HELX_P HELX_P4 AA4 ASN A 134 ? ASP A 146 ? ASN A 429 ASP A 441 1 ? 13 
HELX_P HELX_P5 AA5 ALA A 147 ? GLY A 155 ? ALA A 442 GLY A 450 1 ? 9  
# 
_struct_conf_type.id          HELX_P 
_struct_conf_type.criteria    ? 
_struct_conf_type.reference   ? 
# 
loop_
_struct_sheet.id 
_struct_sheet.type 
_struct_sheet.number_strands 
_struct_sheet.details 
AA1 ? 8 ? 
AA2 ? 2 ? 
AA3 ? 2 ? 
# 
loop_
_struct_sheet_order.sheet_id 
_struct_sheet_order.range_id_1 
_struct_sheet_order.range_id_2 
_struct_sheet_order.offset 
_struct_sheet_order.sense 
AA1 1 2 ? anti-parallel 
AA1 2 3 ? anti-parallel 
AA1 3 4 ? anti-parallel 
AA1 4 5 ? anti-parallel 
AA1 5 6 ? parallel      
AA1 6 7 ? anti-parallel 
AA1 7 8 ? anti-parallel 
AA2 1 2 ? anti-parallel 
AA3 1 2 ? anti-parallel 
# 
loop_
_struct_sheet_range.sheet_id 
_struct_sheet_range.id 
_struct_sheet_range.beg_label_comp_id 
_struct_sheet_range.beg_label_asym_id 
_struct_sheet_range.beg_label_seq_id 
_struct_sheet_range.pdbx_beg_PDB_ins_code 
_struct_sheet_range.end_label_comp_id 
_struct_sheet_range.end_label_asym_id 
_struct_sheet_range.end_label_seq_id 
_struct_sheet_range.pdbx_end_PDB_ins_code 
_struct_sheet_range.beg_auth_comp_id 
_struct_sheet_range.beg_auth_asym_id 
_struct_sheet_range.beg_auth_seq_id 
_struct_sheet_range.end_auth_comp_id 
_struct_sheet_range.end_auth_asym_id 
_struct_sheet_range.end_auth_seq_id 
AA1 1 SER A 27  ? PHE A 30  ? SER A 322 PHE A 325 
AA1 2 PHE A 33  ? GLY A 40  ? PHE A 328 GLY A 335 
AA1 3 GLU A 66  ? VAL A 71  ? GLU A 361 VAL A 366 
AA1 4 ALA A 75  ? ALA A 82  ? ALA A 370 ALA A 377 
AA1 5 ARG A 85  ? GLY A 93  ? ARG A 380 GLY A 388 
AA1 6 VAL A 183 ? SER A 186 ? VAL A 478 SER A 481 
AA1 7 MET A 165 ? ILE A 168 ? MET A 460 ILE A 463 
AA1 8 PRO A 174 ? SER A 175 ? PRO A 469 SER A 470 
AA2 1 VAL A 43  ? LEU A 50  ? VAL A 338 LEU A 345 
AA2 2 THR A 56  ? GLU A 63  ? THR A 351 GLU A 358 
AA3 1 ILE A 156 ? PRO A 158 ? ILE A 451 PRO A 453 
AA3 2 MET A 178 ? LEU A 180 ? MET A 473 LEU A 475 
# 
loop_
_pdbx_struct_sheet_hbond.sheet_id 
_pdbx_struct_sheet_hbond.range_id_1 
_pdbx_struct_sheet_hbond.range_id_2 
_pdbx_struct_sheet_hbond.range_1_label_atom_id 
_pdbx_struct_sheet_hbond.range_1_label_comp_id 
_pdbx_struct_sheet_hbond.range_1_label_asym_id 
_pdbx_struct_sheet_hbond.range_1_label_seq_id 
_pdbx_struct_sheet_hbond.range_1_PDB_ins_code 
_pdbx_struct_sheet_hbond.range_1_auth_atom_id 
_pdbx_struct_sheet_hbond.range_1_auth_comp_id 
_pdbx_struct_sheet_hbond.range_1_auth_asym_id 
_pdbx_struct_sheet_hbond.range_1_auth_seq_id 
_pdbx_struct_sheet_hbond.range_2_label_atom_id 
_pdbx_struct_sheet_hbond.range_2_label_comp_id 
_pdbx_struct_sheet_hbond.range_2_label_asym_id 
_pdbx_struct_sheet_hbond.range_2_label_seq_id 
_pdbx_struct_sheet_hbond.range_2_PDB_ins_code 
_pdbx_struct_sheet_hbond.range_2_auth_atom_id 
_pdbx_struct_sheet_hbond.range_2_auth_comp_id 
_pdbx_struct_sheet_hbond.range_2_auth_asym_id 
_pdbx_struct_sheet_hbond.range_2_auth_seq_id 
AA1 1 2 N PHE A 28  ? N PHE A 323 O PHE A 35  ? O PHE A 330 
AA1 2 3 N THR A 34  ? N THR A 329 O VAL A 71  ? O VAL A 366 
AA1 3 4 N PHE A 68  ? N PHE A 363 O LEU A 79  ? O LEU A 374 
AA1 4 5 N ARG A 80  ? N ARG A 375 O GLN A 88  ? O GLN A 383 
AA1 5 6 N VAL A 91  ? N VAL A 386 O SER A 186 ? O SER A 481 
AA1 6 7 O VAL A 185 ? O VAL A 480 N ILE A 166 ? N ILE A 461 
AA1 7 8 N GLY A 167 ? N GLY A 462 O SER A 175 ? O SER A 470 
AA2 1 2 N VAL A 43  ? N VAL A 338 O GLU A 63  ? O GLU A 358 
AA3 1 2 N GLU A 157 ? N GLU A 452 O SER A 179 ? O SER A 474 
# 
_pdbx_entry_details.entry_id                   9I2O 
_pdbx_entry_details.nonpolymer_details         ? 
_pdbx_entry_details.sequence_details           ? 
_pdbx_entry_details.compound_details           ? 
_pdbx_entry_details.source_details             ? 
_pdbx_entry_details.has_ligand_of_interest     Y 
_pdbx_entry_details.has_protein_modification   N 
# 
loop_
_space_group_symop.id 
_space_group_symop.operation_xyz 
1 x,y,z         
2 x-y,x,z+5/6   
3 y,-x+y,z+1/6  
4 -y,x-y,z+2/3  
5 -x+y,-x,z+1/3 
6 -x,-y,z+1/2   
# 
loop_
_pdbx_unobs_or_zero_occ_residues.id 
_pdbx_unobs_or_zero_occ_residues.PDB_model_num 
_pdbx_unobs_or_zero_occ_residues.polymer_flag 
_pdbx_unobs_or_zero_occ_residues.occupancy_flag 
_pdbx_unobs_or_zero_occ_residues.auth_asym_id 
_pdbx_unobs_or_zero_occ_residues.auth_comp_id 
_pdbx_unobs_or_zero_occ_residues.auth_seq_id 
_pdbx_unobs_or_zero_occ_residues.PDB_ins_code 
_pdbx_unobs_or_zero_occ_residues.label_asym_id 
_pdbx_unobs_or_zero_occ_residues.label_comp_id 
_pdbx_unobs_or_zero_occ_residues.label_seq_id 
1  1 Y 1 A MET 296 ? A MET 1  
2  1 Y 1 A GLY 297 ? A GLY 2  
3  1 Y 1 A SER 298 ? A SER 3  
4  1 Y 1 A SER 299 ? A SER 4  
5  1 Y 1 A HIS 300 ? A HIS 5  
6  1 Y 1 A HIS 301 ? A HIS 6  
7  1 Y 1 A HIS 302 ? A HIS 7  
8  1 Y 1 A HIS 303 ? A HIS 8  
9  1 Y 1 A HIS 304 ? A HIS 9  
10 1 Y 1 A HIS 305 ? A HIS 10 
11 1 Y 1 A SER 306 ? A SER 11 
12 1 Y 1 A SER 307 ? A SER 12 
13 1 Y 1 A GLY 308 ? A GLY 13 
14 1 Y 1 A GLU 309 ? A GLU 14 
15 1 Y 1 A ASN 310 ? A ASN 15 
16 1 Y 1 A LEU 311 ? A LEU 16 
17 1 Y 1 A TYR 312 ? A TYR 17 
18 1 Y 1 A PHE 313 ? A PHE 18 
19 1 Y 1 A GLN 314 ? A GLN 19 
20 1 Y 1 A GLY 315 ? A GLY 20 
21 1 Y 1 A HIS 316 ? A HIS 21 
22 1 Y 1 A MET 317 ? A MET 22 
23 1 Y 1 A ARG 318 ? A ARG 23 
24 1 Y 1 A ILE 319 ? A ILE 24 
25 1 Y 1 A SER 320 ? A SER 25 
# 
loop_
_chem_comp_atom.comp_id 
_chem_comp_atom.atom_id 
_chem_comp_atom.type_symbol 
_chem_comp_atom.pdbx_aromatic_flag 
_chem_comp_atom.pdbx_stereo_config 
_chem_comp_atom.pdbx_ordinal 
ALA N      N N N 1   
ALA CA     C N S 2   
ALA C      C N N 3   
ALA O      O N N 4   
ALA CB     C N N 5   
ALA OXT    O N N 6   
ALA H      H N N 7   
ALA H2     H N N 8   
ALA HA     H N N 9   
ALA HB1    H N N 10  
ALA HB2    H N N 11  
ALA HB3    H N N 12  
ALA HXT    H N N 13  
ARG N      N N N 14  
ARG CA     C N S 15  
ARG C      C N N 16  
ARG O      O N N 17  
ARG CB     C N N 18  
ARG CG     C N N 19  
ARG CD     C N N 20  
ARG NE     N N N 21  
ARG CZ     C N N 22  
ARG NH1    N N N 23  
ARG NH2    N N N 24  
ARG OXT    O N N 25  
ARG H      H N N 26  
ARG H2     H N N 27  
ARG HA     H N N 28  
ARG HB2    H N N 29  
ARG HB3    H N N 30  
ARG HG2    H N N 31  
ARG HG3    H N N 32  
ARG HD2    H N N 33  
ARG HD3    H N N 34  
ARG HE     H N N 35  
ARG HH11   H N N 36  
ARG HH12   H N N 37  
ARG HH21   H N N 38  
ARG HH22   H N N 39  
ARG HXT    H N N 40  
ASN N      N N N 41  
ASN CA     C N S 42  
ASN C      C N N 43  
ASN O      O N N 44  
ASN CB     C N N 45  
ASN CG     C N N 46  
ASN OD1    O N N 47  
ASN ND2    N N N 48  
ASN OXT    O N N 49  
ASN H      H N N 50  
ASN H2     H N N 51  
ASN HA     H N N 52  
ASN HB2    H N N 53  
ASN HB3    H N N 54  
ASN HD21   H N N 55  
ASN HD22   H N N 56  
ASN HXT    H N N 57  
ASP N      N N N 58  
ASP CA     C N S 59  
ASP C      C N N 60  
ASP O      O N N 61  
ASP CB     C N N 62  
ASP CG     C N N 63  
ASP OD1    O N N 64  
ASP OD2    O N N 65  
ASP OXT    O N N 66  
ASP H      H N N 67  
ASP H2     H N N 68  
ASP HA     H N N 69  
ASP HB2    H N N 70  
ASP HB3    H N N 71  
ASP HD2    H N N 72  
ASP HXT    H N N 73  
CYS N      N N N 74  
CYS CA     C N R 75  
CYS C      C N N 76  
CYS O      O N N 77  
CYS CB     C N N 78  
CYS SG     S N N 79  
CYS OXT    O N N 80  
CYS H      H N N 81  
CYS H2     H N N 82  
CYS HA     H N N 83  
CYS HB2    H N N 84  
CYS HB3    H N N 85  
CYS HG     H N N 86  
CYS HXT    H N N 87  
GLN N      N N N 88  
GLN CA     C N S 89  
GLN C      C N N 90  
GLN O      O N N 91  
GLN CB     C N N 92  
GLN CG     C N N 93  
GLN CD     C N N 94  
GLN OE1    O N N 95  
GLN NE2    N N N 96  
GLN OXT    O N N 97  
GLN H      H N N 98  
GLN H2     H N N 99  
GLN HA     H N N 100 
GLN HB2    H N N 101 
GLN HB3    H N N 102 
GLN HG2    H N N 103 
GLN HG3    H N N 104 
GLN HE21   H N N 105 
GLN HE22   H N N 106 
GLN HXT    H N N 107 
GLU N      N N N 108 
GLU CA     C N S 109 
GLU C      C N N 110 
GLU O      O N N 111 
GLU CB     C N N 112 
GLU CG     C N N 113 
GLU CD     C N N 114 
GLU OE1    O N N 115 
GLU OE2    O N N 116 
GLU OXT    O N N 117 
GLU H      H N N 118 
GLU H2     H N N 119 
GLU HA     H N N 120 
GLU HB2    H N N 121 
GLU HB3    H N N 122 
GLU HG2    H N N 123 
GLU HG3    H N N 124 
GLU HE2    H N N 125 
GLU HXT    H N N 126 
GLY N      N N N 127 
GLY CA     C N N 128 
GLY C      C N N 129 
GLY O      O N N 130 
GLY OXT    O N N 131 
GLY H      H N N 132 
GLY H2     H N N 133 
GLY HA2    H N N 134 
GLY HA3    H N N 135 
GLY HXT    H N N 136 
HIS N      N N N 137 
HIS CA     C N S 138 
HIS C      C N N 139 
HIS O      O N N 140 
HIS CB     C N N 141 
HIS CG     C Y N 142 
HIS ND1    N Y N 143 
HIS CD2    C Y N 144 
HIS CE1    C Y N 145 
HIS NE2    N Y N 146 
HIS OXT    O N N 147 
HIS H      H N N 148 
HIS H2     H N N 149 
HIS HA     H N N 150 
HIS HB2    H N N 151 
HIS HB3    H N N 152 
HIS HD1    H N N 153 
HIS HD2    H N N 154 
HIS HE1    H N N 155 
HIS HE2    H N N 156 
HIS HXT    H N N 157 
HOH O      O N N 158 
HOH H1     H N N 159 
HOH H2     H N N 160 
ILE N      N N N 161 
ILE CA     C N S 162 
ILE C      C N N 163 
ILE O      O N N 164 
ILE CB     C N S 165 
ILE CG1    C N N 166 
ILE CG2    C N N 167 
ILE CD1    C N N 168 
ILE OXT    O N N 169 
ILE H      H N N 170 
ILE H2     H N N 171 
ILE HA     H N N 172 
ILE HB     H N N 173 
ILE HG12   H N N 174 
ILE HG13   H N N 175 
ILE HG21   H N N 176 
ILE HG22   H N N 177 
ILE HG23   H N N 178 
ILE HD11   H N N 179 
ILE HD12   H N N 180 
ILE HD13   H N N 181 
ILE HXT    H N N 182 
LEU N      N N N 183 
LEU CA     C N S 184 
LEU C      C N N 185 
LEU O      O N N 186 
LEU CB     C N N 187 
LEU CG     C N N 188 
LEU CD1    C N N 189 
LEU CD2    C N N 190 
LEU OXT    O N N 191 
LEU H      H N N 192 
LEU H2     H N N 193 
LEU HA     H N N 194 
LEU HB2    H N N 195 
LEU HB3    H N N 196 
LEU HG     H N N 197 
LEU HD11   H N N 198 
LEU HD12   H N N 199 
LEU HD13   H N N 200 
LEU HD21   H N N 201 
LEU HD22   H N N 202 
LEU HD23   H N N 203 
LEU HXT    H N N 204 
LYS N      N N N 205 
LYS CA     C N S 206 
LYS C      C N N 207 
LYS O      O N N 208 
LYS CB     C N N 209 
LYS CG     C N N 210 
LYS CD     C N N 211 
LYS CE     C N N 212 
LYS NZ     N N N 213 
LYS OXT    O N N 214 
LYS H      H N N 215 
LYS H2     H N N 216 
LYS HA     H N N 217 
LYS HB2    H N N 218 
LYS HB3    H N N 219 
LYS HG2    H N N 220 
LYS HG3    H N N 221 
LYS HD2    H N N 222 
LYS HD3    H N N 223 
LYS HE2    H N N 224 
LYS HE3    H N N 225 
LYS HZ1    H N N 226 
LYS HZ2    H N N 227 
LYS HZ3    H N N 228 
LYS HXT    H N N 229 
MET N      N N N 230 
MET CA     C N S 231 
MET C      C N N 232 
MET O      O N N 233 
MET CB     C N N 234 
MET CG     C N N 235 
MET SD     S N N 236 
MET CE     C N N 237 
MET OXT    O N N 238 
MET H      H N N 239 
MET H2     H N N 240 
MET HA     H N N 241 
MET HB2    H N N 242 
MET HB3    H N N 243 
MET HG2    H N N 244 
MET HG3    H N N 245 
MET HE1    H N N 246 
MET HE2    H N N 247 
MET HE3    H N N 248 
MET HXT    H N N 249 
MGT PG     P N N 250 
MGT O1G    O N N 251 
MGT O2G    O N N 252 
MGT O3G    O N N 253 
MGT O3B    O N N 254 
MGT PB     P N R 255 
MGT O1B    O N N 256 
MGT O2B    O N N 257 
MGT O3A    O N N 258 
MGT PA     P N S 259 
MGT O1A    O N N 260 
MGT O2A    O N N 261 
MGT "O5'"  O N N 262 
MGT "C5'"  C N N 263 
MGT "C4'"  C N R 264 
MGT "O4'"  O N N 265 
MGT "C3'"  C N S 266 
MGT "O3'"  O N N 267 
MGT "C2'"  C N R 268 
MGT "O2'"  O N N 269 
MGT "C1'"  C N R 270 
MGT N9     N N N 271 
MGT C8     C N N 272 
MGT N7     N N N 273 
MGT CM7    C N N 274 
MGT C5     C N N 275 
MGT C6     C N N 276 
MGT O6     O N N 277 
MGT N1     N N N 278 
MGT C2     C N N 279 
MGT N2     N N N 280 
MGT N3     N N N 281 
MGT C4     C N N 282 
MGT HOG2   H N N 283 
MGT HOG3   H N N 284 
MGT HOB2   H N N 285 
MGT HOA2   H N N 286 
MGT "H5'1" H N N 287 
MGT "H5'2" H N N 288 
MGT "H4'"  H N N 289 
MGT "H3'"  H N N 290 
MGT "HO3'" H N N 291 
MGT "H2'"  H N N 292 
MGT "HO2'" H N N 293 
MGT "H1'"  H N N 294 
MGT H81    H N N 295 
MGT H82    H N N 296 
MGT HM71   H N N 297 
MGT HM72   H N N 298 
MGT HM73   H N N 299 
MGT HN1    H N N 300 
MGT HN21   H N N 301 
MGT HN22   H N N 302 
PHE N      N N N 303 
PHE CA     C N S 304 
PHE C      C N N 305 
PHE O      O N N 306 
PHE CB     C N N 307 
PHE CG     C Y N 308 
PHE CD1    C Y N 309 
PHE CD2    C Y N 310 
PHE CE1    C Y N 311 
PHE CE2    C Y N 312 
PHE CZ     C Y N 313 
PHE OXT    O N N 314 
PHE H      H N N 315 
PHE H2     H N N 316 
PHE HA     H N N 317 
PHE HB2    H N N 318 
PHE HB3    H N N 319 
PHE HD1    H N N 320 
PHE HD2    H N N 321 
PHE HE1    H N N 322 
PHE HE2    H N N 323 
PHE HZ     H N N 324 
PHE HXT    H N N 325 
PRO N      N N N 326 
PRO CA     C N S 327 
PRO C      C N N 328 
PRO O      O N N 329 
PRO CB     C N N 330 
PRO CG     C N N 331 
PRO CD     C N N 332 
PRO OXT    O N N 333 
PRO H      H N N 334 
PRO HA     H N N 335 
PRO HB2    H N N 336 
PRO HB3    H N N 337 
PRO HG2    H N N 338 
PRO HG3    H N N 339 
PRO HD2    H N N 340 
PRO HD3    H N N 341 
PRO HXT    H N N 342 
SER N      N N N 343 
SER CA     C N S 344 
SER C      C N N 345 
SER O      O N N 346 
SER CB     C N N 347 
SER OG     O N N 348 
SER OXT    O N N 349 
SER H      H N N 350 
SER H2     H N N 351 
SER HA     H N N 352 
SER HB2    H N N 353 
SER HB3    H N N 354 
SER HG     H N N 355 
SER HXT    H N N 356 
THR N      N N N 357 
THR CA     C N S 358 
THR C      C N N 359 
THR O      O N N 360 
THR CB     C N R 361 
THR OG1    O N N 362 
THR CG2    C N N 363 
THR OXT    O N N 364 
THR H      H N N 365 
THR H2     H N N 366 
THR HA     H N N 367 
THR HB     H N N 368 
THR HG1    H N N 369 
THR HG21   H N N 370 
THR HG22   H N N 371 
THR HG23   H N N 372 
THR HXT    H N N 373 
TRP N      N N N 374 
TRP CA     C N S 375 
TRP C      C N N 376 
TRP O      O N N 377 
TRP CB     C N N 378 
TRP CG     C Y N 379 
TRP CD1    C Y N 380 
TRP CD2    C Y N 381 
TRP NE1    N Y N 382 
TRP CE2    C Y N 383 
TRP CE3    C Y N 384 
TRP CZ2    C Y N 385 
TRP CZ3    C Y N 386 
TRP CH2    C Y N 387 
TRP OXT    O N N 388 
TRP H      H N N 389 
TRP H2     H N N 390 
TRP HA     H N N 391 
TRP HB2    H N N 392 
TRP HB3    H N N 393 
TRP HD1    H N N 394 
TRP HE1    H N N 395 
TRP HE3    H N N 396 
TRP HZ2    H N N 397 
TRP HZ3    H N N 398 
TRP HH2    H N N 399 
TRP HXT    H N N 400 
TYR N      N N N 401 
TYR CA     C N S 402 
TYR C      C N N 403 
TYR O      O N N 404 
TYR CB     C N N 405 
TYR CG     C Y N 406 
TYR CD1    C Y N 407 
TYR CD2    C Y N 408 
TYR CE1    C Y N 409 
TYR CE2    C Y N 410 
TYR CZ     C Y N 411 
TYR OH     O N N 412 
TYR OXT    O N N 413 
TYR H      H N N 414 
TYR H2     H N N 415 
TYR HA     H N N 416 
TYR HB2    H N N 417 
TYR HB3    H N N 418 
TYR HD1    H N N 419 
TYR HD2    H N N 420 
TYR HE1    H N N 421 
TYR HE2    H N N 422 
TYR HH     H N N 423 
TYR HXT    H N N 424 
VAL N      N N N 425 
VAL CA     C N S 426 
VAL C      C N N 427 
VAL O      O N N 428 
VAL CB     C N N 429 
VAL CG1    C N N 430 
VAL CG2    C N N 431 
VAL OXT    O N N 432 
VAL H      H N N 433 
VAL H2     H N N 434 
VAL HA     H N N 435 
VAL HB     H N N 436 
VAL HG11   H N N 437 
VAL HG12   H N N 438 
VAL HG13   H N N 439 
VAL HG21   H N N 440 
VAL HG22   H N N 441 
VAL HG23   H N N 442 
VAL HXT    H N N 443 
# 
loop_
_chem_comp_bond.comp_id 
_chem_comp_bond.atom_id_1 
_chem_comp_bond.atom_id_2 
_chem_comp_bond.value_order 
_chem_comp_bond.pdbx_aromatic_flag 
_chem_comp_bond.pdbx_stereo_config 
_chem_comp_bond.pdbx_ordinal 
ALA N     CA     sing N N 1   
ALA N     H      sing N N 2   
ALA N     H2     sing N N 3   
ALA CA    C      sing N N 4   
ALA CA    CB     sing N N 5   
ALA CA    HA     sing N N 6   
ALA C     O      doub N N 7   
ALA C     OXT    sing N N 8   
ALA CB    HB1    sing N N 9   
ALA CB    HB2    sing N N 10  
ALA CB    HB3    sing N N 11  
ALA OXT   HXT    sing N N 12  
ARG N     CA     sing N N 13  
ARG N     H      sing N N 14  
ARG N     H2     sing N N 15  
ARG CA    C      sing N N 16  
ARG CA    CB     sing N N 17  
ARG CA    HA     sing N N 18  
ARG C     O      doub N N 19  
ARG C     OXT    sing N N 20  
ARG CB    CG     sing N N 21  
ARG CB    HB2    sing N N 22  
ARG CB    HB3    sing N N 23  
ARG CG    CD     sing N N 24  
ARG CG    HG2    sing N N 25  
ARG CG    HG3    sing N N 26  
ARG CD    NE     sing N N 27  
ARG CD    HD2    sing N N 28  
ARG CD    HD3    sing N N 29  
ARG NE    CZ     sing N N 30  
ARG NE    HE     sing N N 31  
ARG CZ    NH1    sing N N 32  
ARG CZ    NH2    doub N N 33  
ARG NH1   HH11   sing N N 34  
ARG NH1   HH12   sing N N 35  
ARG NH2   HH21   sing N N 36  
ARG NH2   HH22   sing N N 37  
ARG OXT   HXT    sing N N 38  
ASN N     CA     sing N N 39  
ASN N     H      sing N N 40  
ASN N     H2     sing N N 41  
ASN CA    C      sing N N 42  
ASN CA    CB     sing N N 43  
ASN CA    HA     sing N N 44  
ASN C     O      doub N N 45  
ASN C     OXT    sing N N 46  
ASN CB    CG     sing N N 47  
ASN CB    HB2    sing N N 48  
ASN CB    HB3    sing N N 49  
ASN CG    OD1    doub N N 50  
ASN CG    ND2    sing N N 51  
ASN ND2   HD21   sing N N 52  
ASN ND2   HD22   sing N N 53  
ASN OXT   HXT    sing N N 54  
ASP N     CA     sing N N 55  
ASP N     H      sing N N 56  
ASP N     H2     sing N N 57  
ASP CA    C      sing N N 58  
ASP CA    CB     sing N N 59  
ASP CA    HA     sing N N 60  
ASP C     O      doub N N 61  
ASP C     OXT    sing N N 62  
ASP CB    CG     sing N N 63  
ASP CB    HB2    sing N N 64  
ASP CB    HB3    sing N N 65  
ASP CG    OD1    doub N N 66  
ASP CG    OD2    sing N N 67  
ASP OD2   HD2    sing N N 68  
ASP OXT   HXT    sing N N 69  
CYS N     CA     sing N N 70  
CYS N     H      sing N N 71  
CYS N     H2     sing N N 72  
CYS CA    C      sing N N 73  
CYS CA    CB     sing N N 74  
CYS CA    HA     sing N N 75  
CYS C     O      doub N N 76  
CYS C     OXT    sing N N 77  
CYS CB    SG     sing N N 78  
CYS CB    HB2    sing N N 79  
CYS CB    HB3    sing N N 80  
CYS SG    HG     sing N N 81  
CYS OXT   HXT    sing N N 82  
GLN N     CA     sing N N 83  
GLN N     H      sing N N 84  
GLN N     H2     sing N N 85  
GLN CA    C      sing N N 86  
GLN CA    CB     sing N N 87  
GLN CA    HA     sing N N 88  
GLN C     O      doub N N 89  
GLN C     OXT    sing N N 90  
GLN CB    CG     sing N N 91  
GLN CB    HB2    sing N N 92  
GLN CB    HB3    sing N N 93  
GLN CG    CD     sing N N 94  
GLN CG    HG2    sing N N 95  
GLN CG    HG3    sing N N 96  
GLN CD    OE1    doub N N 97  
GLN CD    NE2    sing N N 98  
GLN NE2   HE21   sing N N 99  
GLN NE2   HE22   sing N N 100 
GLN OXT   HXT    sing N N 101 
GLU N     CA     sing N N 102 
GLU N     H      sing N N 103 
GLU N     H2     sing N N 104 
GLU CA    C      sing N N 105 
GLU CA    CB     sing N N 106 
GLU CA    HA     sing N N 107 
GLU C     O      doub N N 108 
GLU C     OXT    sing N N 109 
GLU CB    CG     sing N N 110 
GLU CB    HB2    sing N N 111 
GLU CB    HB3    sing N N 112 
GLU CG    CD     sing N N 113 
GLU CG    HG2    sing N N 114 
GLU CG    HG3    sing N N 115 
GLU CD    OE1    doub N N 116 
GLU CD    OE2    sing N N 117 
GLU OE2   HE2    sing N N 118 
GLU OXT   HXT    sing N N 119 
GLY N     CA     sing N N 120 
GLY N     H      sing N N 121 
GLY N     H2     sing N N 122 
GLY CA    C      sing N N 123 
GLY CA    HA2    sing N N 124 
GLY CA    HA3    sing N N 125 
GLY C     O      doub N N 126 
GLY C     OXT    sing N N 127 
GLY OXT   HXT    sing N N 128 
HIS N     CA     sing N N 129 
HIS N     H      sing N N 130 
HIS N     H2     sing N N 131 
HIS CA    C      sing N N 132 
HIS CA    CB     sing N N 133 
HIS CA    HA     sing N N 134 
HIS C     O      doub N N 135 
HIS C     OXT    sing N N 136 
HIS CB    CG     sing N N 137 
HIS CB    HB2    sing N N 138 
HIS CB    HB3    sing N N 139 
HIS CG    ND1    sing Y N 140 
HIS CG    CD2    doub Y N 141 
HIS ND1   CE1    doub Y N 142 
HIS ND1   HD1    sing N N 143 
HIS CD2   NE2    sing Y N 144 
HIS CD2   HD2    sing N N 145 
HIS CE1   NE2    sing Y N 146 
HIS CE1   HE1    sing N N 147 
HIS NE2   HE2    sing N N 148 
HIS OXT   HXT    sing N N 149 
HOH O     H1     sing N N 150 
HOH O     H2     sing N N 151 
ILE N     CA     sing N N 152 
ILE N     H      sing N N 153 
ILE N     H2     sing N N 154 
ILE CA    C      sing N N 155 
ILE CA    CB     sing N N 156 
ILE CA    HA     sing N N 157 
ILE C     O      doub N N 158 
ILE C     OXT    sing N N 159 
ILE CB    CG1    sing N N 160 
ILE CB    CG2    sing N N 161 
ILE CB    HB     sing N N 162 
ILE CG1   CD1    sing N N 163 
ILE CG1   HG12   sing N N 164 
ILE CG1   HG13   sing N N 165 
ILE CG2   HG21   sing N N 166 
ILE CG2   HG22   sing N N 167 
ILE CG2   HG23   sing N N 168 
ILE CD1   HD11   sing N N 169 
ILE CD1   HD12   sing N N 170 
ILE CD1   HD13   sing N N 171 
ILE OXT   HXT    sing N N 172 
LEU N     CA     sing N N 173 
LEU N     H      sing N N 174 
LEU N     H2     sing N N 175 
LEU CA    C      sing N N 176 
LEU CA    CB     sing N N 177 
LEU CA    HA     sing N N 178 
LEU C     O      doub N N 179 
LEU C     OXT    sing N N 180 
LEU CB    CG     sing N N 181 
LEU CB    HB2    sing N N 182 
LEU CB    HB3    sing N N 183 
LEU CG    CD1    sing N N 184 
LEU CG    CD2    sing N N 185 
LEU CG    HG     sing N N 186 
LEU CD1   HD11   sing N N 187 
LEU CD1   HD12   sing N N 188 
LEU CD1   HD13   sing N N 189 
LEU CD2   HD21   sing N N 190 
LEU CD2   HD22   sing N N 191 
LEU CD2   HD23   sing N N 192 
LEU OXT   HXT    sing N N 193 
LYS N     CA     sing N N 194 
LYS N     H      sing N N 195 
LYS N     H2     sing N N 196 
LYS CA    C      sing N N 197 
LYS CA    CB     sing N N 198 
LYS CA    HA     sing N N 199 
LYS C     O      doub N N 200 
LYS C     OXT    sing N N 201 
LYS CB    CG     sing N N 202 
LYS CB    HB2    sing N N 203 
LYS CB    HB3    sing N N 204 
LYS CG    CD     sing N N 205 
LYS CG    HG2    sing N N 206 
LYS CG    HG3    sing N N 207 
LYS CD    CE     sing N N 208 
LYS CD    HD2    sing N N 209 
LYS CD    HD3    sing N N 210 
LYS CE    NZ     sing N N 211 
LYS CE    HE2    sing N N 212 
LYS CE    HE3    sing N N 213 
LYS NZ    HZ1    sing N N 214 
LYS NZ    HZ2    sing N N 215 
LYS NZ    HZ3    sing N N 216 
LYS OXT   HXT    sing N N 217 
MET N     CA     sing N N 218 
MET N     H      sing N N 219 
MET N     H2     sing N N 220 
MET CA    C      sing N N 221 
MET CA    CB     sing N N 222 
MET CA    HA     sing N N 223 
MET C     O      doub N N 224 
MET C     OXT    sing N N 225 
MET CB    CG     sing N N 226 
MET CB    HB2    sing N N 227 
MET CB    HB3    sing N N 228 
MET CG    SD     sing N N 229 
MET CG    HG2    sing N N 230 
MET CG    HG3    sing N N 231 
MET SD    CE     sing N N 232 
MET CE    HE1    sing N N 233 
MET CE    HE2    sing N N 234 
MET CE    HE3    sing N N 235 
MET OXT   HXT    sing N N 236 
MGT PG    O1G    doub N N 237 
MGT PG    O2G    sing N N 238 
MGT PG    O3G    sing N N 239 
MGT PG    O3B    sing N N 240 
MGT O2G   HOG2   sing N N 241 
MGT O3G   HOG3   sing N N 242 
MGT O3B   PB     sing N N 243 
MGT PB    O1B    doub N N 244 
MGT PB    O2B    sing N N 245 
MGT PB    O3A    sing N N 246 
MGT O2B   HOB2   sing N N 247 
MGT O3A   PA     sing N N 248 
MGT PA    O1A    doub N N 249 
MGT PA    O2A    sing N N 250 
MGT PA    "O5'"  sing N N 251 
MGT O2A   HOA2   sing N N 252 
MGT "O5'" "C5'"  sing N N 253 
MGT "C5'" "C4'"  sing N N 254 
MGT "C5'" "H5'1" sing N N 255 
MGT "C5'" "H5'2" sing N N 256 
MGT "C4'" "O4'"  sing N N 257 
MGT "C4'" "C3'"  sing N N 258 
MGT "C4'" "H4'"  sing N N 259 
MGT "O4'" "C1'"  sing N N 260 
MGT "C3'" "O3'"  sing N N 261 
MGT "C3'" "C2'"  sing N N 262 
MGT "C3'" "H3'"  sing N N 263 
MGT "O3'" "HO3'" sing N N 264 
MGT "C2'" "O2'"  sing N N 265 
MGT "C2'" "C1'"  sing N N 266 
MGT "C2'" "H2'"  sing N N 267 
MGT "O2'" "HO2'" sing N N 268 
MGT "C1'" N9     sing N N 269 
MGT "C1'" "H1'"  sing N N 270 
MGT N9    C8     sing N N 271 
MGT N9    C4     sing N N 272 
MGT C8    N7     sing N N 273 
MGT C8    H81    sing N N 274 
MGT C8    H82    sing N N 275 
MGT N7    CM7    sing N N 276 
MGT N7    C5     sing N N 277 
MGT CM7   HM71   sing N N 278 
MGT CM7   HM72   sing N N 279 
MGT CM7   HM73   sing N N 280 
MGT C5    C6     sing N N 281 
MGT C5    C4     doub N N 282 
MGT C6    O6     doub N N 283 
MGT C6    N1     sing N N 284 
MGT N1    C2     sing N N 285 
MGT N1    HN1    sing N N 286 
MGT C2    N2     sing N N 287 
MGT C2    N3     doub N N 288 
MGT N2    HN21   sing N N 289 
MGT N2    HN22   sing N N 290 
MGT N3    C4     sing N N 291 
PHE N     CA     sing N N 292 
PHE N     H      sing N N 293 
PHE N     H2     sing N N 294 
PHE CA    C      sing N N 295 
PHE CA    CB     sing N N 296 
PHE CA    HA     sing N N 297 
PHE C     O      doub N N 298 
PHE C     OXT    sing N N 299 
PHE CB    CG     sing N N 300 
PHE CB    HB2    sing N N 301 
PHE CB    HB3    sing N N 302 
PHE CG    CD1    doub Y N 303 
PHE CG    CD2    sing Y N 304 
PHE CD1   CE1    sing Y N 305 
PHE CD1   HD1    sing N N 306 
PHE CD2   CE2    doub Y N 307 
PHE CD2   HD2    sing N N 308 
PHE CE1   CZ     doub Y N 309 
PHE CE1   HE1    sing N N 310 
PHE CE2   CZ     sing Y N 311 
PHE CE2   HE2    sing N N 312 
PHE CZ    HZ     sing N N 313 
PHE OXT   HXT    sing N N 314 
PRO N     CA     sing N N 315 
PRO N     CD     sing N N 316 
PRO N     H      sing N N 317 
PRO CA    C      sing N N 318 
PRO CA    CB     sing N N 319 
PRO CA    HA     sing N N 320 
PRO C     O      doub N N 321 
PRO C     OXT    sing N N 322 
PRO CB    CG     sing N N 323 
PRO CB    HB2    sing N N 324 
PRO CB    HB3    sing N N 325 
PRO CG    CD     sing N N 326 
PRO CG    HG2    sing N N 327 
PRO CG    HG3    sing N N 328 
PRO CD    HD2    sing N N 329 
PRO CD    HD3    sing N N 330 
PRO OXT   HXT    sing N N 331 
SER N     CA     sing N N 332 
SER N     H      sing N N 333 
SER N     H2     sing N N 334 
SER CA    C      sing N N 335 
SER CA    CB     sing N N 336 
SER CA    HA     sing N N 337 
SER C     O      doub N N 338 
SER C     OXT    sing N N 339 
SER CB    OG     sing N N 340 
SER CB    HB2    sing N N 341 
SER CB    HB3    sing N N 342 
SER OG    HG     sing N N 343 
SER OXT   HXT    sing N N 344 
THR N     CA     sing N N 345 
THR N     H      sing N N 346 
THR N     H2     sing N N 347 
THR CA    C      sing N N 348 
THR CA    CB     sing N N 349 
THR CA    HA     sing N N 350 
THR C     O      doub N N 351 
THR C     OXT    sing N N 352 
THR CB    OG1    sing N N 353 
THR CB    CG2    sing N N 354 
THR CB    HB     sing N N 355 
THR OG1   HG1    sing N N 356 
THR CG2   HG21   sing N N 357 
THR CG2   HG22   sing N N 358 
THR CG2   HG23   sing N N 359 
THR OXT   HXT    sing N N 360 
TRP N     CA     sing N N 361 
TRP N     H      sing N N 362 
TRP N     H2     sing N N 363 
TRP CA    C      sing N N 364 
TRP CA    CB     sing N N 365 
TRP CA    HA     sing N N 366 
TRP C     O      doub N N 367 
TRP C     OXT    sing N N 368 
TRP CB    CG     sing N N 369 
TRP CB    HB2    sing N N 370 
TRP CB    HB3    sing N N 371 
TRP CG    CD1    doub Y N 372 
TRP CG    CD2    sing Y N 373 
TRP CD1   NE1    sing Y N 374 
TRP CD1   HD1    sing N N 375 
TRP CD2   CE2    doub Y N 376 
TRP CD2   CE3    sing Y N 377 
TRP NE1   CE2    sing Y N 378 
TRP NE1   HE1    sing N N 379 
TRP CE2   CZ2    sing Y N 380 
TRP CE3   CZ3    doub Y N 381 
TRP CE3   HE3    sing N N 382 
TRP CZ2   CH2    doub Y N 383 
TRP CZ2   HZ2    sing N N 384 
TRP CZ3   CH2    sing Y N 385 
TRP CZ3   HZ3    sing N N 386 
TRP CH2   HH2    sing N N 387 
TRP OXT   HXT    sing N N 388 
TYR N     CA     sing N N 389 
TYR N     H      sing N N 390 
TYR N     H2     sing N N 391 
TYR CA    C      sing N N 392 
TYR CA    CB     sing N N 393 
TYR CA    HA     sing N N 394 
TYR C     O      doub N N 395 
TYR C     OXT    sing N N 396 
TYR CB    CG     sing N N 397 
TYR CB    HB2    sing N N 398 
TYR CB    HB3    sing N N 399 
TYR CG    CD1    doub Y N 400 
TYR CG    CD2    sing Y N 401 
TYR CD1   CE1    sing Y N 402 
TYR CD1   HD1    sing N N 403 
TYR CD2   CE2    doub Y N 404 
TYR CD2   HD2    sing N N 405 
TYR CE1   CZ     doub Y N 406 
TYR CE1   HE1    sing N N 407 
TYR CE2   CZ     sing Y N 408 
TYR CE2   HE2    sing N N 409 
TYR CZ    OH     sing N N 410 
TYR OH    HH     sing N N 411 
TYR OXT   HXT    sing N N 412 
VAL N     CA     sing N N 413 
VAL N     H      sing N N 414 
VAL N     H2     sing N N 415 
VAL CA    C      sing N N 416 
VAL CA    CB     sing N N 417 
VAL CA    HA     sing N N 418 
VAL C     O      doub N N 419 
VAL C     OXT    sing N N 420 
VAL CB    CG1    sing N N 421 
VAL CB    CG2    sing N N 422 
VAL CB    HB     sing N N 423 
VAL CG1   HG11   sing N N 424 
VAL CG1   HG12   sing N N 425 
VAL CG1   HG13   sing N N 426 
VAL CG2   HG21   sing N N 427 
VAL CG2   HG22   sing N N 428 
VAL CG2   HG23   sing N N 429 
VAL OXT   HXT    sing N N 430 
# 
loop_
_pdbx_audit_support.funding_organization 
_pdbx_audit_support.country 
_pdbx_audit_support.grant_number 
_pdbx_audit_support.ordinal 
'Helmholtz Association'                              Germany ? 1 
'German Federal Ministry for Education and Research' Germany ? 2 
# 
_pdbx_initial_refinement_model.id               1 
_pdbx_initial_refinement_model.entity_id_list   ? 
_pdbx_initial_refinement_model.type             'experimental model' 
_pdbx_initial_refinement_model.source_name      PDB 
_pdbx_initial_refinement_model.accession_code   2VQZ 
_pdbx_initial_refinement_model.details          ? 
# 
_space_group.name_H-M_alt     'P 65' 
_space_group.name_Hall        'P 65' 
_space_group.IT_number        170 
_space_group.crystal_system   hexagonal 
_space_group.id               1 
# 
_atom_sites.entry_id                    9I2O 
_atom_sites.Cartn_transf_matrix[1][1]   ? 
_atom_sites.Cartn_transf_matrix[1][2]   ? 
_atom_sites.Cartn_transf_matrix[1][3]   ? 
_atom_sites.Cartn_transf_matrix[2][1]   ? 
_atom_sites.Cartn_transf_matrix[2][2]   ? 
_atom_sites.Cartn_transf_matrix[2][3]   ? 
_atom_sites.Cartn_transf_matrix[3][1]   ? 
_atom_sites.Cartn_transf_matrix[3][2]   ? 
_atom_sites.Cartn_transf_matrix[3][3]   ? 
_atom_sites.Cartn_transf_vector[1]      ? 
_atom_sites.Cartn_transf_vector[2]      ? 
_atom_sites.Cartn_transf_vector[3]      ? 
_atom_sites.Cartn_transform_axes        ? 
_atom_sites.fract_transf_matrix[1][1]   0.00842803 
_atom_sites.fract_transf_matrix[1][2]   0.00935859 
_atom_sites.fract_transf_matrix[1][3]   -0.00639365 
_atom_sites.fract_transf_matrix[2][1]   0.00256214 
_atom_sites.fract_transf_matrix[2][2]   0.01249593 
_atom_sites.fract_transf_matrix[2][3]   0.00606653 
_atom_sites.fract_transf_matrix[3][1]   0.01437982 
_atom_sites.fract_transf_matrix[3][2]   -0.00710321 
_atom_sites.fract_transf_matrix[3][3]   0.00855812 
_atom_sites.fract_transf_vector[1]      -0.460859 
_atom_sites.fract_transf_vector[2]      -0.000131 
_atom_sites.fract_transf_vector[3]      0.047479 
_atom_sites.solution_primary            ? 
_atom_sites.solution_secondary          ? 
_atom_sites.solution_hydrogens          ? 
_atom_sites.special_details             ? 
# 
loop_
_atom_type.symbol 
_atom_type.scat_dispersion_real 
_atom_type.scat_dispersion_imag 
_atom_type.scat_Cromer_Mann_a1 
_atom_type.scat_Cromer_Mann_a2 
_atom_type.scat_Cromer_Mann_a3 
_atom_type.scat_Cromer_Mann_a4 
_atom_type.scat_Cromer_Mann_b1 
_atom_type.scat_Cromer_Mann_b2 
_atom_type.scat_Cromer_Mann_b3 
_atom_type.scat_Cromer_Mann_b4 
_atom_type.scat_Cromer_Mann_c 
_atom_type.scat_source 
_atom_type.scat_dispersion_source 
C ? ? 3.54356 2.42580 ? ? 25.62398 1.50364  ? ? 0.0 
;2-Gaussian fit: Grosse-Kunstleve RW, Sauter NK, Adams PD: Newsletter of the IUCr Commission on Crystallographic Computing 2004, 3, 22-31.
;
? 
H ? ? 0.51345 0.48472 ? ? 24.73122 6.32584  ? ? 0.0 
;2-Gaussian fit: Grosse-Kunstleve RW, Sauter NK, Adams PD: Newsletter of the IUCr Commission on Crystallographic Computing 2004, 3, 22-31.
;
? 
N ? ? 4.01032 2.96436 ? ? 19.97189 1.75589  ? ? 0.0 
;2-Gaussian fit: Grosse-Kunstleve RW, Sauter NK, Adams PD: Newsletter of the IUCr Commission on Crystallographic Computing 2004, 3, 22-31.
;
? 
O ? ? 4.49882 3.47563 ? ? 15.80542 1.70748  ? ? 0.0 
;2-Gaussian fit: Grosse-Kunstleve RW, Sauter NK, Adams PD: Newsletter of the IUCr Commission on Crystallographic Computing 2004, 3, 22-31.
;
? 
P ? ? 9.51135 5.44231 ? ? 1.42069  35.72801 ? ? 0.0 
;2-Gaussian fit: Grosse-Kunstleve RW, Sauter NK, Adams PD: Newsletter of the IUCr Commission on Crystallographic Computing 2004, 3, 22-31.
;
? 
S ? ? 9.55732 6.39887 ? ? 1.23737  29.19336 ? ? 0.0 
;2-Gaussian fit: Grosse-Kunstleve RW, Sauter NK, Adams PD: Newsletter of the IUCr Commission on Crystallographic Computing 2004, 3, 22-31.
;
? 
# 
loop_
_atom_site.group_PDB 
_atom_site.id 
_atom_site.type_symbol 
_atom_site.label_atom_id 
_atom_site.label_alt_id 
_atom_site.label_comp_id 
_atom_site.label_asym_id 
_atom_site.label_entity_id 
_atom_site.label_seq_id 
_atom_site.pdbx_PDB_ins_code 
_atom_site.Cartn_x 
_atom_site.Cartn_y 
_atom_site.Cartn_z 
_atom_site.occupancy 
_atom_site.B_iso_or_equiv 
_atom_site.pdbx_formal_charge 
_atom_site.auth_seq_id 
_atom_site.auth_comp_id 
_atom_site.auth_asym_id 
_atom_site.auth_atom_id 
_atom_site.pdbx_PDB_model_num 
ATOM   1    N N      . SER A 1 26  ? -12.83667 -3.67094  14.75726  1.000 65.43449  ? 321 SER A N      1 
ATOM   2    C CA     . SER A 1 26  ? -12.40145 -2.46513  14.06427  1.000 60.42434  ? 321 SER A CA     1 
ATOM   3    C C      . SER A 1 26  ? -10.88609 -2.25325  14.15086  1.000 56.98361  ? 321 SER A C      1 
ATOM   4    O O      . SER A 1 26  ? -10.40278 -1.17211  13.80128  1.000 47.16220  ? 321 SER A O      1 
ATOM   5    C CB     . SER A 1 26  ? -13.12096 -1.23350  14.63004  1.000 56.27693  ? 321 SER A CB     1 
ATOM   6    O OG     . SER A 1 26  ? -14.52318 -1.34030  14.46880  1.000 58.29678  ? 321 SER A OG     1 
ATOM   7    N N      . SER A 1 27  ? -10.14215 -3.27082  14.60013  1.000 45.72525  ? 322 SER A N      1 
ATOM   8    C CA     . SER A 1 27  ? -8.70873  -3.11228  14.83029  1.000 49.87618  ? 322 SER A CA     1 
ATOM   9    C C      . SER A 1 27  ? -7.96186  -4.41535  14.56553  1.000 48.59011  ? 322 SER A C      1 
ATOM   10   O O      . SER A 1 27  ? -8.34984  -5.47010  15.07513  1.000 48.66232  ? 322 SER A O      1 
ATOM   11   C CB     . SER A 1 27  ? -8.44940  -2.63688  16.26218  1.000 52.75050  ? 322 SER A CB     1 
ATOM   12   O OG     . SER A 1 27  ? -7.14019  -2.11434  16.39290  1.000 58.03118  ? 322 SER A OG     1 
ATOM   13   N N      . PHE A 1 28  ? -6.87345  -4.32905  13.79963  1.000 38.68844  ? 323 PHE A N      1 
ATOM   14   C CA     . PHE A 1 28  ? -6.07850  -5.49083  13.40509  1.000 37.68867  ? 323 PHE A CA     1 
ATOM   15   C C      . PHE A 1 28  ? -4.69237  -5.00615  12.99008  1.000 36.85466  ? 323 PHE A C      1 
ATOM   16   O O      . PHE A 1 28  ? -4.43521  -3.80257  12.90073  1.000 32.93828  ? 323 PHE A O      1 
ATOM   17   C CB     . PHE A 1 28  ? -6.74116  -6.24325  12.25411  1.000 31.46738  ? 323 PHE A CB     1 
ATOM   18   C CG     . PHE A 1 28  ? -7.03269  -5.36738  11.07711  1.000 34.18779  ? 323 PHE A CG     1 
ATOM   19   C CD1    . PHE A 1 28  ? -8.21345  -4.63981  11.02061  1.000 39.88953  ? 323 PHE A CD1    1 
ATOM   20   C CD2    . PHE A 1 28  ? -6.10721  -5.23646  10.05125  1.000 32.44335  ? 323 PHE A CD2    1 
ATOM   21   C CE1    . PHE A 1 28  ? -8.48549  -3.80717  9.95556   1.000 40.71007  ? 323 PHE A CE1    1 
ATOM   22   C CE2    . PHE A 1 28  ? -6.36642  -4.39945  8.97810   1.000 36.88905  ? 323 PHE A CE2    1 
ATOM   23   C CZ     . PHE A 1 28  ? -7.56308  -3.68577  8.92872   1.000 37.39535  ? 323 PHE A CZ     1 
ATOM   24   N N      . SER A 1 29  ? -3.80960  -5.94712  12.67131  1.000 31.86987  ? 324 SER A N      1 
ATOM   25   C CA     . SER A 1 29  ? -2.46673  -5.56342  12.25549  1.000 32.78633  ? 324 SER A CA     1 
ATOM   26   C C      . SER A 1 29  ? -2.11647  -6.19307  10.91216  1.000 34.50350  ? 324 SER A C      1 
ATOM   27   O O      . SER A 1 29  ? -2.54906  -7.30160  10.58386  1.000 33.43417  ? 324 SER A O      1 
ATOM   28   C CB     . SER A 1 29  ? -1.41510  -5.94417  13.30623  1.000 34.67210  ? 324 SER A CB     1 
ATOM   29   O OG     . SER A 1 29  ? -1.27298  -7.34547  13.35861  1.000 56.29546  ? 324 SER A OG     1 
ATOM   30   N N      . PHE A 1 30  ? -1.31948  -5.46466  10.13620  1.000 30.09723  ? 325 PHE A N      1 
ATOM   31   C CA     . PHE A 1 30  ? -0.89516  -5.92464  8.82250   1.000 25.90268  ? 325 PHE A CA     1 
ATOM   32   C C      . PHE A 1 30  ? 0.42240   -5.24426  8.50369   1.000 24.69497  ? 325 PHE A C      1 
ATOM   33   O O      . PHE A 1 30  ? 0.52148   -4.02270  8.62213   1.000 23.75361  ? 325 PHE A O      1 
ATOM   34   C CB     . PHE A 1 30  ? -1.93747  -5.60079  7.73760   1.000 24.50920  ? 325 PHE A CB     1 
ATOM   35   C CG     . PHE A 1 30  ? -1.47769  -5.95610  6.34437   1.000 26.78417  ? 325 PHE A CG     1 
ATOM   36   C CD1    . PHE A 1 30  ? -1.28109  -7.28744  5.98205   1.000 34.20403  ? 325 PHE A CD1    1 
ATOM   37   C CD2    . PHE A 1 30  ? -1.20736  -4.96348  5.41436   1.000 24.48764  ? 325 PHE A CD2    1 
ATOM   38   C CE1    . PHE A 1 30  ? -0.83721  -7.62004  4.69909   1.000 33.32371  ? 325 PHE A CE1    1 
ATOM   39   C CE2    . PHE A 1 30  ? -0.77178  -5.26603  4.15284   1.000 25.56550  ? 325 PHE A CE2    1 
ATOM   40   C CZ     . PHE A 1 30  ? -0.58199  -6.60232  3.77775   1.000 33.71010  ? 325 PHE A CZ     1 
ATOM   41   N N      . GLY A 1 31  ? 1.43110   -6.03022  8.13134   1.000 25.60770  ? 326 GLY A N      1 
ATOM   42   C CA     . GLY A 1 31  ? 2.70052   -5.45107  7.70476   1.000 27.27436  ? 326 GLY A CA     1 
ATOM   43   C C      . GLY A 1 31  ? 3.40704   -4.62332  8.75812   1.000 29.51380  ? 326 GLY A C      1 
ATOM   44   O O      . GLY A 1 31  ? 4.16310   -3.70504  8.41908   1.000 27.10035  ? 326 GLY A O      1 
ATOM   45   N N      . GLY A 1 32  ? 3.19897   -4.93093  10.03412  1.000 25.34324  ? 327 GLY A N      1 
ATOM   46   C CA     . GLY A 1 32  ? 3.81319   -4.14036  11.09245  1.000 25.98157  ? 327 GLY A CA     1 
ATOM   47   C C      . GLY A 1 32  ? 3.02246   -2.92243  11.54169  1.000 27.49288  ? 327 GLY A C      1 
ATOM   48   O O      . GLY A 1 32  ? 3.47140   -2.20878  12.45021  1.000 29.61231  ? 327 GLY A O      1 
ATOM   49   N N      . PHE A 1 33  ? 1.87512   -2.64340  10.93149  1.000 22.75649  ? 328 PHE A N      1 
ATOM   50   C CA     . PHE A 1 33  ? 1.04572   -1.50988  11.31193  1.000 25.31055  ? 328 PHE A CA     1 
ATOM   51   C C      . PHE A 1 33  ? -0.24184  -2.00122  11.95005  1.000 27.12839  ? 328 PHE A C      1 
ATOM   52   O O      . PHE A 1 33  ? -0.81703  -3.00712  11.51910  1.000 28.91877  ? 328 PHE A O      1 
ATOM   53   C CB     . PHE A 1 33  ? 0.70264   -0.62981  10.10399  1.000 25.36736  ? 328 PHE A CB     1 
ATOM   54   C CG     . PHE A 1 33  ? 1.88444   0.10837   9.55729   1.000 26.42362  ? 328 PHE A CG     1 
ATOM   55   C CD1    . PHE A 1 33  ? 2.77653   -0.52639  8.70849   1.000 27.81204  ? 328 PHE A CD1    1 
ATOM   56   C CD2    . PHE A 1 33  ? 2.13353   1.41891   9.93005   1.000 26.11920  ? 328 PHE A CD2    1 
ATOM   57   C CE1    . PHE A 1 33  ? 3.89341   0.12964   8.22547   1.000 28.10983  ? 328 PHE A CE1    1 
ATOM   58   C CE2    . PHE A 1 33  ? 3.27622   2.08543   9.44585   1.000 25.60327  ? 328 PHE A CE2    1 
ATOM   59   C CZ     . PHE A 1 33  ? 4.12775   1.44803   8.58744   1.000 25.55588  ? 328 PHE A CZ     1 
ATOM   60   N N      . THR A 1 34  ? -0.69900  -1.26637  12.95570  1.000 25.68846  ? 329 THR A N      1 
ATOM   61   C CA     . THR A 1 34  ? -2.03065  -1.45127  13.51398  1.000 30.08653  ? 329 THR A CA     1 
ATOM   62   C C      . THR A 1 34  ? -3.00881  -0.56374  12.75150  1.000 33.28288  ? 329 THR A C      1 
ATOM   63   O O      . THR A 1 34  ? -2.82338  0.65509   12.67987  1.000 28.23228  ? 329 THR A O      1 
ATOM   64   C CB     . THR A 1 34  ? -2.02624  -1.10228  15.00071  1.000 32.54307  ? 329 THR A CB     1 
ATOM   65   O OG1    . THR A 1 34  ? -1.10578  -1.95901  15.67645  1.000 31.39147  ? 329 THR A OG1    1 
ATOM   66   C CG2    . THR A 1 34  ? -3.40857  -1.27857  15.60519  1.000 37.00275  ? 329 THR A CG2    1 
ATOM   67   N N      . PHE A 1 35  ? -4.04274  -1.17358  12.17151  1.000 28.47544  ? 330 PHE A N      1 
ATOM   68   C CA     . PHE A 1 35  ? -5.07231  -0.44459  11.44925  1.000 29.46274  ? 330 PHE A CA     1 
ATOM   69   C C      . PHE A 1 35  ? -6.25641  -0.24199  12.38400  1.000 34.71014  ? 330 PHE A C      1 
ATOM   70   O O      . PHE A 1 35  ? -6.66828  -1.18055  13.07238  1.000 34.72628  ? 330 PHE A O      1 
ATOM   71   C CB     . PHE A 1 35  ? -5.51231  -1.20825  10.19465  1.000 26.63685  ? 330 PHE A CB     1 
ATOM   72   C CG     . PHE A 1 35  ? -4.51078  -1.17756  9.08187   1.000 28.46818  ? 330 PHE A CG     1 
ATOM   73   C CD1    . PHE A 1 35  ? -3.30403  -1.87517  9.19590   1.000 26.11152  ? 330 PHE A CD1    1 
ATOM   74   C CD2    . PHE A 1 35  ? -4.77094  -0.47669  7.91851   1.000 26.40111  ? 330 PHE A CD2    1 
ATOM   75   C CE1    . PHE A 1 35  ? -2.38277  -1.85635  8.17312   1.000 22.89369  ? 330 PHE A CE1    1 
ATOM   76   C CE2    . PHE A 1 35  ? -3.84064  -0.44253  6.88742   1.000 26.41791  ? 330 PHE A CE2    1 
ATOM   77   C CZ     . PHE A 1 35  ? -2.64112  -1.14731  7.01807   1.000 25.96096  ? 330 PHE A CZ     1 
ATOM   78   N N      . LYS A 1 36  ? -6.78433  0.98193   12.42703  1.000 31.36615  ? 331 LYS A N      1 
ATOM   79   C CA     . LYS A 1 36  ? -7.96349  1.30264   13.23127  1.000 34.20785  ? 331 LYS A CA     1 
ATOM   80   C C      . LYS A 1 36  ? -9.01119  1.90681   12.30640  1.000 32.99955  ? 331 LYS A C      1 
ATOM   81   O O      . LYS A 1 36  ? -8.81322  3.00772   11.77803  1.000 27.90727  ? 331 LYS A O      1 
ATOM   82   C CB     . LYS A 1 36  ? -7.60711  2.27134   14.36054  1.000 45.33581  ? 331 LYS A CB     1 
ATOM   83   C CG     . LYS A 1 36  ? -8.47505  2.12676   15.60241  1.000 64.58532  ? 331 LYS A CG     1 
ATOM   84   C CD     . LYS A 1 36  ? -8.49844  3.39935   16.44653  1.000 68.67303  ? 331 LYS A CD     1 
ATOM   85   C CE     . LYS A 1 36  ? -7.09461  3.88326   16.78938  1.000 79.01476  ? 331 LYS A CE     1 
ATOM   86   N NZ     . LYS A 1 36  ? -7.09820  4.75608   18.00264  1.000 84.36023  ? 331 LYS A NZ     1 
ATOM   87   N N      . ARG A 1 37  ? -10.11812 1.19697   12.09605  1.000 29.32578  ? 332 ARG A N      1 
ATOM   88   C CA     . ARG A 1 37  ? -11.14585 1.73401   11.21676  1.000 31.46232  ? 332 ARG A CA     1 
ATOM   89   C C      . ARG A 1 37  ? -11.86824 2.87647   11.91152  1.000 34.21395  ? 332 ARG A C      1 
ATOM   90   O O      . ARG A 1 37  ? -12.35638 2.72595   13.03428  1.000 36.34223  ? 332 ARG A O      1 
ATOM   91   C CB     . ARG A 1 37  ? -12.14540 0.65990   10.79595  1.000 31.68600  ? 332 ARG A CB     1 
ATOM   92   C CG     . ARG A 1 37  ? -13.11946 1.17088   9.72871   1.000 32.70958  ? 332 ARG A CG     1 
ATOM   93   C CD     . ARG A 1 37  ? -13.94503 0.03356   9.15176   1.000 33.91724  ? 332 ARG A CD     1 
ATOM   94   N NE     . ARG A 1 37  ? -14.52552 -0.76450  10.22130  1.000 37.72931  ? 332 ARG A NE     1 
ATOM   95   C CZ     . ARG A 1 37  ? -15.01684 -1.98397  10.06363  1.000 47.40134  ? 332 ARG A CZ     1 
ATOM   96   N NH1    . ARG A 1 37  ? -15.04583 -2.56833  8.87589   1.000 43.28347  ? 332 ARG A NH1    1 
ATOM   97   N NH2    . ARG A 1 37  ? -15.49074 -2.63286  11.12413  1.000 48.85711  ? 332 ARG A NH2    1 
ATOM   98   N N      . THR A 1 38  ? -11.93993 4.02376   11.24153  1.000 33.70145  ? 333 THR A N      1 
ATOM   99   C CA     . THR A 1 38  ? -12.62419 5.17181   11.81008  1.000 35.06490  ? 333 THR A CA     1 
ATOM   100  C C      . THR A 1 38  ? -13.95272 5.47786   11.12662  1.000 36.33100  ? 333 THR A C      1 
ATOM   101  O O      . THR A 1 38  ? -14.76964 6.21363   11.69282  1.000 37.05892  ? 333 THR A O      1 
ATOM   102  C CB     . THR A 1 38  ? -11.71436 6.41022   11.75578  1.000 33.63218  ? 333 THR A CB     1 
ATOM   103  O OG1    . THR A 1 38  ? -11.31723 6.66243   10.40183  1.000 34.60713  ? 333 THR A OG1    1 
ATOM   104  C CG2    . THR A 1 38  ? -10.45829 6.19301   12.60212  1.000 34.99199  ? 333 THR A CG2    1 
ATOM   105  N N      . SER A 1 39  ? -14.20113 4.92371   9.94559   1.000 31.83844  ? 334 SER A N      1 
ATOM   106  C CA     . SER A 1 39  ? -15.44616 5.16986   9.23342   1.000 33.12865  ? 334 SER A CA     1 
ATOM   107  C C      . SER A 1 39  ? -15.64461 4.08182   8.18491   1.000 36.89843  ? 334 SER A C      1 
ATOM   108  O O      . SER A 1 39  ? -14.67822 3.47021   7.71516   1.000 33.23591  ? 334 SER A O      1 
ATOM   109  C CB     . SER A 1 39  ? -15.44507 6.55400   8.57232   1.000 34.69661  ? 334 SER A CB     1 
ATOM   110  O OG     . SER A 1 39  ? -16.71883 6.86245   8.05624   1.000 55.28438  ? 334 SER A OG     1 
ATOM   111  N N      . GLY A 1 40  ? -16.90548 3.86681   7.80388   1.000 35.89567  ? 335 GLY A N      1 
ATOM   112  C CA     . GLY A 1 40  ? -17.21054 2.87859   6.78881   1.000 31.93960  ? 335 GLY A CA     1 
ATOM   113  C C      . GLY A 1 40  ? -17.32076 1.46697   7.33829   1.000 33.44195  ? 335 GLY A C      1 
ATOM   114  O O      . GLY A 1 40  ? -17.29274 1.21563   8.54875   1.000 37.74653  ? 335 GLY A O      1 
ATOM   115  N N      . SER A 1 41  ? -17.46852 0.52506   6.40744   1.000 36.12655  ? 336 SER A N      1 
ATOM   116  C CA     . SER A 1 41  ? -17.53057 -0.89705  6.73213   1.000 40.74410  ? 336 SER A CA     1 
ATOM   117  C C      . SER A 1 41  ? -17.26981 -1.68712  5.45412   1.000 34.98581  ? 336 SER A C      1 
ATOM   118  O O      . SER A 1 41  ? -17.17422 -1.12617  4.35752   1.000 34.49500  ? 336 SER A O      1 
ATOM   119  C CB     . SER A 1 41  ? -18.87979 -1.28480  7.34658   1.000 47.83732  ? 336 SER A CB     1 
ATOM   120  O OG     . SER A 1 41  ? -19.92735 -1.07413  6.40718   1.000 44.08243  ? 336 SER A OG     1 
ATOM   121  N N      . SER A 1 42  ? -17.15140 -3.00245  5.60574   1.000 36.40587  ? 337 SER A N      1 
ATOM   122  C CA     . SER A 1 42  ? -16.87465 -3.82882  4.44028   1.000 35.31927  ? 337 SER A CA     1 
ATOM   123  C C      . SER A 1 42  ? -17.33143 -5.25004  4.71882   1.000 38.40161  ? 337 SER A C      1 
ATOM   124  O O      . SER A 1 42  ? -17.53056 -5.64377  5.87045   1.000 38.71830  ? 337 SER A O      1 
ATOM   125  C CB     . SER A 1 42  ? -15.38289 -3.80168  4.05738   1.000 38.69980  ? 337 SER A CB     1 
ATOM   126  O OG     . SER A 1 42  ? -14.54505 -4.32788  5.08311   1.000 37.11394  ? 337 SER A OG     1 
ATOM   127  N N      . VAL A 1 43  ? -17.51398 -6.00781  3.63883   1.000 32.69445  ? 338 VAL A N      1 
ATOM   128  C CA     . VAL A 1 43  ? -17.69203 -7.45298  3.70680   1.000 32.37041  ? 338 VAL A CA     1 
ATOM   129  C C      . VAL A 1 43  ? -16.52801 -8.09627  2.96349   1.000 37.99397  ? 338 VAL A C      1 
ATOM   130  O O      . VAL A 1 43  ? -15.88578 -7.46633  2.12169   1.000 35.90312  ? 338 VAL A O      1 
ATOM   131  C CB     . VAL A 1 43  ? -19.03460 -7.89814  3.10845   1.000 34.75326  ? 338 VAL A CB     1 
ATOM   132  C CG1    . VAL A 1 43  ? -20.17676 -7.28121  3.88662   1.000 48.71154  ? 338 VAL A CG1    1 
ATOM   133  C CG2    . VAL A 1 43  ? -19.11584 -7.45929  1.65083   1.000 38.65346  ? 338 VAL A CG2    1 
ATOM   134  N N      . LYS A 1 44  ? -16.24141 -9.35515  3.29999   1.000 32.17022  ? 339 LYS A N      1 
ATOM   135  C CA     . LYS A 1 44  ? -15.10914 -10.07880 2.72738   1.000 34.32145  ? 339 LYS A CA     1 
ATOM   136  C C      . LYS A 1 44  ? -15.59095 -11.09345 1.70082   1.000 34.02756  ? 339 LYS A C      1 
ATOM   137  O O      . LYS A 1 44  ? -16.62750 -11.73581 1.89197   1.000 41.49397  ? 339 LYS A O      1 
ATOM   138  C CB     . LYS A 1 44  ? -14.31597 -10.83097 3.80411   1.000 40.81035  ? 339 LYS A CB     1 
ATOM   139  C CG     . LYS A 1 44  ? -13.94976 -10.04283 5.04184   1.000 52.61996  ? 339 LYS A CG     1 
ATOM   140  C CD     . LYS A 1 44  ? -13.17982 -10.93032 6.03121   1.000 54.61020  ? 339 LYS A CD     1 
ATOM   141  C CE     . LYS A 1 44  ? -13.23197 -10.37101 7.45510   1.000 67.66439  ? 339 LYS A CE     1 
ATOM   142  N NZ     . LYS A 1 44  ? -14.62919 -10.38737 8.00094   1.000 81.29015  ? 339 LYS A NZ     1 
ATOM   143  N N      . LYS A 1 45  ? -14.81420 -11.27267 0.63350   1.000 33.54081  ? 340 LYS A N      1 
ATOM   144  C CA     . LYS A 1 45  ? -15.09981 -12.34142 -0.31577  1.000 35.48587  ? 340 LYS A CA     1 
ATOM   145  C C      . LYS A 1 45  ? -13.80039 -12.74083 -0.99662  1.000 35.70969  ? 340 LYS A C      1 
ATOM   146  O O      . LYS A 1 45  ? -12.93808 -11.89438 -1.24570  1.000 35.38088  ? 340 LYS A O      1 
ATOM   147  C CB     . LYS A 1 45  ? -16.15096 -11.93098 -1.35879  1.000 35.99020  ? 340 LYS A CB     1 
ATOM   148  C CG     . LYS A 1 45  ? -15.62497 -11.04711 -2.48688  1.000 41.83405  ? 340 LYS A CG     1 
ATOM   149  C CD     . LYS A 1 45  ? -16.60505 -11.01633 -3.66734  1.000 51.69847  ? 340 LYS A CD     1 
ATOM   150  C CE     . LYS A 1 45  ? -16.59504 -12.30367 -4.47991  1.000 51.17327  ? 340 LYS A CE     1 
ATOM   151  N NZ     . LYS A 1 45  ? -15.49791 -12.31209 -5.49340  1.000 49.77755  ? 340 LYS A NZ     1 
ATOM   152  N N      . GLU A 1 46  ? -13.65247 -14.03323 -1.26983  1.000 36.49501  ? 341 GLU A N      1 
ATOM   153  C CA     . GLU A 1 46  ? -12.47327 -14.49838 -1.98385  1.000 30.45695  ? 341 GLU A CA     1 
ATOM   154  C C      . GLU A 1 46  ? -12.59219 -14.11444 -3.45247  1.000 34.76586  ? 341 GLU A C      1 
ATOM   155  O O      . GLU A 1 46  ? -13.67222 -14.16405 -4.03720  1.000 32.36406  ? 341 GLU A O      1 
ATOM   156  C CB     . GLU A 1 46  ? -12.32085 -16.01349 -1.84053  1.000 38.61380  ? 341 GLU A CB     1 
ATOM   157  C CG     . GLU A 1 46  ? -12.03796 -16.48659 -0.42754  1.000 47.33671  ? 341 GLU A CG     1 
ATOM   158  C CD     . GLU A 1 46  ? -10.61424 -16.18906 0.02800   1.000 56.53640  ? 341 GLU A CD     1 
ATOM   159  O OE1    . GLU A 1 46  ? -9.71935  -16.05165 -0.83237  1.000 56.67362  ? 341 GLU A OE1    1 
ATOM   160  O OE2    . GLU A 1 46  ? -10.38546 -16.09616 1.25297   1.000 66.29541  ? 341 GLU A OE2    1 
ATOM   161  N N      . GLU A 1 47  ? -11.46829 -13.72682 -4.05059  1.000 31.11941  ? 342 GLU A N      1 
ATOM   162  C CA     . GLU A 1 47  ? -11.47095 -13.25374 -5.42799  1.000 29.00862  ? 342 GLU A CA     1 
ATOM   163  C C      . GLU A 1 47  ? -10.15658 -13.64129 -6.09234  1.000 31.51009  ? 342 GLU A C      1 
ATOM   164  O O      . GLU A 1 47  ? -9.10404  -13.61925 -5.45390  1.000 30.34655  ? 342 GLU A O      1 
ATOM   165  C CB     . GLU A 1 47  ? -11.63813 -11.73857 -5.46920  1.000 31.99406  ? 342 GLU A CB     1 
ATOM   166  C CG     . GLU A 1 47  ? -11.95297 -11.15822 -6.81700  1.000 42.96288  ? 342 GLU A CG     1 
ATOM   167  C CD     . GLU A 1 47  ? -12.50140 -9.75078  -6.67782  1.000 48.93011  ? 342 GLU A CD     1 
ATOM   168  O OE1    . GLU A 1 47  ? -13.61488 -9.60398  -6.13156  1.000 47.23786  ? 342 GLU A OE1    1 
ATOM   169  O OE2    . GLU A 1 47  ? -11.81064 -8.78755  -7.06943  1.000 42.69815  ? 342 GLU A OE2    1 
ATOM   170  N N      . GLU A 1 48  ? -10.21498 -13.96012 -7.37937  1.000 28.09231  ? 343 GLU A N      1 
ATOM   171  C CA     . GLU A 1 48  ? -9.00995  -14.22300 -8.15426  1.000 27.56834  ? 343 GLU A CA     1 
ATOM   172  C C      . GLU A 1 48  ? -8.54433  -12.95332 -8.86122  1.000 29.19968  ? 343 GLU A C      1 
ATOM   173  O O      . GLU A 1 48  ? -9.36392  -12.18648 -9.36786  1.000 32.61761  ? 343 GLU A O      1 
ATOM   174  C CB     . GLU A 1 48  ? -9.26157  -15.33382 -9.17712  1.000 32.72841  ? 343 GLU A CB     1 
ATOM   175  C CG     . GLU A 1 48  ? -9.44889  -16.71324 -8.56378  1.000 38.33044  ? 343 GLU A CG     1 
ATOM   176  C CD     . GLU A 1 48  ? -9.50745  -17.83609 -9.60315  1.000 61.84171  ? 343 GLU A CD     1 
ATOM   177  O OE1    . GLU A 1 48  ? -9.10930  -18.97504 -9.27432  1.000 69.71357  ? 343 GLU A OE1    1 
ATOM   178  O OE2    . GLU A 1 48  ? -9.96031  -17.58592 -10.74273 1.000 62.86039  ? 343 GLU A OE2    1 
ATOM   179  N N      . VAL A 1 49  ? -7.22415  -12.72959 -8.89300  1.000 27.29944  ? 344 VAL A N      1 
ATOM   180  C CA     . VAL A 1 49  ? -6.63596  -11.57312 -9.56175  1.000 28.71597  ? 344 VAL A CA     1 
ATOM   181  C C      . VAL A 1 49  ? -5.45463  -12.05116 -10.40016 1.000 27.80158  ? 344 VAL A C      1 
ATOM   182  O O      . VAL A 1 49  ? -4.85625  -13.08343 -10.11222 1.000 28.58869  ? 344 VAL A O      1 
ATOM   183  C CB     . VAL A 1 49  ? -6.18911  -10.49459 -8.55190  1.000 28.75630  ? 344 VAL A CB     1 
ATOM   184  C CG1    . VAL A 1 49  ? -7.36842  -10.08738 -7.68120  1.000 28.49103  ? 344 VAL A CG1    1 
ATOM   185  C CG2    . VAL A 1 49  ? -5.04290  -11.01456 -7.65442  1.000 25.66148  ? 344 VAL A CG2    1 
ATOM   186  N N      . LEU A 1 50  ? -5.12522  -11.29529 -11.45515 1.000 27.29807  ? 345 LEU A N      1 
ATOM   187  C CA     . LEU A 1 50  ? -4.01873  -11.64239 -12.35193 1.000 25.86276  ? 345 LEU A CA     1 
ATOM   188  C C      . LEU A 1 50  ? -2.84384  -10.68718 -12.15355 1.000 28.38028  ? 345 LEU A C      1 
ATOM   189  O O      . LEU A 1 50  ? -3.01622  -9.46786  -12.22154 1.000 27.32434  ? 345 LEU A O      1 
ATOM   190  C CB     . LEU A 1 50  ? -4.46479  -11.59586 -13.81996 1.000 29.51647  ? 345 LEU A CB     1 
ATOM   191  C CG     . LEU A 1 50  ? -5.14608  -12.84513 -14.38457 1.000 34.62261  ? 345 LEU A CG     1 
ATOM   192  C CD1    . LEU A 1 50  ? -5.75362  -12.55507 -15.76039 1.000 39.75332  ? 345 LEU A CD1    1 
ATOM   193  C CD2    . LEU A 1 50  ? -4.16400  -14.03021 -14.46425 1.000 27.21222  ? 345 LEU A CD2    1 
ATOM   194  N N      . THR A 1 51  ? -1.64736  -11.23424 -11.94406 1.000 27.05251  ? 346 THR A N      1 
ATOM   195  C CA     . THR A 1 51  ? -0.46634  -10.39116 -11.80576 1.000 25.87957  ? 346 THR A CA     1 
ATOM   196  C C      . THR A 1 51  ? -0.00546  -9.89658  -13.17703 1.000 28.63473  ? 346 THR A C      1 
ATOM   197  O O      . THR A 1 51  ? -0.54305  -10.27770 -14.21926 1.000 26.88138  ? 346 THR A O      1 
ATOM   198  C CB     . THR A 1 51  ? 0.66136   -11.15267 -11.11459 1.000 28.74369  ? 346 THR A CB     1 
ATOM   199  O OG1    . THR A 1 51  ? 1.21132   -12.12265 -12.01739 1.000 26.22192  ? 346 THR A OG1    1 
ATOM   200  C CG2    . THR A 1 51  ? 0.14390   -11.86629 -9.86971  1.000 25.91070  ? 346 THR A CG2    1 
ATOM   201  N N      . GLY A 1 52  ? 1.02338   -9.04883  -13.17967 1.000 26.03271  ? 347 GLY A N      1 
ATOM   202  C CA     . GLY A 1 52  ? 1.64053   -8.61662  -14.42602 1.000 30.87173  ? 347 GLY A CA     1 
ATOM   203  C C      . GLY A 1 52  ? 2.27001   -9.74989  -15.22496 1.000 32.70577  ? 347 GLY A C      1 
ATOM   204  O O      . GLY A 1 52  ? 2.46536   -9.61443  -16.44067 1.000 32.90866  ? 347 GLY A O      1 
ATOM   205  N N      . ASN A 1 53  ? 2.57784   -10.87030 -14.57282 1.000 28.02166  ? 348 ASN A N      1 
ATOM   206  C CA     . ASN A 1 53  ? 3.05940   -12.06529 -15.25623 1.000 25.74790  ? 348 ASN A CA     1 
ATOM   207  C C      . ASN A 1 53  ? 1.94132   -13.07421 -15.49415 1.000 26.24532  ? 348 ASN A C      1 
ATOM   208  O O      . ASN A 1 53  ? 2.21999   -14.25498 -15.73398 1.000 27.49361  ? 348 ASN A O      1 
ATOM   209  C CB     . ASN A 1 53  ? 4.19616   -12.71987 -14.46251 1.000 28.66698  ? 348 ASN A CB     1 
ATOM   210  C CG     . ASN A 1 53  ? 4.99335   -13.69455 -15.30553 1.000 28.78770  ? 348 ASN A CG     1 
ATOM   211  O OD1    . ASN A 1 53  ? 5.32159   -13.39662 -16.45399 1.000 34.64319  ? 348 ASN A OD1    1 
ATOM   212  N ND2    . ASN A 1 53  ? 5.26798   -14.87780 -14.76365 1.000 34.17786  ? 348 ASN A ND2    1 
ATOM   213  N N      . LEU A 1 54  ? 0.68171   -12.63113 -15.38465 1.000 27.27762  ? 349 LEU A N      1 
ATOM   214  C CA     . LEU A 1 54  ? -0.49950  -13.44187 -15.66783 1.000 26.51303  ? 349 LEU A CA     1 
ATOM   215  C C      . LEU A 1 54  ? -0.58162  -14.66895 -14.76904 1.000 25.17285  ? 349 LEU A C      1 
ATOM   216  O O      . LEU A 1 54  ? -1.11590  -15.70714 -15.17137 1.000 26.08370  ? 349 LEU A O      1 
ATOM   217  C CB     . LEU A 1 54  ? -0.55444  -13.84011 -17.14533 1.000 26.85526  ? 349 LEU A CB     1 
ATOM   218  C CG     . LEU A 1 54  ? -0.60876  -12.64588 -18.09539 1.000 34.01036  ? 349 LEU A CG     1 
ATOM   219  C CD1    . LEU A 1 54  ? -0.71718  -13.13034 -19.54953 1.000 33.53267  ? 349 LEU A CD1    1 
ATOM   220  C CD2    . LEU A 1 54  ? -1.79034  -11.72610 -17.73456 1.000 29.77865  ? 349 LEU A CD2    1 
ATOM   221  N N      . GLN A 1 55  ? -0.05423  -14.55485 -13.54595 1.000 22.43996  ? 350 GLN A N      1 
ATOM   222  C CA     . GLN A 1 55  ? -0.25579  -15.55783 -12.50928 1.000 24.60056  ? 350 GLN A CA     1 
ATOM   223  C C      . GLN A 1 55  ? -1.54429  -15.23176 -11.76298 1.000 26.56909  ? 350 GLN A C      1 
ATOM   224  O O      . GLN A 1 55  ? -1.81709  -14.06361 -11.47402 1.000 25.73857  ? 350 GLN A O      1 
ATOM   225  C CB     . GLN A 1 55  ? 0.93581   -15.56086 -11.54519 1.000 27.18329  ? 350 GLN A CB     1 
ATOM   226  C CG     . GLN A 1 55  ? 0.88906   -16.64436 -10.47380 1.000 31.34137  ? 350 GLN A CG     1 
ATOM   227  C CD     . GLN A 1 55  ? 2.12209   -16.61738 -9.58457  1.000 37.70698  ? 350 GLN A CD     1 
ATOM   228  O OE1    . GLN A 1 55  ? 2.89138   -15.64974 -9.59321  1.000 34.00311  ? 350 GLN A OE1    1 
ATOM   229  N NE2    . GLN A 1 55  ? 2.31786   -17.68372 -8.81755  1.000 37.62657  ? 350 GLN A NE2    1 
ATOM   230  N N      . THR A 1 56  ? -2.36246  -16.25199 -11.50600 1.000 26.78807  ? 351 THR A N      1 
ATOM   231  C CA     . THR A 1 56  ? -3.61094  -16.05785 -10.77455 1.000 25.16120  ? 351 THR A CA     1 
ATOM   232  C C      . THR A 1 56  ? -3.35255  -16.21939 -9.27865  1.000 29.95587  ? 351 THR A C      1 
ATOM   233  O O      . THR A 1 56  ? -2.81643  -17.24667 -8.85139  1.000 28.13055  ? 351 THR A O      1 
ATOM   234  C CB     . THR A 1 56  ? -4.68659  -17.05648 -11.22329 1.000 31.75349  ? 351 THR A CB     1 
ATOM   235  O OG1    . THR A 1 56  ? -5.02024  -16.84564 -12.60705 1.000 30.93861  ? 351 THR A OG1    1 
ATOM   236  C CG2    . THR A 1 56  ? -5.96237  -16.89398 -10.35712 1.000 29.28923  ? 351 THR A CG2    1 
ATOM   237  N N      . LEU A 1 57  ? -3.73801  -15.21216 -8.48403  1.000 27.30031  ? 352 LEU A N      1 
ATOM   238  C CA     . LEU A 1 57  ? -3.67253  -15.28758 -7.02723  1.000 25.37611  ? 352 LEU A CA     1 
ATOM   239  C C      . LEU A 1 57  ? -5.07677  -15.21051 -6.46142  1.000 28.54961  ? 352 LEU A C      1 
ATOM   240  O O      . LEU A 1 57  ? -5.92237  -14.47690 -6.98487  1.000 29.12024  ? 352 LEU A O      1 
ATOM   241  C CB     . LEU A 1 57  ? -2.85936  -14.13701 -6.41321  1.000 27.32082  ? 352 LEU A CB     1 
ATOM   242  C CG     . LEU A 1 57  ? -1.57847  -13.70922 -7.10431  1.000 27.31937  ? 352 LEU A CG     1 
ATOM   243  C CD1    . LEU A 1 57  ? -1.04629  -12.42852 -6.48798  1.000 31.92637  ? 352 LEU A CD1    1 
ATOM   244  C CD2    . LEU A 1 57  ? -0.55327  -14.80784 -6.97760  1.000 32.82740  ? 352 LEU A CD2    1 
ATOM   245  N N      . LYS A 1 58  ? -5.31755  -15.92614 -5.36458  1.000 24.86155  ? 353 LYS A N      1 
ATOM   246  C CA     . LYS A 1 58  ? -6.59330  -15.84692 -4.66253  1.000 29.15209  ? 353 LYS A CA     1 
ATOM   247  C C      . LYS A 1 58  ? -6.40920  -15.00881 -3.40318  1.000 32.40632  ? 353 LYS A C      1 
ATOM   248  O O      . LYS A 1 58  ? -5.62711  -15.37565 -2.52107  1.000 31.48205  ? 353 LYS A O      1 
ATOM   249  C CB     . LYS A 1 58  ? -7.11859  -17.23946 -4.31496  1.000 35.63651  ? 353 LYS A CB     1 
ATOM   250  C CG     . LYS A 1 58  ? -7.15644  -18.21833 -5.49475  1.000 55.06052  ? 353 LYS A CG     1 
ATOM   251  C CD     . LYS A 1 58  ? -7.90271  -19.50912 -5.14734  1.000 61.38638  ? 353 LYS A CD     1 
ATOM   252  C CE     . LYS A 1 58  ? -6.95252  -20.69811 -4.96055  1.000 71.16530  ? 353 LYS A CE     1 
ATOM   253  N NZ     . LYS A 1 58  ? -7.41711  -21.63669 -3.88654  1.000 68.09809  ? 353 LYS A NZ     1 
ATOM   254  N N      . ILE A 1 59  ? -7.10786  -13.87805 -3.32494  1.000 28.95399  ? 354 ILE A N      1 
ATOM   255  C CA     . ILE A 1 59  ? -6.98077  -12.97080 -2.19028  1.000 27.11833  ? 354 ILE A CA     1 
ATOM   256  C C      . ILE A 1 59  ? -8.36419  -12.73157 -1.61294  1.000 30.13075  ? 354 ILE A C      1 
ATOM   257  O O      . ILE A 1 59  ? -9.37331  -12.77928 -2.32663  1.000 28.04993  ? 354 ILE A O      1 
ATOM   258  C CB     . ILE A 1 59  ? -6.32645  -11.62328 -2.57539  1.000 30.30667  ? 354 ILE A CB     1 
ATOM   259  C CG1    . ILE A 1 59  ? -7.14739  -10.91692 -3.65120  1.000 31.22614  ? 354 ILE A CG1    1 
ATOM   260  C CG2    . ILE A 1 59  ? -4.87764  -11.83406 -3.04228  1.000 32.57561  ? 354 ILE A CG2    1 
ATOM   261  C CD1    . ILE A 1 59  ? -6.68068  -9.49730  -3.91226  1.000 34.08200  ? 354 ILE A CD1    1 
ATOM   262  N N      . ARG A 1 60  ? -8.40568  -12.44979 -0.31687  1.000 25.15995  ? 355 ARG A N      1 
ATOM   263  C CA     . ARG A 1 60  ? -9.65528  -12.10414 0.34926   1.000 28.94888  ? 355 ARG A CA     1 
ATOM   264  C C      . ARG A 1 60  ? -9.85573  -10.60624 0.18221   1.000 28.14737  ? 355 ARG A C      1 
ATOM   265  O O      . ARG A 1 60  ? -9.11322  -9.80988  0.76067   1.000 27.16386  ? 355 ARG A O      1 
ATOM   266  C CB     . ARG A 1 60  ? -9.63202  -12.49536 1.82599   1.000 33.39871  ? 355 ARG A CB     1 
ATOM   267  C CG     . ARG A 1 60  ? -11.02872 -12.90948 2.33844   1.000 44.60892  ? 355 ARG A CG     1 
ATOM   268  C CD     . ARG A 1 60  ? -11.05915 -13.25992 3.82800   1.000 54.68688  ? 355 ARG A CD     1 
ATOM   269  N NE     . ARG A 1 60  ? -10.37115 -14.50642 4.14791   1.000 66.35521  ? 355 ARG A NE     1 
ATOM   270  C CZ     . ARG A 1 60  ? -10.90993 -15.71338 4.02953   1.000 73.72802  ? 355 ARG A CZ     1 
ATOM   271  N NH1    . ARG A 1 60  ? -12.12898 -15.88111 3.53975   1.000 65.58317  ? 355 ARG A NH1    1 
ATOM   272  N NH2    . ARG A 1 60  ? -10.20438 -16.77990 4.40295   1.000 72.71693  ? 355 ARG A NH2    1 
ATOM   273  N N      . VAL A 1 61  ? -10.84893 -10.22860 -0.61932  1.000 26.85635  ? 356 VAL A N      1 
ATOM   274  C CA     . VAL A 1 61  ? -11.11875 -8.83179  -0.94167  1.000 26.14724  ? 356 VAL A CA     1 
ATOM   275  C C      . VAL A 1 61  ? -12.13532 -8.29603  0.04930   1.000 30.55300  ? 356 VAL A C      1 
ATOM   276  O O      . VAL A 1 61  ? -13.12940 -8.96729  0.35747   1.000 30.34507  ? 356 VAL A O      1 
ATOM   277  C CB     . VAL A 1 61  ? -11.62071 -8.69056  -2.39096  1.000 26.96348  ? 356 VAL A CB     1 
ATOM   278  C CG1    . VAL A 1 61  ? -12.10474 -7.25397  -2.67465  1.000 25.91067  ? 356 VAL A CG1    1 
ATOM   279  C CG2    . VAL A 1 61  ? -10.50330 -9.07870  -3.36569  1.000 30.03624  ? 356 VAL A CG2    1 
ATOM   280  N N      . HIS A 1 62  ? -11.87431 -7.10122  0.58200   1.000 26.25483  ? 357 HIS A N      1 
ATOM   281  C CA     . HIS A 1 62  ? -12.83234 -6.40791  1.43414   1.000 28.97454  ? 357 HIS A CA     1 
ATOM   282  C C      . HIS A 1 62  ? -13.59677 -5.41066  0.56690   1.000 30.42149  ? 357 HIS A C      1 
ATOM   283  O O      . HIS A 1 62  ? -12.98439 -4.58885  -0.11754  1.000 31.82657  ? 357 HIS A O      1 
ATOM   284  C CB     . HIS A 1 62  ? -12.13237 -5.71155  2.60111   1.000 30.52601  ? 357 HIS A CB     1 
ATOM   285  C CG     . HIS A 1 62  ? -11.71380 -6.65501  3.68733   1.000 33.35555  ? 357 HIS A CG     1 
ATOM   286  N ND1    . HIS A 1 62  ? -10.71624 -7.59081  3.51227   1.000 38.46011  ? 357 HIS A ND1    1 
ATOM   287  C CD2    . HIS A 1 62  ? -12.18323 -6.83559  4.94493   1.000 36.20001  ? 357 HIS A CD2    1 
ATOM   288  C CE1    . HIS A 1 62  ? -10.56870 -8.28912  4.62541   1.000 35.93510  ? 357 HIS A CE1    1 
ATOM   289  N NE2    . HIS A 1 62  ? -11.45169 -7.85657  5.50872   1.000 41.90153  ? 357 HIS A NE2    1 
ATOM   290  N N      . GLU A 1 63  ? -14.92035 -5.51989  0.55538   1.000 26.91174  ? 358 GLU A N      1 
ATOM   291  C CA     . GLU A 1 63  ? -15.75333 -4.71829  -0.33209  1.000 27.42747  ? 358 GLU A CA     1 
ATOM   292  C C      . GLU A 1 63  ? -16.42104 -3.65731  0.51560   1.000 29.26149  ? 358 GLU A C      1 
ATOM   293  O O      . GLU A 1 63  ? -17.14794 -3.98491  1.45289   1.000 29.82706  ? 358 GLU A O      1 
ATOM   294  C CB     . GLU A 1 63  ? -16.82131 -5.56308  -1.03122  1.000 28.13117  ? 358 GLU A CB     1 
ATOM   295  C CG     . GLU A 1 63  ? -16.30496 -6.71532  -1.86203  1.000 31.87199  ? 358 GLU A CG     1 
ATOM   296  C CD     . GLU A 1 63  ? -17.44876 -7.42336  -2.58849  1.000 38.67536  ? 358 GLU A CD     1 
ATOM   297  O OE1    . GLU A 1 63  ? -18.57584 -7.42716  -2.04698  1.000 39.37949  ? 358 GLU A OE1    1 
ATOM   298  O OE2    . GLU A 1 63  ? -17.22019 -7.96123  -3.68962  1.000 40.82857  ? 358 GLU A OE2    1 
ATOM   299  N N      . GLY A 1 64  ? -16.18127 -2.40010  0.18145   1.000 24.65590  ? 359 GLY A N      1 
ATOM   300  C CA     . GLY A 1 64  ? -16.77992 -1.29767  0.90940   1.000 26.29106  ? 359 GLY A CA     1 
ATOM   301  C C      . GLY A 1 64  ? -15.79732 -0.15663  1.08746   1.000 35.98985  ? 359 GLY A C      1 
ATOM   302  O O      . GLY A 1 64  ? -14.57576 -0.33995  1.10321   1.000 29.52208  ? 359 GLY A O      1 
ATOM   303  N N      . TYR A 1 65  ? -16.34170 1.03990   1.23911   1.000 27.47118  ? 360 TYR A N      1 
ATOM   304  C CA     . TYR A 1 65  ? -15.53650 2.21709   1.50800   1.000 25.42807  ? 360 TYR A CA     1 
ATOM   305  C C      . TYR A 1 65  ? -15.20345 2.25280   2.99412   1.000 26.56731  ? 360 TYR A C      1 
ATOM   306  O O      . TYR A 1 65  ? -16.08785 2.08667   3.83990   1.000 26.13086  ? 360 TYR A O      1 
ATOM   307  C CB     . TYR A 1 65  ? -16.29543 3.48318   1.07939   1.000 26.63737  ? 360 TYR A CB     1 
ATOM   308  C CG     . TYR A 1 65  ? -15.52969 4.74463   1.37520   1.000 26.73850  ? 360 TYR A CG     1 
ATOM   309  C CD1    . TYR A 1 65  ? -15.63812 5.37199   2.61220   1.000 26.25414  ? 360 TYR A CD1    1 
ATOM   310  C CD2    . TYR A 1 65  ? -14.68346 5.30072   0.42464   1.000 29.84688  ? 360 TYR A CD2    1 
ATOM   311  C CE1    . TYR A 1 65  ? -14.93931 6.52543   2.88932   1.000 26.54330  ? 360 TYR A CE1    1 
ATOM   312  C CE2    . TYR A 1 65  ? -13.95006 6.45200   0.70749   1.000 32.47464  ? 360 TYR A CE2    1 
ATOM   313  C CZ     . TYR A 1 65  ? -14.07990 7.05109   1.94572   1.000 29.67537  ? 360 TYR A CZ     1 
ATOM   314  O OH     . TYR A 1 65  ? -13.36758 8.19851   2.23056   1.000 31.73029  ? 360 TYR A OH     1 
ATOM   315  N N      . GLU A 1 66  ? -13.92102 2.44746   3.31367   1.000 27.19300  ? 361 GLU A N      1 
ATOM   316  C CA     . GLU A 1 66  ? -13.45904 2.48417   4.69499   1.000 25.27185  ? 361 GLU A CA     1 
ATOM   317  C C      . GLU A 1 66  ? -12.37272 3.54238   4.85456   1.000 26.93848  ? 361 GLU A C      1 
ATOM   318  O O      . GLU A 1 66  ? -11.59709 3.81015   3.93121   1.000 24.00778  ? 361 GLU A O      1 
ATOM   319  C CB     . GLU A 1 66  ? -12.88613 1.13913   5.14219   1.000 27.20847  ? 361 GLU A CB     1 
ATOM   320  C CG     . GLU A 1 66  ? -13.82298 -0.04787  4.98037   1.000 30.08592  ? 361 GLU A CG     1 
ATOM   321  C CD     . GLU A 1 66  ? -13.10216 -1.35324  5.23792   1.000 31.51552  ? 361 GLU A CD     1 
ATOM   322  O OE1    . GLU A 1 66  ? -12.16162 -1.66936  4.46355   1.000 30.83840  ? 361 GLU A OE1    1 
ATOM   323  O OE2    . GLU A 1 66  ? -13.46658 -2.04349  6.22187   1.000 37.21784  ? 361 GLU A OE2    1 
ATOM   324  N N      . GLU A 1 67  ? -12.31951 4.14499   6.03598   1.000 26.08114  ? 362 GLU A N      1 
ATOM   325  C CA     . GLU A 1 67  ? -11.21977 5.03177   6.39719   1.000 26.51028  ? 362 GLU A CA     1 
ATOM   326  C C      . GLU A 1 67  ? -10.52183 4.47500   7.62874   1.000 26.64882  ? 362 GLU A C      1 
ATOM   327  O O      . GLU A 1 67  ? -11.17347 3.91174   8.51886   1.000 26.44926  ? 362 GLU A O      1 
ATOM   328  C CB     . GLU A 1 67  ? -11.71278 6.45938   6.64207   1.000 27.82933  ? 362 GLU A CB     1 
ATOM   329  C CG     . GLU A 1 67  ? -12.54246 6.98642   5.46079   1.000 30.55793  ? 362 GLU A CG     1 
ATOM   330  C CD     . GLU A 1 67  ? -12.90069 8.46594   5.57365   1.000 41.33282  ? 362 GLU A CD     1 
ATOM   331  O OE1    . GLU A 1 67  ? -13.32388 9.02614   4.55180   1.000 38.17250  ? 362 GLU A OE1    1 
ATOM   332  O OE2    . GLU A 1 67  ? -12.78260 9.06765   6.66904   1.000 36.47259  ? 362 GLU A OE2    1 
ATOM   333  N N      . PHE A 1 68  ? -9.19082  4.61500   7.66502   1.000 22.75821  ? 363 PHE A N      1 
ATOM   334  C CA     . PHE A 1 68  ? -8.37068  3.99841   8.70558   1.000 23.03688  ? 363 PHE A CA     1 
ATOM   335  C C      . PHE A 1 68  ? -7.34375  4.98661   9.23728   1.000 29.11506  ? 363 PHE A C      1 
ATOM   336  O O      . PHE A 1 68  ? -6.93174  5.91597   8.54132   1.000 27.76007  ? 363 PHE A O      1 
ATOM   337  C CB     . PHE A 1 68  ? -7.57509  2.78218   8.19622   1.000 25.31716  ? 363 PHE A CB     1 
ATOM   338  C CG     . PHE A 1 68  ? -8.41831  1.63107   7.72840   1.000 24.29265  ? 363 PHE A CG     1 
ATOM   339  C CD1    . PHE A 1 68  ? -8.78954  0.63169   8.61430   1.000 25.52817  ? 363 PHE A CD1    1 
ATOM   340  C CD2    . PHE A 1 68  ? -8.80126  1.53061   6.40716   1.000 30.48658  ? 363 PHE A CD2    1 
ATOM   341  C CE1    . PHE A 1 68  ? -9.55992  -0.43644  8.19586   1.000 27.82301  ? 363 PHE A CE1    1 
ATOM   342  C CE2    . PHE A 1 68  ? -9.56991  0.46161   5.98283   1.000 29.15982  ? 363 PHE A CE2    1 
ATOM   343  C CZ     . PHE A 1 68  ? -9.93875  -0.51987  6.89160   1.000 24.30640  ? 363 PHE A CZ     1 
ATOM   344  N N      . THR A 1 69  ? -6.88924  4.75347   10.46760  1.000 25.94987  ? 364 THR A N      1 
ATOM   345  C CA     . THR A 1 69  ? -5.58834  5.25988   10.89955  1.000 27.49135  ? 364 THR A CA     1 
ATOM   346  C C      . THR A 1 69  ? -4.62334  4.08674   10.93803  1.000 29.54621  ? 364 THR A C      1 
ATOM   347  O O      . THR A 1 69  ? -4.96577  3.02832   11.46805  1.000 30.21741  ? 364 THR A O      1 
ATOM   348  C CB     . THR A 1 69  ? -5.63873  5.93252   12.27794  1.000 35.18714  ? 364 THR A CB     1 
ATOM   349  O OG1    . THR A 1 69  ? -6.05183  4.97975   13.26058  1.000 40.99985  ? 364 THR A OG1    1 
ATOM   350  C CG2    . THR A 1 69  ? -6.60935  7.11629   12.27375  1.000 29.57178  ? 364 THR A CG2    1 
ATOM   351  N N      . MET A 1 70  ? -3.43714  4.26592   10.35095  1.000 27.95880  ? 365 MET A N      1 
ATOM   352  C CA     . MET A 1 70  ? -2.35727  3.28065   10.38801  1.000 26.17646  ? 365 MET A CA     1 
ATOM   353  C C      . MET A 1 70  ? -1.31455  3.75873   11.39028  1.000 25.35580  ? 365 MET A C      1 
ATOM   354  O O      . MET A 1 70  ? -0.79653  4.87336   11.25656  1.000 30.65387  ? 365 MET A O      1 
ATOM   355  C CB     . MET A 1 70  ? -1.68515  3.11999   9.02284   1.000 31.35098  ? 365 MET A CB     1 
ATOM   356  C CG     . MET A 1 70  ? -2.49998  2.49606   7.92898   1.000 37.70347  ? 365 MET A CG     1 
ATOM   357  S SD     . MET A 1 70  ? -1.61462  2.57214   6.34837   1.000 37.57047  ? 365 MET A SD     1 
ATOM   358  C CE     . MET A 1 70  ? -0.04306  1.83182   6.66445   1.000 27.46265  ? 365 MET A CE     1 
ATOM   359  N N      . VAL A 1 71  ? -0.99598  2.93004   12.37854  1.000 24.01422  ? 366 VAL A N      1 
ATOM   360  C CA     . VAL A 1 71  ? -0.03385  3.30068   13.40998  1.000 25.12934  ? 366 VAL A CA     1 
ATOM   361  C C      . VAL A 1 71  ? 1.07303   2.26510   13.41306  1.000 24.10458  ? 366 VAL A C      1 
ATOM   362  O O      . VAL A 1 71  ? 0.82227   1.08476   13.67890  1.000 26.19893  ? 366 VAL A O      1 
ATOM   363  C CB     . VAL A 1 71  ? -0.68393  3.40813   14.79562  1.000 29.07781  ? 366 VAL A CB     1 
ATOM   364  C CG1    . VAL A 1 71  ? 0.37495   3.69319   15.84438  1.000 37.51434  ? 366 VAL A CG1    1 
ATOM   365  C CG2    . VAL A 1 71  ? -1.74352  4.50889   14.78775  1.000 34.56224  ? 366 VAL A CG2    1 
ATOM   366  N N      . GLY A 1 72  ? 2.29197   2.69714   13.09361  1.000 22.88957  ? 367 GLY A N      1 
ATOM   367  C CA     . GLY A 1 72  ? 3.45729   1.85496   13.19952  1.000 25.05495  ? 367 GLY A CA     1 
ATOM   368  C C      . GLY A 1 72  ? 4.42973   2.43459   14.21457  1.000 28.78035  ? 367 GLY A C      1 
ATOM   369  O O      . GLY A 1 72  ? 4.21126   3.51009   14.77672  1.000 24.53199  ? 367 GLY A O      1 
ATOM   370  N N      A ARG A 1 73  ? 5.51939   1.68939   14.42361  0.510 27.30361  ? 368 ARG A N      1 
ATOM   371  N N      B ARG A 1 73  ? 5.52736   1.71157   14.42054  0.490 27.30884  ? 368 ARG A N      1 
ATOM   372  C CA     A ARG A 1 73  ? 6.57502   2.14720   15.31824  0.510 30.97527  ? 368 ARG A CA     1 
ATOM   373  C CA     B ARG A 1 73  ? 6.51439   2.21514   15.36394  0.490 30.93531  ? 368 ARG A CA     1 
ATOM   374  C C      A ARG A 1 73  ? 7.26056   3.39734   14.78393  0.510 30.45891  ? 368 ARG A C      1 
ATOM   375  C C      B ARG A 1 73  ? 7.35754   3.34702   14.78997  0.490 30.43398  ? 368 ARG A C      1 
ATOM   376  O O      A ARG A 1 73  ? 7.67596   4.26066   15.56601  0.510 29.06090  ? 368 ARG A O      1 
ATOM   377  O O      B ARG A 1 73  ? 7.96624   4.09430   15.56268  0.490 29.29708  ? 368 ARG A O      1 
ATOM   378  C CB     A ARG A 1 73  ? 7.61337   1.03897   15.51023  0.510 31.76084  ? 368 ARG A CB     1 
ATOM   379  C CB     B ARG A 1 73  ? 7.42078   1.08095   15.84566  0.490 32.79790  ? 368 ARG A CB     1 
ATOM   380  C CG     A ARG A 1 73  ? 7.11411   -0.17763  16.26881  0.510 35.43888  ? 368 ARG A CG     1 
ATOM   381  C CG     B ARG A 1 73  ? 6.88444   0.38996   17.08786  0.490 34.19131  ? 368 ARG A CG     1 
ATOM   382  C CD     A ARG A 1 73  ? 7.30503   0.01043   17.76714  0.510 41.08302  ? 368 ARG A CD     1 
ATOM   383  C CD     B ARG A 1 73  ? 7.95932   -0.44208  17.79517  0.490 40.89646  ? 368 ARG A CD     1 
ATOM   384  N NE     A ARG A 1 73  ? 8.69105   0.31242   18.11594  0.510 39.49100  ? 368 ARG A NE     1 
ATOM   385  N NE     B ARG A 1 73  ? 7.74713   -0.42923  19.23825  0.490 43.75689  ? 368 ARG A NE     1 
ATOM   386  C CZ     A ARG A 1 73  ? 9.08916   0.68457   19.32503  0.510 33.10598  ? 368 ARG A CZ     1 
ATOM   387  C CZ     B ARG A 1 73  ? 6.97299   -1.28583  19.88847  0.490 43.22301  ? 368 ARG A CZ     1 
ATOM   388  N NH1    A ARG A 1 73  ? 8.24015   0.76695   20.33500  0.510 40.02497  ? 368 ARG A NH1    1 
ATOM   389  N NH1    B ARG A 1 73  ? 6.37340   -2.28541  19.26439  0.490 45.62061  ? 368 ARG A NH1    1 
ATOM   390  N NH2    A ARG A 1 73  ? 10.36807  0.98808   19.52320  0.510 31.33522  ? 368 ARG A NH2    1 
ATOM   391  N NH2    B ARG A 1 73  ? 6.79301   -1.13287  21.19653  0.490 47.64005  ? 368 ARG A NH2    1 
ATOM   392  N N      . ARG A 1 74  ? 7.40024   3.50467   13.46241  1.000 21.92524  ? 369 ARG A N      1 
ATOM   393  C CA     . ARG A 1 74  ? 8.22490   4.53502   12.84460  1.000 23.18305  ? 369 ARG A CA     1 
ATOM   394  C C      . ARG A 1 74  ? 7.44846   5.43932   11.89432  1.000 24.05101  ? 369 ARG A C      1 
ATOM   395  O O      . ARG A 1 74  ? 8.04581   6.33835   11.29897  1.000 22.90672  ? 369 ARG A O      1 
ATOM   396  C CB     . ARG A 1 74  ? 9.40571   3.88460   12.08718  1.000 22.19349  ? 369 ARG A CB     1 
ATOM   397  C CG     . ARG A 1 74  ? 10.20206  2.91510   12.99020  1.000 24.56445  ? 369 ARG A CG     1 
ATOM   398  C CD     . ARG A 1 74  ? 11.34064  2.21039   12.24242  1.000 25.35926  ? 369 ARG A CD     1 
ATOM   399  N NE     . ARG A 1 74  ? 12.42545  3.12613   11.91309  1.000 27.58006  ? 369 ARG A NE     1 
ATOM   400  C CZ     . ARG A 1 74  ? 13.37480  3.50737   12.76030  1.000 33.76324  ? 369 ARG A CZ     1 
ATOM   401  N NH1    . ARG A 1 74  ? 13.37364  3.11720   14.02890  1.000 29.77777  ? 369 ARG A NH1    1 
ATOM   402  N NH2    . ARG A 1 74  ? 14.34445  4.31173   12.32945  1.000 33.12539  ? 369 ARG A NH2    1 
ATOM   403  N N      . ALA A 1 75  ? 6.15218   5.21584   11.72516  1.000 22.07811  ? 370 ALA A N      1 
ATOM   404  C CA     . ALA A 1 75  ? 5.35305   6.00004   10.78828  1.000 22.13566  ? 370 ALA A CA     1 
ATOM   405  C C      . ALA A 1 75  ? 3.88617   5.85803   11.16797  1.000 25.38958  ? 370 ALA A C      1 
ATOM   406  O O      . ALA A 1 75  ? 3.49577   4.91739   11.86346  1.000 25.85539  ? 370 ALA A O      1 
ATOM   407  C CB     . ALA A 1 75  ? 5.59298   5.54968   9.34098   1.000 21.53283  ? 370 ALA A CB     1 
ATOM   408  N N      . THR A 1 76  ? 3.08264   6.82352   10.73477  1.000 26.42114  ? 371 THR A N      1 
ATOM   409  C CA     . THR A 1 76  ? 1.63349   6.72161   10.88579  1.000 26.48577  ? 371 THR A CA     1 
ATOM   410  C C      . THR A 1 76  ? 0.97810   7.35966   9.67641   1.000 26.01814  ? 371 THR A C      1 
ATOM   411  O O      . THR A 1 76  ? 1.57938   8.18357   8.98468   1.000 27.43694  ? 371 THR A O      1 
ATOM   412  C CB     . THR A 1 76  ? 1.12148   7.38209   12.18195  1.000 37.95508  ? 371 THR A CB     1 
ATOM   413  O OG1    . THR A 1 76  ? 1.31409   8.79879   12.11397  1.000 45.28365  ? 371 THR A OG1    1 
ATOM   414  C CG2    . THR A 1 76  ? 1.86881   6.84216   13.39049  1.000 36.03187  ? 371 THR A CG2    1 
ATOM   415  N N      . ALA A 1 77  ? -0.28080  6.99555   9.42667   1.000 23.95763  ? 372 ALA A N      1 
ATOM   416  C CA     . ALA A 1 77  ? -0.90360  7.55853   8.24683   1.000 24.74214  ? 372 ALA A CA     1 
ATOM   417  C C      . ALA A 1 77  ? -2.41037  7.53830   8.42478   1.000 30.71325  ? 372 ALA A C      1 
ATOM   418  O O      . ALA A 1 77  ? -2.95369  6.81846   9.26533   1.000 27.18401  ? 372 ALA A O      1 
ATOM   419  C CB     . ALA A 1 77  ? -0.48252  6.78711   6.98123   1.000 24.61093  ? 372 ALA A CB     1 
ATOM   420  N N      . ILE A 1 78  ? -3.07104  8.35611   7.62238   1.000 27.40156  ? 373 ILE A N      1 
ATOM   421  C CA     . ILE A 1 78  ? -4.51032  8.29259   7.43999   1.000 24.13014  ? 373 ILE A CA     1 
ATOM   422  C C      . ILE A 1 78  ? -4.76967  7.72085   6.05577   1.000 22.55166  ? 373 ILE A C      1 
ATOM   423  O O      . ILE A 1 78  ? -4.24942  8.23133   5.06012   1.000 24.51226  ? 373 ILE A O      1 
ATOM   424  C CB     . ILE A 1 78  ? -5.15855  9.67797   7.59327   1.000 27.94548  ? 373 ILE A CB     1 
ATOM   425  C CG1    . ILE A 1 78  ? -5.35686  10.01704  9.08194   1.000 35.03048  ? 373 ILE A CG1    1 
ATOM   426  C CG2    . ILE A 1 78  ? -6.50115  9.69862   6.88385   1.000 37.44560  ? 373 ILE A CG2    1 
ATOM   427  C CD1    . ILE A 1 78  ? -4.10449  9.91008   9.92454   1.000 47.91486  ? 373 ILE A CD1    1 
ATOM   428  N N      . LEU A 1 79  ? -5.60806  6.69253   5.98660   1.000 25.67181  ? 374 LEU A N      1 
ATOM   429  C CA     . LEU A 1 79  ? -5.89074  5.99670   4.73939   1.000 22.58013  ? 374 LEU A CA     1 
ATOM   430  C C      . LEU A 1 79  ? -7.38985  6.02237   4.46672   1.000 21.75488  ? 374 LEU A C      1 
ATOM   431  O O      . LEU A 1 79  ? -8.18565  5.67642   5.34113   1.000 24.55790  ? 374 LEU A O      1 
ATOM   432  C CB     . LEU A 1 79  ? -5.38205  4.54680   4.81352   1.000 26.81784  ? 374 LEU A CB     1 
ATOM   433  C CG     . LEU A 1 79  ? -5.85649  3.56995   3.74474   1.000 27.80650  ? 374 LEU A CG     1 
ATOM   434  C CD1    . LEU A 1 79  ? -5.37758  4.03611   2.38009   1.000 29.76959  ? 374 LEU A CD1    1 
ATOM   435  C CD2    . LEU A 1 79  ? -5.27239  2.19343   4.07103   1.000 30.83322  ? 374 LEU A CD2    1 
ATOM   436  N N      . ARG A 1 80  ? -7.76514  6.41637   3.24824   1.000 23.85544  ? 375 ARG A N      1 
ATOM   437  C CA     . ARG A 1 80  ? -9.12832  6.27881   2.74135   1.000 22.56242  ? 375 ARG A CA     1 
ATOM   438  C C      . ARG A 1 80  ? -9.09560  5.33681   1.54697   1.000 22.07260  ? 375 ARG A C      1 
ATOM   439  O O      . ARG A 1 80  ? -8.31225  5.55159   0.61259   1.000 24.00340  ? 375 ARG A O      1 
ATOM   440  C CB     . ARG A 1 80  ? -9.70094  7.63608   2.32245   1.000 25.33337  ? 375 ARG A CB     1 
ATOM   441  C CG     . ARG A 1 80  ? -9.81374  8.61580   3.47155   1.000 29.70643  ? 375 ARG A CG     1 
ATOM   442  C CD     . ARG A 1 80  ? -10.27211 9.99850   2.97734   1.000 34.08905  ? 375 ARG A CD     1 
ATOM   443  N NE     . ARG A 1 80  ? -10.35261 10.92641  4.09659   1.000 37.37198  ? 375 ARG A NE     1 
ATOM   444  C CZ     . ARG A 1 80  ? -10.57724 12.22651  3.97935   1.000 41.69179  ? 375 ARG A CZ     1 
ATOM   445  N NH1    . ARG A 1 80  ? -10.73849 12.79404  2.79386   1.000 38.35798  ? 375 ARG A NH1    1 
ATOM   446  N NH2    . ARG A 1 80  ? -10.64426 12.97459  5.07929   1.000 41.31296  ? 375 ARG A NH2    1 
ATOM   447  N N      . LYS A 1 81  ? -9.94245  4.30487   1.56808   1.000 23.05585  ? 376 LYS A N      1 
ATOM   448  C CA     . LYS A 1 81  ? -9.91640  3.30525   0.51070   1.000 22.99868  ? 376 LYS A CA     1 
ATOM   449  C C      . LYS A 1 81  ? -11.33013 2.85708   0.15927   1.000 29.63937  ? 376 LYS A C      1 
ATOM   450  O O      . LYS A 1 81  ? -12.22868 2.84284   0.99946   1.000 25.39929  ? 376 LYS A O      1 
ATOM   451  C CB     . LYS A 1 81  ? -9.06289  2.07726   0.91529   1.000 26.42461  ? 376 LYS A CB     1 
ATOM   452  C CG     . LYS A 1 81  ? -9.72432  1.14324   1.90844   1.000 31.44754  ? 376 LYS A CG     1 
ATOM   453  C CD     . LYS A 1 81  ? -8.88981  -0.14816  2.13519   1.000 30.85960  ? 376 LYS A CD     1 
ATOM   454  C CE     . LYS A 1 81  ? -8.90380  -1.07043  0.92408   1.000 32.41530  ? 376 LYS A CE     1 
ATOM   455  N NZ     . LYS A 1 81  ? -10.16221 -1.88968  0.84421   1.000 34.54978  ? 376 LYS A NZ     1 
ATOM   456  N N      . ALA A 1 82  ? -11.51001 2.48028   -1.09390  1.000 29.55761  ? 377 ALA A N      1 
ATOM   457  C CA     . ALA A 1 82  ? -12.71208 1.80013   -1.53768  1.000 29.95409  ? 377 ALA A CA     1 
ATOM   458  C C      . ALA A 1 82  ? -12.31707 0.37506   -1.92193  1.000 31.15974  ? 377 ALA A C      1 
ATOM   459  O O      . ALA A 1 82  ? -11.18279 -0.05748  -1.69410  1.000 28.19662  ? 377 ALA A O      1 
ATOM   460  C CB     . ALA A 1 82  ? -13.35414 2.57674   -2.68353  1.000 30.13488  ? 377 ALA A CB     1 
ATOM   461  N N      . THR A 1 83  ? -13.25683 -0.36592  -2.50064  1.000 26.38209  ? 378 THR A N      1 
ATOM   462  C CA     . THR A 1 83  ? -12.94819 -1.73629  -2.88189  1.000 26.98876  ? 378 THR A CA     1 
ATOM   463  C C      . THR A 1 83  ? -11.80413 -1.71856  -3.87640  1.000 26.18559  ? 378 THR A C      1 
ATOM   464  O O      . THR A 1 83  ? -11.95304 -1.21385  -4.99483  1.000 24.51864  ? 378 THR A O      1 
ATOM   465  C CB     . THR A 1 83  ? -14.17946 -2.41848  -3.48353  1.000 23.30418  ? 378 THR A CB     1 
ATOM   466  O OG1    . THR A 1 83  ? -15.27010 -2.27335  -2.57095  1.000 24.16826  ? 378 THR A OG1    1 
ATOM   467  C CG2    . THR A 1 83  ? -13.90192 -3.90122  -3.68843  1.000 24.90733  ? 378 THR A CG2    1 
ATOM   468  N N      . ARG A 1 84  ? -10.65706 -2.25508  -3.47413  1.000 25.47674  ? 379 ARG A N      1 
ATOM   469  C CA     . ARG A 1 84  ? -9.49424  -2.37080  -4.35430  1.000 23.57932  ? 379 ARG A CA     1 
ATOM   470  C C      . ARG A 1 84  ? -9.07419  -1.01907  -4.94769  1.000 24.13211  ? 379 ARG A C      1 
ATOM   471  O O      . ARG A 1 84  ? -8.59614  -0.93445  -6.07609  1.000 22.96254  ? 379 ARG A O      1 
ATOM   472  C CB     . ARG A 1 84  ? -9.74354  -3.40592  -5.46103  1.000 26.96315  ? 379 ARG A CB     1 
ATOM   473  C CG     . ARG A 1 84  ? -10.05843 -4.79637  -4.91197  1.000 24.79490  ? 379 ARG A CG     1 
ATOM   474  C CD     . ARG A 1 84  ? -9.82445  -5.89877  -5.96843  1.000 31.60904  ? 379 ARG A CD     1 
ATOM   475  N NE     . ARG A 1 84  ? -8.44132  -5.89511  -6.43595  1.000 27.57860  ? 379 ARG A NE     1 
ATOM   476  C CZ     . ARG A 1 84  ? -8.02970  -6.34825  -7.61312  1.000 31.73041  ? 379 ARG A CZ     1 
ATOM   477  N NH1    . ARG A 1 84  ? -8.86125  -6.94562  -8.45812  1.000 29.93931  ? 379 ARG A NH1    1 
ATOM   478  N NH2    . ARG A 1 84  ? -6.75193  -6.19520  -7.95241  1.000 27.43135  ? 379 ARG A NH2    1 
ATOM   479  N N      . ARG A 1 85  ? -9.21715  0.06199   -4.18776  1.000 22.58484  ? 380 ARG A N      1 
ATOM   480  C CA     . ARG A 1 85  ? -8.79572  1.36335   -4.69445  1.000 22.06098  ? 380 ARG A CA     1 
ATOM   481  C C      . ARG A 1 85  ? -8.29912  2.18129   -3.51448  1.000 31.21679  ? 380 ARG A C      1 
ATOM   482  O O      . ARG A 1 85  ? -9.03599  2.37996   -2.54082  1.000 29.33995  ? 380 ARG A O      1 
ATOM   483  C CB     . ARG A 1 85  ? -9.94833  2.08437   -5.41201  1.000 28.47799  ? 380 ARG A CB     1 
ATOM   484  C CG     . ARG A 1 85  ? -9.48901  3.06955   -6.48254  1.000 39.59932  ? 380 ARG A CG     1 
ATOM   485  C CD     . ARG A 1 85  ? -10.58897 3.35790   -7.52122  1.000 42.08564  ? 380 ARG A CD     1 
ATOM   486  N NE     . ARG A 1 85  ? -11.87995 3.55866   -6.87456  1.000 38.80723  ? 380 ARG A NE     1 
ATOM   487  C CZ     . ARG A 1 85  ? -12.33527 4.73321   -6.46210  1.000 39.64422  ? 380 ARG A CZ     1 
ATOM   488  N NH1    . ARG A 1 85  ? -11.66715 5.85582   -6.69395  1.000 33.75140  ? 380 ARG A NH1    1 
ATOM   489  N NH2    . ARG A 1 85  ? -13.48189 4.78239   -5.78839  1.000 30.67363  ? 380 ARG A NH2    1 
ATOM   490  N N      . LEU A 1 86  ? -7.05419  2.62857   -3.57915  1.000 27.09194  ? 381 LEU A N      1 
ATOM   491  C CA     . LEU A 1 86  ? -6.57485  3.60154   -2.60860  1.000 26.18239  ? 381 LEU A CA     1 
ATOM   492  C C      . LEU A 1 86  ? -7.03677  4.98311   -3.07088  1.000 26.06976  ? 381 LEU A C      1 
ATOM   493  O O      . LEU A 1 86  ? -6.75941  5.39430   -4.20304  1.000 28.10757  ? 381 LEU A O      1 
ATOM   494  C CB     . LEU A 1 86  ? -5.05932  3.53853   -2.46790  1.000 23.42091  ? 381 LEU A CB     1 
ATOM   495  C CG     . LEU A 1 86  ? -4.39219  4.41530   -1.40294  1.000 24.86870  ? 381 LEU A CG     1 
ATOM   496  C CD1    . LEU A 1 86  ? -3.04559  3.77493   -0.97521  1.000 23.20036  ? 381 LEU A CD1    1 
ATOM   497  C CD2    . LEU A 1 86  ? -4.12621  5.80962   -1.97297  1.000 27.46576  ? 381 LEU A CD2    1 
ATOM   498  N N      . ILE A 1 87  ? -7.78132  5.68106   -2.22434  1.000 25.18811  ? 382 ILE A N      1 
ATOM   499  C CA     . ILE A 1 87  ? -8.26119  7.02416   -2.55339  1.000 25.99462  ? 382 ILE A CA     1 
ATOM   500  C C      . ILE A 1 87  ? -7.32704  8.10697   -2.00495  1.000 29.81304  ? 382 ILE A C      1 
ATOM   501  O O      . ILE A 1 87  ? -6.93339  9.02629   -2.72651  1.000 26.47280  ? 382 ILE A O      1 
ATOM   502  C CB     . ILE A 1 87  ? -9.69675  7.19945   -2.02927  1.000 27.20405  ? 382 ILE A CB     1 
ATOM   503  C CG1    . ILE A 1 87  ? -10.59278 6.14298   -2.68883  1.000 30.88233  ? 382 ILE A CG1    1 
ATOM   504  C CG2    . ILE A 1 87  ? -10.19119 8.60672   -2.35812  1.000 31.44893  ? 382 ILE A CG2    1 
ATOM   505  C CD1    . ILE A 1 87  ? -11.97344 6.07612   -2.05799  1.000 35.55904  ? 382 ILE A CD1    1 
ATOM   506  N N      . GLN A 1 88  ? -6.94836  8.00604   -0.73798  1.000 24.87712  ? 383 GLN A N      1 
ATOM   507  C CA     . GLN A 1 88  ? -6.03823  8.99819   -0.17577  1.000 24.44860  ? 383 GLN A CA     1 
ATOM   508  C C      . GLN A 1 88  ? -5.16877  8.36588   0.89859   1.000 24.87238  ? 383 GLN A C      1 
ATOM   509  O O      . GLN A 1 88  ? -5.63311  7.52946   1.67286   1.000 24.54043  ? 383 GLN A O      1 
ATOM   510  C CB     . GLN A 1 88  ? -6.80655  10.18421  0.42488   1.000 28.82057  ? 383 GLN A CB     1 
ATOM   511  C CG     . GLN A 1 88  ? -5.96776  11.43065  0.65386   1.000 31.48377  ? 383 GLN A CG     1 
ATOM   512  C CD     . GLN A 1 88  ? -6.77581  12.55231  1.30611   1.000 50.90970  ? 383 GLN A CD     1 
ATOM   513  O OE1    . GLN A 1 88  ? -7.38058  12.35822  2.36007   1.000 48.32060  ? 383 GLN A OE1    1 
ATOM   514  N NE2    . GLN A 1 88  ? -6.79274  13.72494  0.67523   1.000 45.96733  ? 383 GLN A NE2    1 
ATOM   515  N N      . LEU A 1 89  ? -3.91848  8.79913   0.96814   1.000 20.79699  ? 384 LEU A N      1 
ATOM   516  C CA     . LEU A 1 89  ? -3.01624  8.32730   2.01231   1.000 20.85325  ? 384 LEU A CA     1 
ATOM   517  C C      . LEU A 1 89  ? -2.14049  9.50237   2.39811   1.000 22.51418  ? 384 LEU A C      1 
ATOM   518  O O      . LEU A 1 89  ? -1.42285  10.03419  1.54964   1.000 27.01361  ? 384 LEU A O      1 
ATOM   519  C CB     . LEU A 1 89  ? -2.15091  7.15344   1.52798   1.000 24.20118  ? 384 LEU A CB     1 
ATOM   520  C CG     . LEU A 1 89  ? -1.11108  6.65871   2.55276   1.000 23.46283  ? 384 LEU A CG     1 
ATOM   521  C CD1    . LEU A 1 89  ? -1.76698  5.85557   3.64913   1.000 26.42600  ? 384 LEU A CD1    1 
ATOM   522  C CD2    . LEU A 1 89  ? 0.01933   5.86040   1.86758   1.000 26.37806  ? 384 LEU A CD2    1 
ATOM   523  N N      . ILE A 1 90  ? -2.24164  9.93627   3.64481   1.000 22.65835  ? 385 ILE A N      1 
ATOM   524  C CA     . ILE A 1 90  ? -1.40617  11.00659  4.17995   1.000 23.45530  ? 385 ILE A CA     1 
ATOM   525  C C      . ILE A 1 90  ? -0.50954  10.38227  5.23604   1.000 21.18192  ? 385 ILE A C      1 
ATOM   526  O O      . ILE A 1 90  ? -0.99455  9.91611   6.27687   1.000 25.48076  ? 385 ILE A O      1 
ATOM   527  C CB     . ILE A 1 90  ? -2.24636  12.14263  4.75830   1.000 25.03138  ? 385 ILE A CB     1 
ATOM   528  C CG1    . ILE A 1 90  ? -3.18022  12.70690  3.67052   1.000 27.64195  ? 385 ILE A CG1    1 
ATOM   529  C CG2    . ILE A 1 90  ? -1.31511  13.22685  5.33668   1.000 30.97455  ? 385 ILE A CG2    1 
ATOM   530  C CD1    . ILE A 1 90  ? -4.09722  13.77276  4.17625   1.000 35.76623  ? 385 ILE A CD1    1 
ATOM   531  N N      A VAL A 1 91  ? 0.79310   10.36146  4.96865   0.378 22.46359  ? 386 VAL A N      1 
ATOM   532  N N      B VAL A 1 91  ? 0.79609   10.37789  4.99573   0.622 22.45573  ? 386 VAL A N      1 
ATOM   533  C CA     A VAL A 1 91  ? 1.75385   9.62793   5.78104   0.378 23.80106  ? 386 VAL A CA     1 
ATOM   534  C CA     B VAL A 1 91  ? 1.72123   9.59581   5.80454   0.622 23.81908  ? 386 VAL A CA     1 
ATOM   535  C C      A VAL A 1 91  ? 2.70196   10.60914  6.45850   0.378 25.08088  ? 386 VAL A C      1 
ATOM   536  C C      B VAL A 1 91  ? 2.76621   10.51990  6.41094   0.622 25.11283  ? 386 VAL A C      1 
ATOM   537  O O      A VAL A 1 91  ? 3.06356   11.64832  5.89057   0.378 25.21475  ? 386 VAL A O      1 
ATOM   538  O O      B VAL A 1 91  ? 3.24746   11.44694  5.75052   0.622 24.78873  ? 386 VAL A O      1 
ATOM   539  C CB     A VAL A 1 91  ? 2.55106   8.60591   4.94456   0.378 23.84602  ? 386 VAL A CB     1 
ATOM   540  C CB     B VAL A 1 91  ? 2.38286   8.48038   4.97022   0.622 23.96302  ? 386 VAL A CB     1 
ATOM   541  C CG1    A VAL A 1 91  ? 3.39277   7.71010   5.84029   0.378 22.98122  ? 386 VAL A CG1    1 
ATOM   542  C CG1    B VAL A 1 91  ? 2.92622   9.03462   3.65002   0.622 23.01032  ? 386 VAL A CG1    1 
ATOM   543  C CG2    A VAL A 1 91  ? 1.63163   7.77532   4.06612   0.378 21.38765  ? 386 VAL A CG2    1 
ATOM   544  C CG2    B VAL A 1 91  ? 3.47656   7.78495   5.77440   0.622 22.97550  ? 386 VAL A CG2    1 
ATOM   545  N N      . SER A 1 92  ? 3.10375   10.27216  7.67765   1.000 24.90572  ? 387 SER A N      1 
ATOM   546  C CA     . SER A 1 92  ? 4.21785   10.94237  8.33038   1.000 28.04307  ? 387 SER A CA     1 
ATOM   547  C C      . SER A 1 92  ? 5.09754   9.88125   8.99757   1.000 28.38079  ? 387 SER A C      1 
ATOM   548  O O      . SER A 1 92  ? 4.64609   8.76695   9.26142   1.000 26.93484  ? 387 SER A O      1 
ATOM   549  C CB     . SER A 1 92  ? 3.73911   11.98926  9.34581   1.000 32.97898  ? 387 SER A CB     1 
ATOM   550  O OG     . SER A 1 92  ? 3.08127   11.39129  10.44537  1.000 37.93350  ? 387 SER A OG     1 
ATOM   551  N N      . GLY A 1 93  ? 6.36520   10.19757  9.23141   1.000 27.69520  ? 388 GLY A N      1 
ATOM   552  C CA     . GLY A 1 93  ? 7.21942   9.20773   9.87159   1.000 23.86923  ? 388 GLY A CA     1 
ATOM   553  C C      . GLY A 1 93  ? 8.60092   9.75705   10.15894  1.000 28.00268  ? 388 GLY A C      1 
ATOM   554  O O      . GLY A 1 93  ? 8.88555   10.93567  9.92694   1.000 26.87361  ? 388 GLY A O      1 
ATOM   555  N N      . ARG A 1 94  ? 9.47346   8.85932   10.63896  1.000 26.63958  ? 389 ARG A N      1 
ATOM   556  C CA     . ARG A 1 94  ? 10.79437  9.28749   11.09728  1.000 25.22511  ? 389 ARG A CA     1 
ATOM   557  C C      . ARG A 1 94  ? 11.66480  9.78151   9.94659   1.000 32.02611  ? 389 ARG A C      1 
ATOM   558  O O      . ARG A 1 94  ? 12.38351  10.77905  10.09296  1.000 29.03178  ? 389 ARG A O      1 
ATOM   559  C CB     . ARG A 1 94  ? 11.49522  8.14719   11.84810  1.000 29.74089  ? 389 ARG A CB     1 
ATOM   560  C CG     . ARG A 1 94  ? 10.88367  7.84380   13.21507  1.000 35.25808  ? 389 ARG A CG     1 
ATOM   561  C CD     . ARG A 1 94  ? 11.63784  6.72761   13.92640  1.000 42.94988  ? 389 ARG A CD     1 
ATOM   562  N NE     . ARG A 1 94  ? 12.96012  7.15737   14.36905  1.000 52.79254  ? 389 ARG A NE     1 
ATOM   563  C CZ     . ARG A 1 94  ? 13.27729  7.40433   15.63258  1.000 54.25740  ? 389 ARG A CZ     1 
ATOM   564  N NH1    . ARG A 1 94  ? 12.39305  7.25081   16.60583  1.000 51.18939  ? 389 ARG A NH1    1 
ATOM   565  N NH2    . ARG A 1 94  ? 14.51314  7.81066   15.92632  1.000 49.41462  ? 389 ARG A NH2    1 
ATOM   566  N N      . ASP A 1 95  ? 11.64053  9.09732   8.80457   1.000 23.50350  ? 390 ASP A N      1 
ATOM   567  C CA     . ASP A 1 95  ? 12.49030  9.47344   7.67874   1.000 22.47449  ? 390 ASP A CA     1 
ATOM   568  C C      . ASP A 1 95  ? 11.98001  8.74974   6.43782   1.000 26.34361  ? 390 ASP A C      1 
ATOM   569  O O      . ASP A 1 95  ? 10.95792  8.05776   6.47825   1.000 25.03656  ? 390 ASP A O      1 
ATOM   570  C CB     . ASP A 1 95  ? 13.96856  9.15204   7.95522   1.000 26.24883  ? 390 ASP A CB     1 
ATOM   571  C CG     . ASP A 1 95  ? 14.18759  7.70096   8.41266   1.000 38.06461  ? 390 ASP A CG     1 
ATOM   572  O OD1    . ASP A 1 95  ? 13.33507  6.82005   8.11893   1.000 30.62746  ? 390 ASP A OD1    1 
ATOM   573  O OD2    . ASP A 1 95  ? 15.20601  7.44842   9.10539   1.000 34.63771  ? 390 ASP A OD2    1 
ATOM   574  N N      . GLU A 1 96  ? 12.71022  8.90429   5.33248   1.000 22.42146  ? 391 GLU A N      1 
ATOM   575  C CA     . GLU A 1 96  ? 12.24680  8.36381   4.05725   1.000 26.70118  ? 391 GLU A CA     1 
ATOM   576  C C      . GLU A 1 96  ? 12.05251  6.84861   4.10873   1.000 27.63937  ? 391 GLU A C      1 
ATOM   577  O O      . GLU A 1 96  ? 11.10561  6.31460   3.51635   1.000 25.12672  ? 391 GLU A O      1 
ATOM   578  C CB     . GLU A 1 96  ? 13.22740  8.74379   2.94298   1.000 30.31161  ? 391 GLU A CB     1 
ATOM   579  C CG     . GLU A 1 96  ? 12.85519  8.17204   1.56983   1.000 31.56071  ? 391 GLU A CG     1 
ATOM   580  C CD     . GLU A 1 96  ? 13.38054  6.75619   1.35246   1.000 41.68914  ? 391 GLU A CD     1 
ATOM   581  O OE1    . GLU A 1 96  ? 14.43137  6.39832   1.92575   1.000 38.94137  ? 391 GLU A OE1    1 
ATOM   582  O OE2    . GLU A 1 96  ? 12.73511  5.98748   0.60974   1.000 45.54257  ? 391 GLU A OE2    1 
ATOM   583  N N      . GLN A 1 97  ? 12.94994  6.12683   4.77676   1.000 26.60732  ? 392 GLN A N      1 
ATOM   584  C CA     . GLN A 1 97  ? 12.80432  4.67837   4.76073   1.000 24.73300  ? 392 GLN A CA     1 
ATOM   585  C C      . GLN A 1 97  ? 11.50224  4.25359   5.42735   1.000 25.60167  ? 392 GLN A C      1 
ATOM   586  O O      . GLN A 1 97  ? 10.78160  3.39117   4.90916   1.000 24.22723  ? 392 GLN A O      1 
ATOM   587  C CB     . GLN A 1 97  ? 14.00514  4.01207   5.42988   1.000 28.79910  ? 392 GLN A CB     1 
ATOM   588  C CG     . GLN A 1 97  ? 14.01830  2.48486   5.25402   1.000 33.21675  ? 392 GLN A CG     1 
ATOM   589  C CD     . GLN A 1 97  ? 13.02890  1.74036   6.14826   1.000 32.19076  ? 392 GLN A CD     1 
ATOM   590  O OE1    . GLN A 1 97  ? 12.85312  2.07035   7.32597   1.000 32.05221  ? 392 GLN A OE1    1 
ATOM   591  N NE2    . GLN A 1 97  ? 12.38650  0.71340   5.58532   1.000 28.73280  ? 392 GLN A NE2    1 
ATOM   592  N N      . SER A 1 98  ? 11.16496  4.85940   6.56950   1.000 21.52387  ? 393 SER A N      1 
ATOM   593  C CA     . SER A 1 98  ? 9.94947   4.42990   7.24990   1.000 24.58131  ? 393 SER A CA     1 
ATOM   594  C C      . SER A 1 98  ? 8.69442   4.93964   6.54595   1.000 23.84534  ? 393 SER A C      1 
ATOM   595  O O      . SER A 1 98  ? 7.65876   4.26627   6.56335   1.000 23.83489  ? 393 SER A O      1 
ATOM   596  C CB     . SER A 1 98  ? 9.97214   4.87991   8.71284   1.000 30.87894  ? 393 SER A CB     1 
ATOM   597  O OG     . SER A 1 98  ? 9.84634   6.28979   8.83194   1.000 34.20378  ? 393 SER A OG     1 
ATOM   598  N N      . ILE A 1 99  ? 8.76097   6.11763   5.92962   1.000 21.23960  ? 394 ILE A N      1 
ATOM   599  C CA     . ILE A 1 99  ? 7.61665   6.61434   5.16842   1.000 19.47897  ? 394 ILE A CA     1 
ATOM   600  C C      . ILE A 1 99  ? 7.38222   5.74398   3.94156   1.000 21.36937  ? 394 ILE A C      1 
ATOM   601  O O      . ILE A 1 99  ? 6.24306   5.36070   3.64785   1.000 22.96412  ? 394 ILE A O      1 
ATOM   602  C CB     . ILE A 1 99  ? 7.83664   8.08480   4.78913   1.000 22.46483  ? 394 ILE A CB     1 
ATOM   603  C CG1    . ILE A 1 99  ? 7.80165   8.95186   6.04497   1.000 23.40314  ? 394 ILE A CG1    1 
ATOM   604  C CG2    . ILE A 1 99  ? 6.77764   8.53779   3.75022   1.000 22.21135  ? 394 ILE A CG2    1 
ATOM   605  C CD1    . ILE A 1 99  ? 8.38845   10.36113  5.82753   1.000 28.77642  ? 394 ILE A CD1    1 
ATOM   606  N N      . ALA A 1 100 ? 8.45470   5.39753   3.21506   1.000 21.57784  ? 395 ALA A N      1 
ATOM   607  C CA     . ALA A 1 100 ? 8.29468   4.50119   2.06862   1.000 24.23064  ? 395 ALA A CA     1 
ATOM   608  C C      . ALA A 1 100 ? 7.70110   3.16295   2.49207   1.000 26.73071  ? 395 ALA A C      1 
ATOM   609  O O      . ALA A 1 100 ? 6.87087   2.58471   1.77617   1.000 24.38645  ? 395 ALA A O      1 
ATOM   610  C CB     . ALA A 1 100 ? 9.63799   4.28211   1.36249   1.000 28.92695  ? 395 ALA A CB     1 
ATOM   611  N N      . GLU A 1 101 ? 8.12378   2.63880   3.64007   1.000 20.94026  ? 396 GLU A N      1 
ATOM   612  C CA     . GLU A 1 101 ? 7.59497   1.35068   4.07882   1.000 23.48410  ? 396 GLU A CA     1 
ATOM   613  C C      . GLU A 1 101 ? 6.09488   1.45024   4.35479   1.000 25.10370  ? 396 GLU A C      1 
ATOM   614  O O      . GLU A 1 101 ? 5.31421   0.57401   3.95807   1.000 23.64754  ? 396 GLU A O      1 
ATOM   615  C CB     . GLU A 1 101 ? 8.36246   0.87507   5.31105   1.000 24.05357  ? 396 GLU A CB     1 
ATOM   616  C CG     . GLU A 1 101 ? 7.85656   -0.44014  5.91502   1.000 27.11664  ? 396 GLU A CG     1 
ATOM   617  C CD     . GLU A 1 101 ? 7.91407   -1.62323  4.92785   1.000 34.06697  ? 396 GLU A CD     1 
ATOM   618  O OE1    . GLU A 1 101 ? 8.61894   -1.53084  3.89537   1.000 39.35746  ? 396 GLU A OE1    1 
ATOM   619  O OE2    . GLU A 1 101 ? 7.24622   -2.64973  5.19086   1.000 37.55029  ? 396 GLU A OE2    1 
ATOM   620  N N      . ALA A 1 102 ? 5.66838   2.54194   4.98320   1.000 19.25996  ? 397 ALA A N      1 
ATOM   621  C CA     . ALA A 1 102 ? 4.23629   2.75912   5.18660   1.000 20.81293  ? 397 ALA A CA     1 
ATOM   622  C C      . ALA A 1 102 ? 3.48432   2.85396   3.86314   1.000 21.37087  ? 397 ALA A C      1 
ATOM   623  O O      . ALA A 1 102 ? 2.35133   2.36921   3.75081   1.000 21.78340  ? 397 ALA A O      1 
ATOM   624  C CB     . ALA A 1 102 ? 4.00977   4.03202   6.00456   1.000 22.76402  ? 397 ALA A CB     1 
ATOM   625  N N      . ILE A 1 103 ? 4.06020   3.54090   2.87661   1.000 21.75051  ? 398 ILE A N      1 
ATOM   626  C CA     . ILE A 1 103 ? 3.40496   3.65705   1.56907   1.000 22.60756  ? 398 ILE A CA     1 
ATOM   627  C C      . ILE A 1 103 ? 3.24584   2.27812   0.92464   1.000 22.90096  ? 398 ILE A C      1 
ATOM   628  O O      . ILE A 1 103 ? 2.18098   1.94018   0.38662   1.000 21.10500  ? 398 ILE A O      1 
ATOM   629  C CB     . ILE A 1 103 ? 4.19950   4.62049   0.67474   1.000 23.69472  ? 398 ILE A CB     1 
ATOM   630  C CG1    . ILE A 1 103 ? 4.18924   6.02141   1.31719   1.000 22.68546  ? 398 ILE A CG1    1 
ATOM   631  C CG2    . ILE A 1 103 ? 3.60554   4.64640   -0.75926  1.000 23.18461  ? 398 ILE A CG2    1 
ATOM   632  C CD1    . ILE A 1 103 ? 5.00606   7.07140   0.56527   1.000 26.46514  ? 398 ILE A CD1    1 
ATOM   633  N N      . ILE A 1 104 ? 4.30111   1.46576   0.96856   1.000 21.31874  ? 399 ILE A N      1 
ATOM   634  C CA     . ILE A 1 104 ? 4.23005   0.11359   0.41987   1.000 23.75223  ? 399 ILE A CA     1 
ATOM   635  C C      . ILE A 1 104 ? 3.12978   -0.68180  1.10641   1.000 22.65358  ? 399 ILE A C      1 
ATOM   636  O O      . ILE A 1 104 ? 2.31467   -1.34373  0.45451   1.000 23.51559  ? 399 ILE A O      1 
ATOM   637  C CB     . ILE A 1 104 ? 5.59239   -0.58326  0.55466   1.000 20.63026  ? 399 ILE A CB     1 
ATOM   638  C CG1    . ILE A 1 104 ? 6.63106   0.08188   -0.36293  1.000 26.13636  ? 399 ILE A CG1    1 
ATOM   639  C CG2    . ILE A 1 104 ? 5.44606   -2.07353  0.24025   1.000 24.71116  ? 399 ILE A CG2    1 
ATOM   640  C CD1    . ILE A 1 104 ? 8.08754   -0.32653  -0.02785  1.000 27.80462  ? 399 ILE A CD1    1 
ATOM   641  N N      . VAL A 1 105 ? 3.11062   -0.66476  2.44155   1.000 18.51044  ? 400 VAL A N      1 
ATOM   642  C CA     . VAL A 1 105 ? 2.09171   -1.43767  3.14492   1.000 19.40289  ? 400 VAL A CA     1 
ATOM   643  C C      . VAL A 1 105 ? 0.69863   -0.98239  2.73301   1.000 19.43278  ? 400 VAL A C      1 
ATOM   644  O O      . VAL A 1 105 ? -0.20936  -1.80064  2.52418   1.000 21.19418  ? 400 VAL A O      1 
ATOM   645  C CB     . VAL A 1 105 ? 2.29199   -1.33536  4.66503   1.000 21.83483  ? 400 VAL A CB     1 
ATOM   646  C CG1    . VAL A 1 105 ? 1.08516   -1.91160  5.39867   1.000 22.72434  ? 400 VAL A CG1    1 
ATOM   647  C CG2    . VAL A 1 105 ? 3.61070   -2.07472  5.08511   1.000 24.00912  ? 400 VAL A CG2    1 
ATOM   648  N N      . ALA A 1 106 ? 0.49519   0.33137   2.63318   1.000 19.25842  ? 401 ALA A N      1 
ATOM   649  C CA     . ALA A 1 106 ? -0.82813  0.83012   2.26026   1.000 18.44018  ? 401 ALA A CA     1 
ATOM   650  C C      . ALA A 1 106 ? -1.18306  0.46196   0.83083   1.000 18.40296  ? 401 ALA A C      1 
ATOM   651  O O      . ALA A 1 106 ? -2.34575  0.17644   0.53424   1.000 20.01753  ? 401 ALA A O      1 
ATOM   652  C CB     . ALA A 1 106 ? -0.89416  2.35200   2.43353   1.000 20.97044  ? 401 ALA A CB     1 
ATOM   653  N N      . MET A 1 107 ? -0.21175  0.52484   -0.08427  1.000 21.28459  ? 402 MET A N      1 
ATOM   654  C CA     . MET A 1 107 ? -0.49847  0.15688   -1.46583  1.000 20.66298  ? 402 MET A CA     1 
ATOM   655  C C      . MET A 1 107 ? -0.88066  -1.31336  -1.56666  1.000 23.89774  ? 402 MET A C      1 
ATOM   656  O O      . MET A 1 107 ? -1.79210  -1.67269  -2.32381  1.000 22.53207  ? 402 MET A O      1 
ATOM   657  C CB     . MET A 1 107 ? 0.70080   0.45849   -2.35496  1.000 21.19352  ? 402 MET A CB     1 
ATOM   658  C CG     . MET A 1 107 ? 0.88458   1.93967   -2.63505  1.000 22.49677  ? 402 MET A CG     1 
ATOM   659  S SD     . MET A 1 107 ? 2.35520   2.16135   -3.63914  1.000 27.30713  ? 402 MET A SD     1 
ATOM   660  C CE     . MET A 1 107 ? 2.26352   3.93984   -3.93921  1.000 29.13516  ? 402 MET A CE     1 
ATOM   661  N N      . VAL A 1 108 ? -0.20902  -2.17820  -0.80191  1.000 20.25976  ? 403 VAL A N      1 
ATOM   662  C CA     . VAL A 1 108 ? -0.55852  -3.59795  -0.83743  1.000 19.17686  ? 403 VAL A CA     1 
ATOM   663  C C      . VAL A 1 108 ? -1.92351  -3.81446  -0.19517  1.000 23.02918  ? 403 VAL A C      1 
ATOM   664  O O      . VAL A 1 108 ? -2.79785  -4.50474  -0.74119  1.000 21.77610  ? 403 VAL A O      1 
ATOM   665  C CB     . VAL A 1 108 ? 0.53897   -4.43002  -0.14781  1.000 22.29623  ? 403 VAL A CB     1 
ATOM   666  C CG1    . VAL A 1 108 ? 0.09513   -5.88203  -0.03247  1.000 21.99346  ? 403 VAL A CG1    1 
ATOM   667  C CG2    . VAL A 1 108 ? 1.83610   -4.32129  -0.94229  1.000 21.73640  ? 403 VAL A CG2    1 
ATOM   668  N N      . PHE A 1 109 ? -2.13068  -3.20093  0.96723   1.000 20.35075  ? 404 PHE A N      1 
ATOM   669  C CA     . PHE A 1 109 ? -3.40893  -3.26893  1.66753   1.000 22.11419  ? 404 PHE A CA     1 
ATOM   670  C C      . PHE A 1 109 ? -4.57960  -2.83380  0.78714   1.000 24.71107  ? 404 PHE A C      1 
ATOM   671  O O      . PHE A 1 109 ? -5.68085  -3.38307  0.90481   1.000 23.38234  ? 404 PHE A O      1 
ATOM   672  C CB     . PHE A 1 109 ? -3.33630  -2.39805  2.92840   1.000 22.74286  ? 404 PHE A CB     1 
ATOM   673  C CG     . PHE A 1 109 ? -4.55179  -2.46859  3.78213   1.000 24.91539  ? 404 PHE A CG     1 
ATOM   674  C CD1    . PHE A 1 109 ? -4.68903  -3.46441  4.73456   1.000 23.43879  ? 404 PHE A CD1    1 
ATOM   675  C CD2    . PHE A 1 109 ? -5.56180  -1.52851  3.64372   1.000 27.59913  ? 404 PHE A CD2    1 
ATOM   676  C CE1    . PHE A 1 109 ? -5.82033  -3.52387  5.53323   1.000 28.40382  ? 404 PHE A CE1    1 
ATOM   677  C CE2    . PHE A 1 109 ? -6.68945  -1.57813  4.44301   1.000 28.58016  ? 404 PHE A CE2    1 
ATOM   678  C CZ     . PHE A 1 109 ? -6.82000  -2.57010  5.38954   1.000 30.58359  ? 404 PHE A CZ     1 
ATOM   679  N N      . SER A 1 110 ? -4.37499  -1.84208  -0.08014  1.000 21.40053  ? 405 SER A N      1 
ATOM   680  C CA     . SER A 1 110 ? -5.46747  -1.34860  -0.91585  1.000 19.66643  ? 405 SER A CA     1 
ATOM   681  C C      . SER A 1 110 ? -5.95868  -2.39079  -1.90240  1.000 26.19200  ? 405 SER A C      1 
ATOM   682  O O      . SER A 1 110 ? -7.09795  -2.27626  -2.38002  1.000 23.53472  ? 405 SER A O      1 
ATOM   683  C CB     . SER A 1 110 ? -5.03477  -0.11511  -1.70465  1.000 20.27455  ? 405 SER A CB     1 
ATOM   684  O OG     . SER A 1 110 ? -4.19708  -0.48544  -2.80438  1.000 26.30320  ? 405 SER A OG     1 
ATOM   685  N N      . GLN A 1 111 ? -5.11789  -3.37808  -2.23274  1.000 21.09676  ? 406 GLN A N      1 
ATOM   686  C CA     . GLN A 1 111 ? -5.44094  -4.42785  -3.20112  1.000 25.33746  ? 406 GLN A CA     1 
ATOM   687  C C      . GLN A 1 111 ? -5.67194  -3.87740  -4.61712  1.000 25.44213  ? 406 GLN A C      1 
ATOM   688  O O      . GLN A 1 111 ? -6.28099  -4.54878  -5.45578  1.000 25.11853  ? 406 GLN A O      1 
ATOM   689  C CB     . GLN A 1 111 ? -6.65201  -5.23539  -2.72146  1.000 24.99727  ? 406 GLN A CB     1 
ATOM   690  C CG     . GLN A 1 111 ? -6.44554  -5.79803  -1.32369  1.000 24.30825  ? 406 GLN A CG     1 
ATOM   691  C CD     . GLN A 1 111 ? -7.58544  -6.68526  -0.84946  1.000 27.80540  ? 406 GLN A CD     1 
ATOM   692  O OE1    . GLN A 1 111 ? -8.74042  -6.29211  -0.89518  1.000 28.92695  ? 406 GLN A OE1    1 
ATOM   693  N NE2    . GLN A 1 111 ? -7.25044  -7.87427  -0.33753  1.000 26.20542  ? 406 GLN A NE2    1 
ATOM   694  N N      . GLU A 1 112 ? -5.15838  -2.67816  -4.90609  1.000 23.34606  ? 407 GLU A N      1 
ATOM   695  C CA     . GLU A 1 112 ? -5.35233  -2.04851  -6.21027  1.000 24.49695  ? 407 GLU A CA     1 
ATOM   696  C C      . GLU A 1 112 ? -4.77888  -2.89382  -7.33924  1.000 26.76610  ? 407 GLU A C      1 
ATOM   697  O O      . GLU A 1 112 ? -3.74360  -3.55915  -7.19829  1.000 25.14051  ? 407 GLU A O      1 
ATOM   698  C CB     . GLU A 1 112 ? -4.69129  -0.66986  -6.25315  1.000 30.08641  ? 407 GLU A CB     1 
ATOM   699  C CG     . GLU A 1 112 ? -5.52075  0.42399   -5.64028  1.000 36.22985  ? 407 GLU A CG     1 
ATOM   700  C CD     . GLU A 1 112 ? -5.45938  1.72726   -6.43625  1.000 35.78628  ? 407 GLU A CD     1 
ATOM   701  O OE1    . GLU A 1 112 ? -5.04415  1.72963   -7.62096  1.000 43.93046  ? 407 GLU A OE1    1 
ATOM   702  O OE2    . GLU A 1 112 ? -5.84174  2.75334   -5.86937  1.000 35.36851  ? 407 GLU A OE2    1 
ATOM   703  N N      . ASP A 1 113 ? -5.43526  -2.80798  -8.49652  1.000 25.60298  ? 408 ASP A N      1 
ATOM   704  C CA     . ASP A 1 113 ? -5.00295  -3.58676  -9.64989  1.000 27.78938  ? 408 ASP A CA     1 
ATOM   705  C C      . ASP A 1 113 ? -3.59790  -3.19962  -10.10012 1.000 25.86594  ? 408 ASP A C      1 
ATOM   706  O O      . ASP A 1 113 ? -2.83030  -4.05531  -10.55282 1.000 28.17456  ? 408 ASP A O      1 
ATOM   707  C CB     . ASP A 1 113 ? -5.99349  -3.39654  -10.79853 1.000 27.59362  ? 408 ASP A CB     1 
ATOM   708  C CG     . ASP A 1 113 ? -5.57006  -4.12100  -12.06343 1.000 34.93337  ? 408 ASP A CG     1 
ATOM   709  O OD1    . ASP A 1 113 ? -5.54564  -5.36284  -12.04831 1.000 34.37110  ? 408 ASP A OD1    1 
ATOM   710  O OD2    . ASP A 1 113 ? -5.27441  -3.44599  -13.07448 1.000 38.55993  ? 408 ASP A OD2    1 
ATOM   711  N N      . CYS A 1 114 ? -3.25197  -1.91104  -10.03771 1.000 25.53035  ? 409 CYS A N      1 
ATOM   712  C CA     . CYS A 1 114 ? -1.93487  -1.53747  -10.53446 1.000 25.83047  ? 409 CYS A CA     1 
ATOM   713  C C      . CYS A 1 114 ? -0.82881  -2.06359  -9.63070  1.000 28.38596  ? 409 CYS A C      1 
ATOM   714  O O      . CYS A 1 114 ? 0.29744   -2.25257  -10.09820 1.000 27.84460  ? 409 CYS A O      1 
ATOM   715  C CB     . CYS A 1 114 ? -1.80577  -0.02946  -10.69877 1.000 32.18207  ? 409 CYS A CB     1 
ATOM   716  S SG     . CYS A 1 114 ? -1.90211  0.87281   -9.14985  1.000 36.12490  ? 409 CYS A SG     1 
ATOM   717  N N      . MET A 1 115 ? -1.14214  -2.34962  -8.36643  1.000 26.46275  ? 410 MET A N      1 
ATOM   718  C CA     . MET A 1 115 ? -0.17713  -3.01270  -7.49620  1.000 24.27734  ? 410 MET A CA     1 
ATOM   719  C C      . MET A 1 115 ? -0.04846  -4.48879  -7.86523  1.000 27.29603  ? 410 MET A C      1 
ATOM   720  O O      . MET A 1 115 ? 1.06618   -5.01686  -7.98070  1.000 24.98990  ? 410 MET A O      1 
ATOM   721  C CB     . MET A 1 115 ? -0.60690  -2.82783  -6.04076  1.000 23.83156  ? 410 MET A CB     1 
ATOM   722  C CG     . MET A 1 115 ? 0.30992   -3.48545  -5.00555  1.000 23.11819  ? 410 MET A CG     1 
ATOM   723  S SD     . MET A 1 115 ? -0.24809  -5.20159  -4.67744  1.000 26.32926  ? 410 MET A SD     1 
ATOM   724  C CE     . MET A 1 115 ? -1.97800  -5.01519  -4.22376  1.000 25.24023  ? 410 MET A CE     1 
ATOM   725  N N      . ILE A 1 116 ? -1.18257  -5.16648  -8.08489  1.000 23.79456  ? 411 ILE A N      1 
ATOM   726  C CA     . ILE A 1 116 ? -1.13032  -6.56426  -8.51424  1.000 26.64366  ? 411 ILE A CA     1 
ATOM   727  C C      . ILE A 1 116 ? -0.36000  -6.68400  -9.82256  1.000 23.77403  ? 411 ILE A C      1 
ATOM   728  O O      . ILE A 1 116 ? 0.44274   -7.60489  -10.00344 1.000 24.57048  ? 411 ILE A O      1 
ATOM   729  C CB     . ILE A 1 116 ? -2.54750  -7.15051  -8.65329  1.000 29.33983  ? 411 ILE A CB     1 
ATOM   730  C CG1    . ILE A 1 116 ? -3.26682  -7.20705  -7.29954  1.000 30.59132  ? 411 ILE A CG1    1 
ATOM   731  C CG2    . ILE A 1 116 ? -2.49419  -8.53493  -9.27869  1.000 34.24914  ? 411 ILE A CG2    1 
ATOM   732  C CD1    . ILE A 1 116 ? -2.54161  -8.02785  -6.27563  1.000 31.67748  ? 411 ILE A CD1    1 
ATOM   733  N N      . LYS A 1 117 ? -0.60512  -5.76181  -10.76488 1.000 25.18895  ? 412 LYS A N      1 
ATOM   734  C CA     . LYS A 1 117 ? 0.03008   -5.81827  -12.07913 1.000 24.71834  ? 412 LYS A CA     1 
ATOM   735  C C      . LYS A 1 117 ? 1.48732   -5.37415  -12.06403 1.000 30.90404  ? 412 LYS A C      1 
ATOM   736  O O      . LYS A 1 117 ? 2.18437   -5.56636  -13.06497 1.000 28.38080  ? 412 LYS A O      1 
ATOM   737  C CB     . LYS A 1 117 ? -0.74899  -4.96222  -13.09424 1.000 28.15045  ? 412 LYS A CB     1 
ATOM   738  C CG     . LYS A 1 117 ? -2.16397  -5.49525  -13.45071 1.000 28.85691  ? 412 LYS A CG     1 
ATOM   739  C CD     . LYS A 1 117 ? -2.10001  -6.82136  -14.21412 1.000 32.21720  ? 412 LYS A CD     1 
ATOM   740  C CE     . LYS A 1 117 ? -3.48956  -7.29204  -14.64411 1.000 32.13925  ? 412 LYS A CE     1 
ATOM   741  N NZ     . LYS A 1 117 ? -4.43004  -7.52243  -13.50900 1.000 29.89523  ? 412 LYS A NZ     1 
ATOM   742  N N      . ALA A 1 118 ? 1.97205   -4.79078  -10.96771 1.000 25.44840  ? 413 ALA A N      1 
ATOM   743  C CA     . ALA A 1 118 ? 3.39744   -4.49713  -10.87437 1.000 26.08205  ? 413 ALA A CA     1 
ATOM   744  C C      . ALA A 1 118 ? 4.23380   -5.70586  -10.46416 1.000 29.33053  ? 413 ALA A C      1 
ATOM   745  O O      . ALA A 1 118 ? 5.46128   -5.58724  -10.39880 1.000 31.79105  ? 413 ALA A O      1 
ATOM   746  C CB     . ALA A 1 118 ? 3.64514   -3.34352  -9.89120  1.000 28.90018  ? 413 ALA A CB     1 
ATOM   747  N N      . VAL A 1 119 ? 3.61704   -6.85013  -10.17424 1.000 26.38866  ? 414 VAL A N      1 
ATOM   748  C CA     . VAL A 1 119 ? 4.35294   -8.09799  -9.98866  1.000 27.00720  ? 414 VAL A CA     1 
ATOM   749  C C      . VAL A 1 119 ? 4.69564   -8.64323  -11.37832 1.000 36.31977  ? 414 VAL A C      1 
ATOM   750  O O      . VAL A 1 119 ? 3.80269   -9.04387  -12.12657 1.000 31.74687  ? 414 VAL A O      1 
ATOM   751  C CB     . VAL A 1 119 ? 3.53805   -9.11762  -9.18388  1.000 30.64828  ? 414 VAL A CB     1 
ATOM   752  C CG1    . VAL A 1 119 ? 4.39523   -10.33614 -8.85855  1.000 28.96469  ? 414 VAL A CG1    1 
ATOM   753  C CG2    . VAL A 1 119 ? 2.97476   -8.49220  -7.90672  1.000 32.11609  ? 414 VAL A CG2    1 
ATOM   754  N N      . ARG A 1 120 ? 5.98862   -8.66862  -11.72828 1.000 35.91896  ? 415 ARG A N      1 
ATOM   755  C CA     . ARG A 1 120 ? 6.40860   -9.02127  -13.08739 1.000 40.44680  ? 415 ARG A CA     1 
ATOM   756  C C      . ARG A 1 120 ? 6.98868   -10.42671 -13.21253 1.000 44.04606  ? 415 ARG A C      1 
ATOM   757  O O      . ARG A 1 120 ? 7.15089   -10.91734 -14.33845 1.000 39.21425  ? 415 ARG A O      1 
ATOM   758  C CB     . ARG A 1 120 ? 7.44302   -8.00915  -13.60478 1.000 40.30565  ? 415 ARG A CB     1 
ATOM   759  C CG     . ARG A 1 120 ? 6.87133   -6.63020  -13.77119 1.000 44.26922  ? 415 ARG A CG     1 
ATOM   760  C CD     . ARG A 1 120 ? 5.56926   -6.73444  -14.52373 1.000 49.06172  ? 415 ARG A CD     1 
ATOM   761  N NE     . ARG A 1 120 ? 4.74406   -5.53978  -14.39252 1.000 52.12246  ? 415 ARG A NE     1 
ATOM   762  C CZ     . ARG A 1 120 ? 5.07088   -4.34636  -14.87076 1.000 57.92575  ? 415 ARG A CZ     1 
ATOM   763  N NH1    . ARG A 1 120 ? 6.24298   -4.13107  -15.45078 1.000 62.07783  ? 415 ARG A NH1    1 
ATOM   764  N NH2    . ARG A 1 120 ? 4.20401   -3.34158  -14.75548 1.000 59.71814  ? 415 ARG A NH2    1 
ATOM   765  N N      . GLY A 1 121 ? 7.32174   -11.07739 -12.10090 1.000 38.72583  ? 416 GLY A N      1 
ATOM   766  C CA     . GLY A 1 121 ? 7.73980   -12.45732 -12.10747 1.000 41.37733  ? 416 GLY A CA     1 
ATOM   767  C C      . GLY A 1 121 ? 6.75225   -13.29052 -11.31510 1.000 41.83395  ? 416 GLY A C      1 
ATOM   768  O O      . GLY A 1 121 ? 5.79130   -12.78410 -10.74318 1.000 38.59991  ? 416 GLY A O      1 
ATOM   769  N N      . ASP A 1 122 ? 7.02166   -14.59490 -11.27752 1.000 40.30731  ? 417 ASP A N      1 
ATOM   770  C CA     . ASP A 1 122 ? 6.16078   -15.50799 -10.54515 1.000 35.69604  ? 417 ASP A CA     1 
ATOM   771  C C      . ASP A 1 122 ? 6.38461   -15.37660 -9.04021  1.000 41.45995  ? 417 ASP A C      1 
ATOM   772  O O      . ASP A 1 122 ? 7.51286   -15.18969 -8.57439  1.000 44.66492  ? 417 ASP A O      1 
ATOM   773  C CB     . ASP A 1 122 ? 6.39652   -16.95012 -10.99750 1.000 48.78701  ? 417 ASP A CB     1 
ATOM   774  C CG     . ASP A 1 122 ? 5.53959   -17.33563 -12.20284 1.000 51.24130  ? 417 ASP A CG     1 
ATOM   775  O OD1    . ASP A 1 122 ? 4.73231   -16.49898 -12.65638 1.000 42.30268  ? 417 ASP A OD1    1 
ATOM   776  O OD2    . ASP A 1 122 ? 5.66106   -18.48311 -12.68682 1.000 49.95077  ? 417 ASP A OD2    1 
ATOM   777  N N      . LEU A 1 123 ? 5.29347   -15.45365 -8.28210  1.000 36.55509  ? 418 LEU A N      1 
ATOM   778  C CA     . LEU A 1 123 ? 5.35474   -15.45810 -6.82686  1.000 41.80607  ? 418 LEU A CA     1 
ATOM   779  C C      . LEU A 1 123 ? 5.56060   -16.88571 -6.34967  1.000 46.06564  ? 418 LEU A C      1 
ATOM   780  O O      . LEU A 1 123 ? 4.75630   -17.77255 -6.65803  1.000 43.12146  ? 418 LEU A O      1 
ATOM   781  C CB     . LEU A 1 123 ? 4.08509   -14.87960 -6.21088  1.000 41.38688  ? 418 LEU A CB     1 
ATOM   782  C CG     . LEU A 1 123 ? 3.97179   -13.36070 -6.25429  1.000 38.35156  ? 418 LEU A CG     1 
ATOM   783  C CD1    . LEU A 1 123 ? 2.83179   -12.92061 -5.35292  1.000 38.32734  ? 418 LEU A CD1    1 
ATOM   784  C CD2    . LEU A 1 123 ? 5.30031   -12.69274 -5.86815  1.000 37.91484  ? 418 LEU A CD2    1 
ATOM   785  N N      . ASN A 1 124 ? 6.63713   -17.09496 -5.60084  1.000 48.46273  ? 419 ASN A N      1 
ATOM   786  C CA     . ASN A 1 124 ? 7.00072   -18.40535 -5.08228  1.000 51.18238  ? 419 ASN A CA     1 
ATOM   787  C C      . ASN A 1 124 ? 6.10907   -18.74038 -3.89140  1.000 53.50439  ? 419 ASN A C      1 
ATOM   788  O O      . ASN A 1 124 ? 6.22581   -18.12998 -2.82209  1.000 53.20242  ? 419 ASN A O      1 
ATOM   789  C CB     . ASN A 1 124 ? 8.47791   -18.40140 -4.70230  1.000 54.22531  ? 419 ASN A CB     1 
ATOM   790  C CG     . ASN A 1 124 ? 8.92406   -19.69402 -4.04998  1.000 60.24188  ? 419 ASN A CG     1 
ATOM   791  O OD1    . ASN A 1 124 ? 8.19665   -20.28704 -3.25364  1.000 52.20044  ? 419 ASN A OD1    1 
ATOM   792  N ND2    . ASN A 1 124 ? 10.13939  -20.13041 -4.37543  1.000 55.69736  ? 419 ASN A ND2    1 
ATOM   793  N N      A PHE A 1 125 ? 5.22255   -19.71399 -4.06112  0.577 46.23234  ? 420 PHE A N      1 
ATOM   794  N N      B PHE A 1 125 ? 5.20834   -19.70750 -4.09143  0.423 46.31077  ? 420 PHE A N      1 
ATOM   795  C CA     A PHE A 1 125 ? 4.38348   -20.17067 -2.96488  0.577 50.58711  ? 420 PHE A CA     1 
ATOM   796  C CA     B PHE A 1 125 ? 4.31621   -20.23063 -3.06427  0.423 50.67314  ? 420 PHE A CA     1 
ATOM   797  C C      A PHE A 1 125 ? 4.76653   -21.56798 -2.49239  0.577 54.77655  ? 420 PHE A C      1 
ATOM   798  C C      B PHE A 1 125 ? 4.85509   -21.48723 -2.38744  0.423 54.61717  ? 420 PHE A C      1 
ATOM   799  O O      A PHE A 1 125 ? 4.01656   -22.17885 -1.72285  0.577 52.68096  ? 420 PHE A O      1 
ATOM   800  O O      B PHE A 1 125 ? 4.29033   -21.91781 -1.37623  0.423 53.13427  ? 420 PHE A O      1 
ATOM   801  C CB     A PHE A 1 125 ? 2.90831   -20.12998 -3.37508  0.577 49.41820  ? 420 PHE A CB     1 
ATOM   802  C CB     B PHE A 1 125 ? 2.94447   -20.58019 -3.66985  0.423 50.39648  ? 420 PHE A CB     1 
ATOM   803  C CG     A PHE A 1 125 ? 2.55571   -21.09939 -4.46762  0.577 51.80638  ? 420 PHE A CG     1 
ATOM   804  C CG     B PHE A 1 125 ? 2.10166   -19.39479 -4.06112  0.423 50.95823  ? 420 PHE A CG     1 
ATOM   805  C CD1    A PHE A 1 125 ? 2.82863   -20.80111 -5.79257  0.577 51.64505  ? 420 PHE A CD1    1 
ATOM   806  C CD1    B PHE A 1 125 ? 2.52494   -18.50664 -5.03210  0.423 48.27448  ? 420 PHE A CD1    1 
ATOM   807  C CD2    A PHE A 1 125 ? 1.94805   -22.30801 -4.16969  0.577 53.68819  ? 420 PHE A CD2    1 
ATOM   808  C CD2    B PHE A 1 125 ? 0.84760   -19.21168 -3.49492  0.423 50.04838  ? 420 PHE A CD2    1 
ATOM   809  C CE1    A PHE A 1 125 ? 2.50655   -21.69194 -6.80058  0.577 50.15986  ? 420 PHE A CE1    1 
ATOM   810  C CE1    B PHE A 1 125 ? 1.73153   -17.43566 -5.40230  0.423 42.78747  ? 420 PHE A CE1    1 
ATOM   811  C CE2    A PHE A 1 125 ? 1.62382   -23.20500 -5.17508  0.577 48.92883  ? 420 PHE A CE2    1 
ATOM   812  C CE2    B PHE A 1 125 ? 0.05228   -18.14621 -3.85920  0.423 42.73157  ? 420 PHE A CE2    1 
ATOM   813  C CZ     A PHE A 1 125 ? 1.90442   -22.89456 -6.49127  0.577 50.05232  ? 420 PHE A CZ     1 
ATOM   814  C CZ     B PHE A 1 125 ? 0.49441   -17.25847 -4.81472  0.423 41.45485  ? 420 PHE A CZ     1 
ATOM   815  N N      . VAL A 1 126 ? 5.91789   -22.08665 -2.92346  1.000 48.93883  ? 421 VAL A N      1 
ATOM   816  C CA     . VAL A 1 126 ? 6.29056   -23.46315 -2.61986  1.000 48.81640  ? 421 VAL A CA     1 
ATOM   817  C C      . VAL A 1 126 ? 7.44638   -23.60118 -1.62838  1.000 56.41623  ? 421 VAL A C      1 
ATOM   818  O O      . VAL A 1 126 ? 7.46793   -24.56718 -0.85630  1.000 57.79506  ? 421 VAL A O      1 
ATOM   819  C CB     . VAL A 1 126 ? 6.61615   -24.22374 -3.91984  1.000 48.58099  ? 421 VAL A CB     1 
ATOM   820  C CG1    . VAL A 1 126 ? 5.42468   -24.17589 -4.87272  1.000 50.48128  ? 421 VAL A CG1    1 
ATOM   821  C CG2    . VAL A 1 126 ? 7.84671   -23.63340 -4.57847  1.000 46.54643  ? 421 VAL A CG2    1 
ATOM   822  N N      . ASN A 1 127 ? 8.41396   -22.68029 -1.64010  1.000 56.73863  ? 422 ASN A N      1 
ATOM   823  C CA     . ASN A 1 127 ? 9.52099   -22.75524 -0.68717  1.000 63.69596  ? 422 ASN A CA     1 
ATOM   824  C C      . ASN A 1 127 ? 8.99053   -22.95865 0.72703   1.000 65.97140  ? 422 ASN A C      1 
ATOM   825  O O      . ASN A 1 127 ? 7.95402   -22.40301 1.10204   1.000 57.44361  ? 422 ASN A O      1 
ATOM   826  C CB     . ASN A 1 127 ? 10.37491  -21.48562 -0.74278  1.000 62.70663  ? 422 ASN A CB     1 
ATOM   827  C CG     . ASN A 1 127 ? 11.33460  -21.47193 -1.91810  1.000 69.99175  ? 422 ASN A CG     1 
ATOM   828  O OD1    . ASN A 1 127 ? 11.41200  -22.43306 -2.68841  1.000 67.32596  ? 422 ASN A OD1    1 
ATOM   829  N ND2    . ASN A 1 127 ? 12.07023  -20.37209 -2.06560  1.000 61.14749  ? 422 ASN A ND2    1 
ATOM   830  N N      . ARG A 1 128 ? 9.70905   -23.76846 1.51427   1.000 66.19740  ? 423 ARG A N      1 
ATOM   831  C CA     . ARG A 1 128 ? 9.21351   -24.13254 2.84011   1.000 70.84925  ? 423 ARG A CA     1 
ATOM   832  C C      . ARG A 1 128 ? 8.92652   -22.90563 3.69976   1.000 69.37322  ? 423 ARG A C      1 
ATOM   833  O O      . ARG A 1 128 ? 8.02897   -22.94519 4.54915   1.000 68.79846  ? 423 ARG A O      1 
ATOM   834  C CB     . ARG A 1 128 ? 10.20564  -25.06522 3.54326   1.000 75.98770  ? 423 ARG A CB     1 
ATOM   835  C CG     . ARG A 1 128 ? 9.74715   -26.52695 3.58505   1.000 81.88395  ? 423 ARG A CG     1 
ATOM   836  C CD     . ARG A 1 128 ? 10.88014  -27.50248 3.93634   1.000 90.31689  ? 423 ARG A CD     1 
ATOM   837  N NE     . ARG A 1 128 ? 11.02447  -27.73476 5.37066   1.000 80.17621  ? 423 ARG A NE     1 
ATOM   838  C CZ     . ARG A 1 128 ? 12.12734  -27.49272 6.06955   1.000 79.85324  ? 423 ARG A CZ     1 
ATOM   839  N NH1    . ARG A 1 128 ? 13.22129  -27.01408 5.49696   1.000 82.61008  ? 423 ARG A NH1    1 
ATOM   840  N NH2    . ARG A 1 128 ? 12.13600  -27.74497 7.37569   1.000 68.26084  ? 423 ARG A NH2    1 
ATOM   841  N N      . ALA A 1 129 ? 9.65419   -21.80622 3.48401   1.000 63.50384  ? 424 ALA A N      1 
ATOM   842  C CA     . ALA A 1 129 ? 9.47390   -20.58494 4.26142   1.000 63.29719  ? 424 ALA A CA     1 
ATOM   843  C C      . ALA A 1 129 ? 8.36680   -19.68157 3.72480   1.000 63.85935  ? 424 ALA A C      1 
ATOM   844  O O      . ALA A 1 129 ? 8.07654   -18.65003 4.34298   1.000 57.16831  ? 424 ALA A O      1 
ATOM   845  C CB     . ALA A 1 129 ? 10.78800  -19.79903 4.32409   1.000 49.36671  ? 424 ALA A CB     1 
ATOM   846  N N      . ASN A 1 130 ? 7.74764   -20.03460 2.59751   1.000 60.19391  ? 425 ASN A N      1 
ATOM   847  C CA     . ASN A 1 130 ? 6.59311   -19.31179 2.07411   1.000 63.79328  ? 425 ASN A CA     1 
ATOM   848  C C      . ASN A 1 130 ? 5.29791   -20.10483 2.22603   1.000 63.82441  ? 425 ASN A C      1 
ATOM   849  O O      . ASN A 1 130 ? 4.24949   -19.66284 1.73540   1.000 53.08565  ? 425 ASN A O      1 
ATOM   850  C CB     . ASN A 1 130 ? 6.81592   -18.94615 0.60237   1.000 56.99327  ? 425 ASN A CB     1 
ATOM   851  C CG     . ASN A 1 130 ? 8.04037   -18.07080 0.39317   1.000 61.65131  ? 425 ASN A CG     1 
ATOM   852  O OD1    . ASN A 1 130 ? 8.42869   -17.30181 1.27813   1.000 57.22458  ? 425 ASN A OD1    1 
ATOM   853  N ND2    . ASN A 1 130 ? 8.65599   -18.18186 -0.78572  1.000 56.21600  ? 425 ASN A ND2    1 
ATOM   854  N N      . GLN A 1 131 ? 5.35040   -21.25848 2.90944   1.000 66.26956  ? 426 GLN A N      1 
ATOM   855  C CA     . GLN A 1 131 ? 4.22376   -22.18547 2.99438   1.000 68.39329  ? 426 GLN A CA     1 
ATOM   856  C C      . GLN A 1 131 ? 3.06256   -21.64593 3.81798   1.000 65.18388  ? 426 GLN A C      1 
ATOM   857  O O      . GLN A 1 131 ? 1.94963   -22.17271 3.70961   1.000 65.52255  ? 426 GLN A O      1 
ATOM   858  C CB     . GLN A 1 131 ? 4.68462   -23.51702 3.59363   1.000 68.07497  ? 426 GLN A CB     1 
ATOM   859  C CG     . GLN A 1 131 ? 5.73634   -24.24524 2.77296   1.000 76.66739  ? 426 GLN A CG     1 
ATOM   860  C CD     . GLN A 1 131 ? 5.15211   -25.36537 1.93509   1.000 77.21530  ? 426 GLN A CD     1 
ATOM   861  O OE1    . GLN A 1 131 ? 3.97172   -25.69330 2.05471   1.000 83.24161  ? 426 GLN A OE1    1 
ATOM   862  N NE2    . GLN A 1 131 ? 5.97917   -25.96230 1.08302   1.000 70.92427  ? 426 GLN A NE2    1 
ATOM   863  N N      . ARG A 1 132 ? 3.28955   -20.63194 4.65099   1.000 53.91459  ? 427 ARG A N      1 
ATOM   864  C CA     . ARG A 1 132 ? 2.22205   -20.07828 5.46812   1.000 70.17722  ? 427 ARG A CA     1 
ATOM   865  C C      . ARG A 1 132 ? 1.86280   -18.64029 5.11062   1.000 65.34217  ? 427 ARG A C      1 
ATOM   866  O O      . ARG A 1 132 ? 0.88710   -18.11153 5.65660   1.000 60.14127  ? 427 ARG A O      1 
ATOM   867  C CB     . ARG A 1 132 ? 2.58833   -20.16491 6.95785   1.000 66.50040  ? 427 ARG A CB     1 
ATOM   868  C CG     . ARG A 1 132 ? 1.39488   -19.95397 7.87840   1.000 78.00126  ? 427 ARG A CG     1 
ATOM   869  C CD     . ARG A 1 132 ? 0.15397   -20.66580 7.33005   1.000 89.27753  ? 427 ARG A CD     1 
ATOM   870  N NE     . ARG A 1 132 ? -1.06536  -20.34471 8.06908   1.000 99.08844  ? 427 ARG A NE     1 
ATOM   871  C CZ     . ARG A 1 132 ? -1.98676  -19.47128 7.67640   1.000 93.73179  ? 427 ARG A CZ     1 
ATOM   872  N NH1    . ARG A 1 132 ? -1.86705  -18.79708 6.54168   1.000 76.88899  ? 427 ARG A NH1    1 
ATOM   873  N NH2    . ARG A 1 132 ? -3.05719  -19.26921 8.44204   1.000 91.52362  ? 427 ARG A NH2    1 
ATOM   874  N N      . LEU A 1 133 ? 2.60543   -17.99958 4.20885   1.000 59.54637  ? 428 LEU A N      1 
ATOM   875  C CA     . LEU A 1 133 ? 2.22609   -16.67497 3.73215   1.000 51.52927  ? 428 LEU A CA     1 
ATOM   876  C C      . LEU A 1 133 ? 1.04234   -16.80437 2.78705   1.000 44.32456  ? 428 LEU A C      1 
ATOM   877  O O      . LEU A 1 133 ? 1.14842   -17.47951 1.75801   1.000 39.12773  ? 428 LEU A O      1 
ATOM   878  C CB     . LEU A 1 133 ? 3.39071   -16.00314 3.00390   1.000 41.94133  ? 428 LEU A CB     1 
ATOM   879  C CG     . LEU A 1 133 ? 4.73495   -15.75274 3.69337   1.000 51.45134  ? 428 LEU A CG     1 
ATOM   880  C CD1    . LEU A 1 133 ? 5.61212   -14.85687 2.81728   1.000 45.48328  ? 428 LEU A CD1    1 
ATOM   881  C CD2    . LEU A 1 133 ? 4.55400   -15.14719 5.07739   1.000 56.86068  ? 428 LEU A CD2    1 
ATOM   882  N N      . ASN A 1 134 ? -0.07851  -16.15563 3.11731   1.000 37.93184  ? 429 ASN A N      1 
ATOM   883  C CA     . ASN A 1 134 ? -1.15499  -16.03429 2.14768   1.000 34.38496  ? 429 ASN A CA     1 
ATOM   884  C C      . ASN A 1 134 ? -0.70977  -15.07896 1.04273   1.000 34.11256  ? 429 ASN A C      1 
ATOM   885  O O      . ASN A 1 134 ? 0.34033   -14.43637 1.14443   1.000 31.74990  ? 429 ASN A O      1 
ATOM   886  C CB     . ASN A 1 134 ? -2.45562  -15.58049 2.82201   1.000 38.90759  ? 429 ASN A CB     1 
ATOM   887  C CG     . ASN A 1 134 ? -2.36148  -14.18794 3.44873   1.000 40.25662  ? 429 ASN A CG     1 
ATOM   888  O OD1    . ASN A 1 134 ? -1.53726  -13.36087 3.05431   1.000 31.77844  ? 429 ASN A OD1    1 
ATOM   889  N ND2    . ASN A 1 134 ? -3.22153  -13.92774 4.43070   1.000 43.42194  ? 429 ASN A ND2    1 
ATOM   890  N N      . PRO A 1 135 ? -1.47479  -14.98572 -0.05012  1.000 31.09574  ? 430 PRO A N      1 
ATOM   891  C CA     . PRO A 1 135 ? -1.02026  -14.14935 -1.17146  1.000 29.64651  ? 430 PRO A CA     1 
ATOM   892  C C      . PRO A 1 135 ? -0.83577  -12.69014 -0.79456  1.000 26.64615  ? 430 PRO A C      1 
ATOM   893  O O      . PRO A 1 135 ? 0.07928   -12.04421 -1.31472  1.000 25.89039  ? 430 PRO A O      1 
ATOM   894  C CB     . PRO A 1 135 ? -2.12713  -14.34585 -2.22345  1.000 32.57050  ? 430 PRO A CB     1 
ATOM   895  C CG     . PRO A 1 135 ? -2.63736  -15.73951 -1.93435  1.000 36.64950  ? 430 PRO A CG     1 
ATOM   896  C CD     . PRO A 1 135 ? -2.63034  -15.82450 -0.41614  1.000 34.30090  ? 430 PRO A CD     1 
ATOM   897  N N      . MET A 1 136 ? -1.66558  -12.14480 0.10150   1.000 28.60881  ? 431 MET A N      1 
ATOM   898  C CA     . MET A 1 136 ? -1.44649  -10.76430 0.53984   1.000 26.45642  ? 431 MET A CA     1 
ATOM   899  C C      . MET A 1 136 ? -0.05996  -10.58520 1.16149   1.000 27.62068  ? 431 MET A C      1 
ATOM   900  O O      . MET A 1 136 ? 0.60638   -9.56888  0.93145   1.000 24.10524  ? 431 MET A O      1 
ATOM   901  C CB     . MET A 1 136 ? -2.53198  -10.33889 1.52627   1.000 28.11930  ? 431 MET A CB     1 
ATOM   902  C CG     . MET A 1 136 ? -3.89470  -10.05011 0.87525   1.000 27.11881  ? 431 MET A CG     1 
ATOM   903  S SD     . MET A 1 136 ? -3.82208  -8.68012  -0.29961  1.000 30.55932  ? 431 MET A SD     1 
ATOM   904  C CE     . MET A 1 136 ? -3.46115  -7.30861  0.81919   1.000 26.22635  ? 431 MET A CE     1 
ATOM   905  N N      . HIS A 1 137 ? 0.38000   -11.54680 1.97268   1.000 25.10189  ? 432 HIS A N      1 
ATOM   906  C CA     . HIS A 1 137 ? 1.69783   -11.42274 2.58914   1.000 27.20319  ? 432 HIS A CA     1 
ATOM   907  C C      . HIS A 1 137 ? 2.81925   -11.73707 1.61213   1.000 26.46148  ? 432 HIS A C      1 
ATOM   908  O O      . HIS A 1 137 ? 3.89591   -11.15676 1.73348   1.000 26.64277  ? 432 HIS A O      1 
ATOM   909  C CB     . HIS A 1 137 ? 1.79884   -12.31710 3.82149   1.000 30.54536  ? 432 HIS A CB     1 
ATOM   910  C CG     . HIS A 1 137 ? 1.05673   -11.77009 4.99893   1.000 35.78407  ? 432 HIS A CG     1 
ATOM   911  N ND1    . HIS A 1 137 ? -0.31544  -11.84712 5.11798   1.000 39.68052  ? 432 HIS A ND1    1 
ATOM   912  C CD2    . HIS A 1 137 ? 1.48990   -11.08417 6.08305   1.000 39.38109  ? 432 HIS A CD2    1 
ATOM   913  C CE1    . HIS A 1 137 ? -0.69374  -11.25839 6.23887   1.000 37.85341  ? 432 HIS A CE1    1 
ATOM   914  N NE2    . HIS A 1 137 ? 0.38250   -10.77547 6.83679   1.000 40.20480  ? 432 HIS A NE2    1 
ATOM   915  N N      . GLN A 1 138 ? 2.58498   -12.61213 0.62525   1.000 25.29594  ? 433 GLN A N      1 
ATOM   916  C CA     . GLN A 1 138 ? 3.55559   -12.80426 -0.45901  1.000 23.94648  ? 433 GLN A CA     1 
ATOM   917  C C      . GLN A 1 138 ? 3.76073   -11.52489 -1.26963  1.000 24.91278  ? 433 GLN A C      1 
ATOM   918  O O      . GLN A 1 138 ? 4.89096   -11.19085 -1.65942  1.000 25.59871  ? 433 GLN A O      1 
ATOM   919  C CB     . GLN A 1 138 ? 3.07474   -13.92402 -1.38274  1.000 28.30333  ? 433 GLN A CB     1 
ATOM   920  C CG     . GLN A 1 138 ? 2.82468   -15.26769 -0.70148  1.000 37.77275  ? 433 GLN A CG     1 
ATOM   921  C CD     . GLN A 1 138 ? 2.26183   -16.28969 -1.68159  1.000 52.12901  ? 433 GLN A CD     1 
ATOM   922  O OE1    . GLN A 1 138 ? 1.45791   -17.14714 -1.32094  1.000 57.09545  ? 433 GLN A OE1    1 
ATOM   923  N NE2    . GLN A 1 138 ? 2.68042   -16.18878 -2.93600  1.000 54.15620  ? 433 GLN A NE2    1 
ATOM   924  N N      . LEU A 1 139 ? 2.66440   -10.82137 -1.57459  1.000 25.01297  ? 434 LEU A N      1 
ATOM   925  C CA     . LEU A 1 139 ? 2.76908   -9.53875  -2.25602  1.000 22.57701  ? 434 LEU A CA     1 
ATOM   926  C C      . LEU A 1 139 ? 3.54738   -8.54494  -1.41066  1.000 22.74097  ? 434 LEU A C      1 
ATOM   927  O O      . LEU A 1 139 ? 4.41797   -7.83277  -1.91402  1.000 24.26909  ? 434 LEU A O      1 
ATOM   928  C CB     . LEU A 1 139 ? 1.37105   -8.99304  -2.56196  1.000 22.87827  ? 434 LEU A CB     1 
ATOM   929  C CG     . LEU A 1 139 ? 0.57443   -9.70544  -3.65255  1.000 27.98569  ? 434 LEU A CG     1 
ATOM   930  C CD1    . LEU A 1 139 ? -0.91428  -9.33071  -3.54848  1.000 25.63266  ? 434 LEU A CD1    1 
ATOM   931  C CD2    . LEU A 1 139 ? 1.12270   -9.30753  -5.04892  1.000 25.90962  ? 434 LEU A CD2    1 
ATOM   932  N N      . LEU A 1 140 ? 3.25807   -8.49014  -0.11180  1.000 24.35280  ? 435 LEU A N      1 
ATOM   933  C CA     . LEU A 1 140 ? 3.96921   -7.54132  0.73607   1.000 19.04115  ? 435 LEU A CA     1 
ATOM   934  C C      . LEU A 1 140 ? 5.47588   -7.81887  0.71311   1.000 25.64923  ? 435 LEU A C      1 
ATOM   935  O O      . LEU A 1 140 ? 6.28733   -6.90721  0.51486   1.000 26.38038  ? 435 LEU A O      1 
ATOM   936  C CB     . LEU A 1 140 ? 3.41446   -7.60868  2.15435   1.000 24.54856  ? 435 LEU A CB     1 
ATOM   937  C CG     . LEU A 1 140 ? 4.08468   -6.64343  3.14514   1.000 30.21464  ? 435 LEU A CG     1 
ATOM   938  C CD1    . LEU A 1 140 ? 3.86546   -5.21529  2.69781   1.000 29.92768  ? 435 LEU A CD1    1 
ATOM   939  C CD2    . LEU A 1 140 ? 3.51367   -6.87427  4.52786   1.000 35.45473  ? 435 LEU A CD2    1 
ATOM   940  N N      . ARG A 1 141 ? 5.86670   -9.07633  0.91898   1.000 22.57676  ? 436 ARG A N      1 
ATOM   941  C CA     . ARG A 1 141 ? 7.29326   -9.42082  0.89673   1.000 22.38128  ? 436 ARG A CA     1 
ATOM   942  C C      . ARG A 1 141 ? 7.93585   -9.06250  -0.44062  1.000 26.02960  ? 436 ARG A C      1 
ATOM   943  O O      . ARG A 1 141 ? 9.05631   -8.53983  -0.49223  1.000 27.07067  ? 436 ARG A O      1 
ATOM   944  C CB     . ARG A 1 141 ? 7.46017   -10.91460 1.19575   1.000 26.83735  ? 436 ARG A CB     1 
ATOM   945  C CG     . ARG A 1 141 ? 8.88023   -11.45086 0.95841   1.000 27.87019  ? 436 ARG A CG     1 
ATOM   946  C CD     . ARG A 1 141 ? 8.91944   -12.93976 1.28201   1.000 30.86959  ? 436 ARG A CD     1 
ATOM   947  N NE     . ARG A 1 141 ? 10.25650  -13.47561 1.06513   1.000 32.82855  ? 436 ARG A NE     1 
ATOM   948  C CZ     . ARG A 1 141 ? 10.60177  -14.21393 0.02052   1.000 49.34170  ? 436 ARG A CZ     1 
ATOM   949  N NH1    . ARG A 1 141 ? 9.71786   -14.56561 -0.90230  1.000 51.01595  ? 436 ARG A NH1    1 
ATOM   950  N NH2    . ARG A 1 141 ? 11.86531  -14.61137 -0.10311  1.000 52.47861  ? 436 ARG A NH2    1 
ATOM   951  N N      . HIS A 1 142 ? 7.22675   -9.31682  -1.53881  1.000 25.22459  ? 437 HIS A N      1 
ATOM   952  C CA     . HIS A 1 142 ? 7.75739   -9.00314  -2.85576  1.000 24.38566  ? 437 HIS A CA     1 
ATOM   953  C C      . HIS A 1 142 ? 8.12503   -7.52875  -2.96603  1.000 25.85735  ? 437 HIS A C      1 
ATOM   954  O O      . HIS A 1 142 ? 9.21731   -7.18829  -3.41368  1.000 25.90336  ? 437 HIS A O      1 
ATOM   955  C CB     . HIS A 1 142 ? 6.73776   -9.38231  -3.93532  1.000 26.52417  ? 437 HIS A CB     1 
ATOM   956  C CG     . HIS A 1 142 ? 7.15912   -8.99669  -5.31934  1.000 29.75572  ? 437 HIS A CG     1 
ATOM   957  N ND1    . HIS A 1 142 ? 8.08280   -9.72368  -6.04072  1.000 34.20307  ? 437 HIS A ND1    1 
ATOM   958  C CD2    . HIS A 1 142 ? 6.80716   -7.95022  -6.10514  1.000 31.68978  ? 437 HIS A CD2    1 
ATOM   959  C CE1    . HIS A 1 142 ? 8.28191   -9.14492  -7.21104  1.000 33.64777  ? 437 HIS A CE1    1 
ATOM   960  N NE2    . HIS A 1 142 ? 7.52271   -8.06519  -7.27567  1.000 33.97494  ? 437 HIS A NE2    1 
ATOM   961  N N      . PHE A 1 143 ? 7.21779   -6.63058  -2.56845  1.000 24.52026  ? 438 PHE A N      1 
ATOM   962  C CA     . PHE A 1 143 ? 7.51680   -5.21138  -2.72775  1.000 23.58055  ? 438 PHE A CA     1 
ATOM   963  C C      . PHE A 1 143 ? 8.41582   -4.67590  -1.61362  1.000 24.99500  ? 438 PHE A C      1 
ATOM   964  O O      . PHE A 1 143 ? 9.08959   -3.65981  -1.81642  1.000 25.05619  ? 438 PHE A O      1 
ATOM   965  C CB     . PHE A 1 143 ? 6.21278   -4.40626  -2.83090  1.000 23.78677  ? 438 PHE A CB     1 
ATOM   966  C CG     . PHE A 1 143 ? 5.41823   -4.72647  -4.07473  1.000 24.55202  ? 438 PHE A CG     1 
ATOM   967  C CD1    . PHE A 1 143 ? 5.95617   -4.46997  -5.32480  1.000 24.93114  ? 438 PHE A CD1    1 
ATOM   968  C CD2    . PHE A 1 143 ? 4.15845   -5.28973  -3.99206  1.000 29.36641  ? 438 PHE A CD2    1 
ATOM   969  C CE1    . PHE A 1 143 ? 5.24311   -4.77297  -6.49182  1.000 24.40371  ? 438 PHE A CE1    1 
ATOM   970  C CE2    . PHE A 1 143 ? 3.44041   -5.59012  -5.14374  1.000 28.93149  ? 438 PHE A CE2    1 
ATOM   971  C CZ     . PHE A 1 143 ? 3.98488   -5.33107  -6.39106  1.000 23.88866  ? 438 PHE A CZ     1 
ATOM   972  N N      . GLN A 1 144 ? 8.46364   -5.33579  -0.45375  1.000 23.78937  ? 439 GLN A N      1 
ATOM   973  C CA     . GLN A 1 144 ? 9.46958   -4.95185  0.53641   1.000 25.23107  ? 439 GLN A CA     1 
ATOM   974  C C      . GLN A 1 144 ? 10.87914  -5.21541  0.02303   1.000 28.95212  ? 439 GLN A C      1 
ATOM   975  O O      . GLN A 1 144 ? 11.81091  -4.47532  0.36149   1.000 27.44626  ? 439 GLN A O      1 
ATOM   976  C CB     . GLN A 1 144 ? 9.24290   -5.68471  1.85632   1.000 26.06768  ? 439 GLN A CB     1 
ATOM   977  C CG     . GLN A 1 144 ? 8.04612   -5.16620  2.65801   1.000 28.05806  ? 439 GLN A CG     1 
ATOM   978  C CD     . GLN A 1 144 ? 7.65392   -6.09347  3.79421   1.000 32.36631  ? 439 GLN A CD     1 
ATOM   979  O OE1    . GLN A 1 144 ? 7.70874   -7.31520  3.65223   1.000 32.61889  ? 439 GLN A OE1    1 
ATOM   980  N NE2    . GLN A 1 144 ? 7.27176   -5.51714  4.93767   1.000 31.27770  ? 439 GLN A NE2    1 
ATOM   981  N N      A LYS A 1 145 ? 11.05481  -6.25602  -0.79677  0.332 28.65034  ? 440 LYS A N      1 
ATOM   982  N N      B LYS A 1 145 ? 11.05502  -6.26829  -0.78296  0.668 28.56590  ? 440 LYS A N      1 
ATOM   983  C CA     A LYS A 1 145 ? 12.36578  -6.54175  -1.37508  0.332 32.33315  ? 440 LYS A CA     1 
ATOM   984  C CA     B LYS A 1 145 ? 12.35968  -6.54046  -1.38162  0.668 32.33425  ? 440 LYS A CA     1 
ATOM   985  C C      A LYS A 1 145 ? 12.72390  -5.56777  -2.48917  0.332 36.28056  ? 440 LYS A C      1 
ATOM   986  C C      B LYS A 1 145 ? 12.71302  -5.49768  -2.43458  0.668 36.41144  ? 440 LYS A C      1 
ATOM   987  O O      A LYS A 1 145 ? 13.90608  -5.27115  -2.68312  0.332 37.53848  ? 440 LYS A O      1 
ATOM   988  O O      B LYS A 1 145 ? 13.87322  -5.08587  -2.53713  0.668 37.66250  ? 440 LYS A O      1 
ATOM   989  C CB     A LYS A 1 145 ? 12.41442  -7.98040  -1.89123  0.332 31.63528  ? 440 LYS A CB     1 
ATOM   990  C CB     B LYS A 1 145 ? 12.36898  -7.94546  -1.99229  0.668 31.45082  ? 440 LYS A CB     1 
ATOM   991  C CG     A LYS A 1 145 ? 12.23927  -9.01956  -0.79247  0.332 35.62312  ? 440 LYS A CG     1 
ATOM   992  C CG     B LYS A 1 145 ? 12.56507  -9.04966  -0.96923  0.668 36.19238  ? 440 LYS A CG     1 
ATOM   993  C CD     A LYS A 1 145 ? 12.85230  -10.36443 -1.16662  0.332 40.19317  ? 440 LYS A CD     1 
ATOM   994  C CD     B LYS A 1 145 ? 11.94281  -10.36138 -1.43859  0.668 40.06840  ? 440 LYS A CD     1 
ATOM   995  C CE     A LYS A 1 145 ? 12.05022  -11.08887 -2.22786  0.332 43.15624  ? 440 LYS A CE     1 
ATOM   996  C CE     B LYS A 1 145 ? 12.53131  -10.82534 -2.75458  0.668 44.88742  ? 440 LYS A CE     1 
ATOM   997  N NZ     A LYS A 1 145 ? 12.59174  -12.46092 -2.45995  0.332 45.46329  ? 440 LYS A NZ     1 
ATOM   998  N NZ     B LYS A 1 145 ? 11.92115  -12.12718 -3.18423  0.668 46.06136  ? 440 LYS A NZ     1 
ATOM   999  N N      . ASP A 1 146 ? 11.73391  -5.05716  -3.22224  1.000 31.88389  ? 441 ASP A N      1 
ATOM   1000 C CA     . ASP A 1 146 ? 11.97775  -4.01242  -4.20611  1.000 41.03978  ? 441 ASP A CA     1 
ATOM   1001 C C      . ASP A 1 146 ? 10.64784  -3.40313  -4.60760  1.000 33.59723  ? 441 ASP A C      1 
ATOM   1002 O O      . ASP A 1 146 ? 9.75605   -4.12231  -5.07661  1.000 31.38666  ? 441 ASP A O      1 
ATOM   1003 C CB     . ASP A 1 146 ? 12.70441  -4.55378  -5.43493  1.000 45.33318  ? 441 ASP A CB     1 
ATOM   1004 C CG     . ASP A 1 146 ? 12.76905  -3.53946  -6.56533  1.000 50.09994  ? 441 ASP A CG     1 
ATOM   1005 O OD1    . ASP A 1 146 ? 13.31368  -2.43218  -6.34992  1.000 52.40720  ? 441 ASP A OD1    1 
ATOM   1006 O OD2    . ASP A 1 146 ? 12.25847  -3.84689  -7.66564  1.000 65.71276  ? 441 ASP A OD2    1 
ATOM   1007 N N      . ALA A 1 147 ? 10.50872  -2.08795  -4.43465  1.000 33.50692  ? 442 ALA A N      1 
ATOM   1008 C CA     . ALA A 1 147 ? 9.26240   -1.40117  -4.73948  1.000 32.78977  ? 442 ALA A CA     1 
ATOM   1009 C C      . ALA A 1 147 ? 9.36151   -0.54520  -5.99200  1.000 34.11878  ? 442 ALA A C      1 
ATOM   1010 O O      . ALA A 1 147 ? 8.41702   0.18198   -6.30283  1.000 33.42720  ? 442 ALA A O      1 
ATOM   1011 C CB     . ALA A 1 147 ? 8.81794   -0.53917  -3.55029  1.000 31.42461  ? 442 ALA A CB     1 
ATOM   1012 N N      . LYS A 1 148 ? 10.47266  -0.62211  -6.72786  1.000 33.04657  ? 443 LYS A N      1 
ATOM   1013 C CA     . LYS A 1 148 ? 10.68064  0.30005   -7.84198  1.000 38.03135  ? 443 LYS A CA     1 
ATOM   1014 C C      . LYS A 1 148 ? 9.60283   0.15770   -8.91335  1.000 36.05019  ? 443 LYS A C      1 
ATOM   1015 O O      . LYS A 1 148 ? 9.08796   1.16275   -9.41505  1.000 32.65615  ? 443 LYS A O      1 
ATOM   1016 C CB     . LYS A 1 148 ? 12.07531  0.10394   -8.43306  1.000 46.65643  ? 443 LYS A CB     1 
ATOM   1017 C CG     . LYS A 1 148 ? 13.14304  0.85477   -7.65492  1.000 54.68972  ? 443 LYS A CG     1 
ATOM   1018 C CD     . LYS A 1 148 ? 14.55466  0.39234   -7.99134  1.000 71.29413  ? 443 LYS A CD     1 
ATOM   1019 C CE     . LYS A 1 148 ? 15.60225  1.38108   -7.46348  1.000 75.65031  ? 443 LYS A CE     1 
ATOM   1020 N NZ     . LYS A 1 148 ? 15.42249  1.71456   -6.01306  1.000 69.99659  ? 443 LYS A NZ     1 
ATOM   1021 N N      . VAL A 1 149 ? 9.23773   -1.07544  -9.28038  1.000 35.41726  ? 444 VAL A N      1 
ATOM   1022 C CA     . VAL A 1 149 ? 8.18512   -1.23886  -10.28508 1.000 38.62881  ? 444 VAL A CA     1 
ATOM   1023 C C      . VAL A 1 149 ? 6.84016   -0.76978  -9.73375  1.000 30.27089  ? 444 VAL A C      1 
ATOM   1024 O O      . VAL A 1 149 ? 6.06116   -0.12176  -10.43790 1.000 33.32341  ? 444 VAL A O      1 
ATOM   1025 C CB     . VAL A 1 149 ? 8.11258   -2.69410  -10.78421 1.000 37.64367  ? 444 VAL A CB     1 
ATOM   1026 C CG1    . VAL A 1 149 ? 6.90059   -2.88082  -11.69408 1.000 40.07045  ? 444 VAL A CG1    1 
ATOM   1027 C CG2    . VAL A 1 149 ? 9.37635   -3.06830  -11.52530 1.000 34.91394  ? 444 VAL A CG2    1 
ATOM   1028 N N      . LEU A 1 150 ? 6.54448   -1.09536  -8.47099  1.000 30.53682  ? 445 LEU A N      1 
ATOM   1029 C CA     . LEU A 1 150 ? 5.31575   -0.61311  -7.83575  1.000 26.84722  ? 445 LEU A CA     1 
ATOM   1030 C C      . LEU A 1 150 ? 5.18325   0.90463   -7.94843  1.000 29.44122  ? 445 LEU A C      1 
ATOM   1031 O O      . LEU A 1 150 ? 4.14836   1.42103   -8.38728  1.000 28.91010  ? 445 LEU A O      1 
ATOM   1032 C CB     . LEU A 1 150 ? 5.27929   -1.04243  -6.36215  1.000 25.18430  ? 445 LEU A CB     1 
ATOM   1033 C CG     . LEU A 1 150 ? 4.08949   -0.60695  -5.48982  1.000 26.49388  ? 445 LEU A CG     1 
ATOM   1034 C CD1    . LEU A 1 150 ? 2.76770   -1.16658  -6.04344  1.000 26.26870  ? 445 LEU A CD1    1 
ATOM   1035 C CD2    . LEU A 1 150 ? 4.29238   -1.06641  -4.01568  1.000 24.72287  ? 445 LEU A CD2    1 
ATOM   1036 N N      . PHE A 1 151 ? 6.22701   1.63830   -7.53907  1.000 30.25182  ? 446 PHE A N      1 
ATOM   1037 C CA     . PHE A 1 151 ? 6.14506   3.09765   -7.50468  1.000 26.33414  ? 446 PHE A CA     1 
ATOM   1038 C C      . PHE A 1 151 ? 6.09410   3.68261   -8.90527  1.000 30.71503  ? 446 PHE A C      1 
ATOM   1039 O O      . PHE A 1 151 ? 5.40438   4.68085   -9.13760  1.000 33.69581  ? 446 PHE A O      1 
ATOM   1040 C CB     . PHE A 1 151 ? 7.32913   3.68257   -6.73215  1.000 28.84513  ? 446 PHE A CB     1 
ATOM   1041 C CG     . PHE A 1 151 ? 7.28572   3.40236   -5.24215  1.000 30.86816  ? 446 PHE A CG     1 
ATOM   1042 C CD1    . PHE A 1 151 ? 6.07541   3.19476   -4.59585  1.000 34.92310  ? 446 PHE A CD1    1 
ATOM   1043 C CD2    . PHE A 1 151 ? 8.45341   3.34791   -4.49737  1.000 35.89103  ? 446 PHE A CD2    1 
ATOM   1044 C CE1    . PHE A 1 151 ? 6.02486   2.93620   -3.23267  1.000 32.76365  ? 446 PHE A CE1    1 
ATOM   1045 C CE2    . PHE A 1 151 ? 8.41769   3.07879   -3.12715  1.000 39.32346  ? 446 PHE A CE2    1 
ATOM   1046 C CZ     . PHE A 1 151 ? 7.20065   2.88190   -2.49441  1.000 33.03092  ? 446 PHE A CZ     1 
ATOM   1047 N N      . GLN A 1 152 ? 6.81345   3.07272   -9.85161  1.000 32.67257  ? 447 GLN A N      1 
ATOM   1048 C CA     . GLN A 1 152 ? 6.84800   3.61537   -11.20503 1.000 34.94521  ? 447 GLN A CA     1 
ATOM   1049 C C      . GLN A 1 152 ? 5.53153   3.40731   -11.94210 1.000 37.08183  ? 447 GLN A C      1 
ATOM   1050 O O      . GLN A 1 152 ? 5.20238   4.18412   -12.84157 1.000 40.54754  ? 447 GLN A O      1 
ATOM   1051 C CB     . GLN A 1 152 ? 8.00580   2.99159   -11.98131 1.000 39.24807  ? 447 GLN A CB     1 
ATOM   1052 C CG     . GLN A 1 152 ? 9.37008   3.48207   -11.49539 1.000 48.47566  ? 447 GLN A CG     1 
ATOM   1053 C CD     . GLN A 1 152 ? 10.52871  2.64410   -12.02601 1.000 64.62498  ? 447 GLN A CD     1 
ATOM   1054 O OE1    . GLN A 1 152 ? 10.32965  1.70924   -12.80469 1.000 67.57143  ? 447 GLN A OE1    1 
ATOM   1055 N NE2    . GLN A 1 152 ? 11.74630  2.97590   -11.60057 1.000 61.44804  ? 447 GLN A NE2    1 
ATOM   1056 N N      . ASN A 1 153 ? 4.76462   2.38296   -11.58506 1.000 33.23308  ? 448 ASN A N      1 
ATOM   1057 C CA     . ASN A 1 153 ? 3.53037   2.07251   -12.29517 1.000 37.11010  ? 448 ASN A CA     1 
ATOM   1058 C C      . ASN A 1 153 ? 2.28435   2.48909   -11.52939 1.000 37.82453  ? 448 ASN A C      1 
ATOM   1059 O O      . ASN A 1 153 ? 1.17114   2.34950   -12.04325 1.000 33.16323  ? 448 ASN A O      1 
ATOM   1060 C CB     . ASN A 1 153 ? 3.49379   0.57962   -12.61905 1.000 36.49297  ? 448 ASN A CB     1 
ATOM   1061 C CG     . ASN A 1 153 ? 4.54607   0.20043   -13.64808 1.000 50.10513  ? 448 ASN A CG     1 
ATOM   1062 O OD1    . ASN A 1 153 ? 5.52923   -0.46698  -13.33220 1.000 55.87459  ? 448 ASN A OD1    1 
ATOM   1063 N ND2    . ASN A 1 153 ? 4.36033   0.66112   -14.88196 1.000 58.31422  ? 448 ASN A ND2    1 
ATOM   1064 N N      . TRP A 1 154 ? 2.44746   3.02060   -10.32234 1.000 32.22636  ? 449 TRP A N      1 
ATOM   1065 C CA     . TRP A 1 154 ? 1.29769   3.47344   -9.55200  1.000 27.11914  ? 449 TRP A CA     1 
ATOM   1066 C C      . TRP A 1 154 ? 0.62816   4.67720   -10.20548 1.000 29.78121  ? 449 TRP A C      1 
ATOM   1067 O O      . TRP A 1 154 ? -0.60306  4.78321   -10.20469 1.000 32.17469  ? 449 TRP A O      1 
ATOM   1068 C CB     . TRP A 1 154 ? 1.75207   3.80143   -8.12718  1.000 29.05623  ? 449 TRP A CB     1 
ATOM   1069 C CG     . TRP A 1 154 ? 0.65611   4.22702   -7.20930  1.000 25.20745  ? 449 TRP A CG     1 
ATOM   1070 C CD1    . TRP A 1 154 ? 0.26899   5.50548   -6.94205  1.000 28.20289  ? 449 TRP A CD1    1 
ATOM   1071 C CD2    . TRP A 1 154 ? -0.19327  3.37580   -6.42755  1.000 24.26043  ? 449 TRP A CD2    1 
ATOM   1072 N NE1    . TRP A 1 154 ? -0.77184  5.50506   -6.04874  1.000 27.84279  ? 449 TRP A NE1    1 
ATOM   1073 C CE2    . TRP A 1 154 ? -1.07399  4.21250   -5.71421  1.000 24.78165  ? 449 TRP A CE2    1 
ATOM   1074 C CE3    . TRP A 1 154 ? -0.31256  1.98811   -6.28534  1.000 26.96246  ? 449 TRP A CE3    1 
ATOM   1075 C CZ2    . TRP A 1 154 ? -2.04715  3.71554   -4.85242  1.000 26.58961  ? 449 TRP A CZ2    1 
ATOM   1076 C CZ3    . TRP A 1 154 ? -1.27800  1.49120   -5.42599  1.000 27.50698  ? 449 TRP A CZ3    1 
ATOM   1077 C CH2    . TRP A 1 154 ? -2.13253  2.35379   -4.71800  1.000 25.69428  ? 449 TRP A CH2    1 
ATOM   1078 N N      . GLY A 1 155 ? 1.41235   5.59533   -10.74457 1.000 31.10194  ? 450 GLY A N      1 
ATOM   1079 C CA     . GLY A 1 155 ? 0.90809   6.80658   -11.36631 1.000 35.24805  ? 450 GLY A CA     1 
ATOM   1080 C C      . GLY A 1 155 ? 1.20575   8.03743   -10.52051 1.000 40.64935  ? 450 GLY A C      1 
ATOM   1081 O O      . GLY A 1 155 ? 1.25375   7.97917   -9.28628  1.000 32.90766  ? 450 GLY A O      1 
ATOM   1082 N N      . ILE A 1 156 ? 1.41294   9.17421   -11.19361 1.000 29.85530  ? 451 ILE A N      1 
ATOM   1083 C CA     . ILE A 1 156 ? 1.63186   10.43158  -10.49197 1.000 32.29845  ? 451 ILE A CA     1 
ATOM   1084 C C      . ILE A 1 156 ? 0.59858   11.44500  -10.95087 1.000 42.40126  ? 451 ILE A C      1 
ATOM   1085 O O      . ILE A 1 156 ? -0.03128  11.30381  -12.00204 1.000 44.64990  ? 451 ILE A O      1 
ATOM   1086 C CB     . ILE A 1 156 ? 3.05665   10.99308  -10.68401 1.000 38.47960  ? 451 ILE A CB     1 
ATOM   1087 C CG1    . ILE A 1 156 ? 3.32426   11.31665  -12.15290 1.000 41.85323  ? 451 ILE A CG1    1 
ATOM   1088 C CG2    . ILE A 1 156 ? 4.09352   10.01570  -10.14002 1.000 40.39149  ? 451 ILE A CG2    1 
ATOM   1089 C CD1    . ILE A 1 156 ? 4.76163   11.74620  -12.41781 1.000 49.92833  ? 451 ILE A CD1    1 
ATOM   1090 N N      . GLU A 1 157 ? 0.43341   12.48252  -10.14222 1.000 38.51245  ? 452 GLU A N      1 
ATOM   1091 C CA     . GLU A 1 157 ? -0.54700  13.52542  -10.38955 1.000 40.44464  ? 452 GLU A CA     1 
ATOM   1092 C C      . GLU A 1 157 ? 0.03761   14.86701  -9.97094  1.000 44.52917  ? 452 GLU A C      1 
ATOM   1093 O O      . GLU A 1 157 ? 0.93242   14.91601  -9.11593  1.000 40.77180  ? 452 GLU A O      1 
ATOM   1094 C CB     . GLU A 1 157 ? -1.85322  13.25899  -9.61892  1.000 37.31295  ? 452 GLU A CB     1 
ATOM   1095 C CG     . GLU A 1 157 ? -1.67257  13.10238  -8.09828  1.000 42.90169  ? 452 GLU A CG     1 
ATOM   1096 C CD     . GLU A 1 157 ? -2.94934  12.64122  -7.39119  1.000 52.04299  ? 452 GLU A CD     1 
ATOM   1097 O OE1    . GLU A 1 157 ? -3.84542  12.10502  -8.08205  1.000 46.83073  ? 452 GLU A OE1    1 
ATOM   1098 O OE2    . GLU A 1 157 ? -3.06782  12.82190  -6.15008  1.000 35.25419  ? 452 GLU A OE2    1 
ATOM   1099 N N      . PRO A 1 158 ? -0.42565  15.96554  -10.56797 1.000 48.05572  ? 453 PRO A N      1 
ATOM   1100 C CA     . PRO A 1 158 ? -0.03794  17.28652  -10.06487 1.000 43.36013  ? 453 PRO A CA     1 
ATOM   1101 C C      . PRO A 1 158 ? -0.77773  17.57068  -8.77150  1.000 41.24719  ? 453 PRO A C      1 
ATOM   1102 O O      . PRO A 1 158 ? -1.86495  17.04621  -8.53354  1.000 42.69085  ? 453 PRO A O      1 
ATOM   1103 C CB     . PRO A 1 158 ? -0.47503  18.23732  -11.18640 1.000 49.24645  ? 453 PRO A CB     1 
ATOM   1104 C CG     . PRO A 1 158 ? -1.65721  17.54746  -11.78999 1.000 48.04508  ? 453 PRO A CG     1 
ATOM   1105 C CD     . PRO A 1 158 ? -1.35537  16.06113  -11.71079 1.000 51.74098  ? 453 PRO A CD     1 
ATOM   1106 N N      . ILE A 1 159 ? -0.17271  18.39714  -7.91816  1.000 38.22337  ? 454 ILE A N      1 
ATOM   1107 C CA     . ILE A 1 159 ? -0.71372  18.65899  -6.58843  1.000 43.73915  ? 454 ILE A CA     1 
ATOM   1108 C C      . ILE A 1 159 ? -0.80588  20.16514  -6.37704  1.000 59.33572  ? 454 ILE A C      1 
ATOM   1109 O O      . ILE A 1 159 ? -0.36152  20.96236  -7.20288  1.000 54.06549  ? 454 ILE A O      1 
ATOM   1110 C CB     . ILE A 1 159 ? 0.13174   18.00853  -5.47432  1.000 48.49695  ? 454 ILE A CB     1 
ATOM   1111 C CG1    . ILE A 1 159 ? 1.43832   18.77483  -5.29670  1.000 48.76669  ? 454 ILE A CG1    1 
ATOM   1112 C CG2    . ILE A 1 159 ? 0.40731   16.54197  -5.80185  1.000 42.54897  ? 454 ILE A CG2    1 
ATOM   1113 C CD1    . ILE A 1 159 ? 2.35999   18.15787  -4.28231  1.000 41.55879  ? 454 ILE A CD1    1 
ATOM   1114 N N      . ASP A 1 160 ? -1.36650  20.54364  -5.23297  1.000 60.54428  ? 455 ASP A N      1 
ATOM   1115 C CA     . ASP A 1 160 ? -1.55970  21.93513  -4.85430  1.000 68.64664  ? 455 ASP A CA     1 
ATOM   1116 C C      . ASP A 1 160 ? -0.77724  22.25325  -3.58511  1.000 70.71514  ? 455 ASP A C      1 
ATOM   1117 O O      . ASP A 1 160 ? -0.03449  21.42541  -3.04911  1.000 70.26826  ? 455 ASP A O      1 
ATOM   1118 C CB     . ASP A 1 160 ? -3.04430  22.24025  -4.67281  1.000 78.98371  ? 455 ASP A CB     1 
ATOM   1119 C CG     . ASP A 1 160 ? -3.79000  22.25600  -5.98976  1.000 81.98352  ? 455 ASP A CG     1 
ATOM   1120 O OD1    . ASP A 1 160 ? -3.22773  22.77590  -6.97943  1.000 78.46920  ? 455 ASP A OD1    1 
ATOM   1121 O OD2    . ASP A 1 160 ? -4.92399  21.73566  -6.04311  1.000 91.98002  ? 455 ASP A OD2    1 
ATOM   1122 N N      . ASN A 1 161 ? -0.95510  23.47884  -3.11133  1.000 72.88294  ? 456 ASN A N      1 
ATOM   1123 C CA     . ASN A 1 161 ? -0.14306  24.02413  -2.02874  1.000 77.40295  ? 456 ASN A CA     1 
ATOM   1124 C C      . ASN A 1 161 ? -0.89336  23.89827  -0.70247  1.000 80.17086  ? 456 ASN A C      1 
ATOM   1125 O O      . ASN A 1 161 ? -1.34092  24.87733  -0.09990  1.000 84.72611  ? 456 ASN A O      1 
ATOM   1126 C CB     . ASN A 1 161 ? 0.22529   25.47713  -2.33633  1.000 78.78089  ? 456 ASN A CB     1 
ATOM   1127 C CG     . ASN A 1 161 ? 1.38746   25.98313  -1.50150  1.000 81.55240  ? 456 ASN A CG     1 
ATOM   1128 O OD1    . ASN A 1 161 ? 1.66295   25.46840  -0.41824  1.000 85.92183  ? 456 ASN A OD1    1 
ATOM   1129 N ND2    . ASN A 1 161 ? 2.07671   27.00279  -2.00627  1.000 70.41168  ? 456 ASN A ND2    1 
ATOM   1130 N N      . VAL A 1 162 ? -1.03243  22.65507  -0.24808  1.000 69.81873  ? 457 VAL A N      1 
ATOM   1131 C CA     . VAL A 1 162 ? -1.59556  22.38078  1.06930   1.000 71.11365  ? 457 VAL A CA     1 
ATOM   1132 C C      . VAL A 1 162 ? -0.43840  22.45302  2.05881   1.000 70.93234  ? 457 VAL A C      1 
ATOM   1133 O O      . VAL A 1 162 ? 0.34827   21.51121  2.19368   1.000 63.23411  ? 457 VAL A O      1 
ATOM   1134 C CB     . VAL A 1 162 ? -2.31401  21.03221  1.12650   1.000 68.10667  ? 457 VAL A CB     1 
ATOM   1135 C CG1    . VAL A 1 162 ? -2.80257  20.76515  2.54421   1.000 61.52003  ? 457 VAL A CG1    1 
ATOM   1136 C CG2    . VAL A 1 162 ? -3.48201  21.00675  0.15100   1.000 67.04970  ? 457 VAL A CG2    1 
ATOM   1137 N N      . MET A 1 163 ? -0.32562  23.58454  2.74478   1.000 68.76653  ? 458 MET A N      1 
ATOM   1138 C CA     . MET A 1 163 ? 0.79132   23.77296  3.65369   1.000 67.22423  ? 458 MET A CA     1 
ATOM   1139 C C      . MET A 1 163 ? 0.72054   22.76575  4.79439   1.000 56.43642  ? 458 MET A C      1 
ATOM   1140 O O      . MET A 1 163 ? -0.36116  22.40108  5.26257   1.000 64.92749  ? 458 MET A O      1 
ATOM   1141 C CB     . MET A 1 163 ? 0.81327   25.20986  4.17507   1.000 71.18036  ? 458 MET A CB     1 
ATOM   1142 C CG     . MET A 1 163 ? 1.51997   26.17350  3.21730   1.000 68.23742  ? 458 MET A CG     1 
ATOM   1143 S SD     . MET A 1 163 ? 1.51265   27.90164  3.74347   1.000 70.15149  ? 458 MET A SD     1 
ATOM   1144 C CE     . MET A 1 163 ? 0.59561   28.66325  2.39942   1.000 57.77473  ? 458 MET A CE     1 
ATOM   1145 N N      . GLY A 1 164 ? 1.89307   22.30332  5.22604   1.000 51.49797  ? 459 GLY A N      1 
ATOM   1146 C CA     . GLY A 1 164 ? 2.01936   21.17770  6.12126   1.000 53.30764  ? 459 GLY A CA     1 
ATOM   1147 C C      . GLY A 1 164 ? 2.27931   19.85546  5.42222   1.000 51.52685  ? 459 GLY A C      1 
ATOM   1148 O O      . GLY A 1 164 ? 2.77220   18.91521  6.05959   1.000 43.10177  ? 459 GLY A O      1 
ATOM   1149 N N      . MET A 1 165 ? 1.98052   19.76772  4.12834   1.000 45.57968  ? 460 MET A N      1 
ATOM   1150 C CA     . MET A 1 165 ? 2.10050   18.53105  3.37360   1.000 42.34817  ? 460 MET A CA     1 
ATOM   1151 C C      . MET A 1 165 ? 2.95760   18.76461  2.14195   1.000 42.66618  ? 460 MET A C      1 
ATOM   1152 O O      . MET A 1 165 ? 3.14604   19.89783  1.69137   1.000 44.76710  ? 460 MET A O      1 
ATOM   1153 C CB     . MET A 1 165 ? 0.72864   17.98660  2.95575   1.000 42.85555  ? 460 MET A CB     1 
ATOM   1154 C CG     . MET A 1 165 ? -0.00169  17.27542  4.07739   1.000 50.01006  ? 460 MET A CG     1 
ATOM   1155 S SD     . MET A 1 165 ? -1.70781  16.91903  3.64975   1.000 60.10632  ? 460 MET A SD     1 
ATOM   1156 C CE     . MET A 1 165 ? -1.84261  17.73741  2.05796   1.000 62.21167  ? 460 MET A CE     1 
ATOM   1157 N N      . ILE A 1 166 ? 3.48233   17.66862  1.59564   1.000 33.45244  ? 461 ILE A N      1 
ATOM   1158 C CA     . ILE A 1 166 ? 4.30190   17.72954  0.39353   1.000 30.32012  ? 461 ILE A CA     1 
ATOM   1159 C C      . ILE A 1 166 ? 4.04153   16.47987  -0.43714  1.000 31.90826  ? 461 ILE A C      1 
ATOM   1160 O O      . ILE A 1 166 ? 3.52882   15.47821  0.05704   1.000 30.40893  ? 461 ILE A O      1 
ATOM   1161 C CB     . ILE A 1 166 ? 5.80310   17.86862  0.73380   1.000 32.47200  ? 461 ILE A CB     1 
ATOM   1162 C CG1    . ILE A 1 166 ? 6.57730   18.33762  -0.49752  1.000 44.19774  ? 461 ILE A CG1    1 
ATOM   1163 C CG2    . ILE A 1 166 ? 6.35375   16.54138  1.26531   1.000 31.47083  ? 461 ILE A CG2    1 
ATOM   1164 C CD1    . ILE A 1 166 ? 7.81527   19.15236  -0.15617  1.000 49.68165  ? 461 ILE A CD1    1 
ATOM   1165 N N      . GLY A 1 167 ? 4.37434   16.55570  -1.71923  1.000 30.17730  ? 462 GLY A N      1 
ATOM   1166 C CA     . GLY A 1 167 ? 4.28846   15.39806  -2.57992  1.000 31.73160  ? 462 GLY A CA     1 
ATOM   1167 C C      . GLY A 1 167 ? 5.54343   14.55798  -2.51327  1.000 35.56889  ? 462 GLY A C      1 
ATOM   1168 O O      . GLY A 1 167 ? 6.60343   15.00252  -2.06834  1.000 33.70878  ? 462 GLY A O      1 
ATOM   1169 N N      . ILE A 1 168 ? 5.41825   13.31603  -2.96052  1.000 28.19056  ? 463 ILE A N      1 
ATOM   1170 C CA     . ILE A 1 168 ? 6.53806   12.38636  -2.99453  1.000 30.79418  ? 463 ILE A CA     1 
ATOM   1171 C C      . ILE A 1 168 ? 6.53388   11.71008  -4.35839  1.000 32.36238  ? 463 ILE A C      1 
ATOM   1172 O O      . ILE A 1 168 ? 5.48636   11.23210  -4.80891  1.000 30.01651  ? 463 ILE A O      1 
ATOM   1173 C CB     . ILE A 1 168 ? 6.44396   11.35921  -1.85008  1.000 28.00050  ? 463 ILE A CB     1 
ATOM   1174 C CG1    . ILE A 1 168 ? 7.62954   10.39480  -1.88381  1.000 37.88902  ? 463 ILE A CG1    1 
ATOM   1175 C CG2    . ILE A 1 168 ? 5.08850   10.61923  -1.88335  1.000 34.62223  ? 463 ILE A CG2    1 
ATOM   1176 C CD1    . ILE A 1 168 ? 7.94133   9.77031   -0.52561  1.000 42.40773  ? 463 ILE A CD1    1 
ATOM   1177 N N      . LEU A 1 169 ? 7.67573   11.71551  -5.02239  1.000 30.64586  ? 464 LEU A N      1 
ATOM   1178 C CA     . LEU A 1 169 ? 7.80269   11.15842  -6.35821  1.000 32.20529  ? 464 LEU A CA     1 
ATOM   1179 C C      . LEU A 1 169 ? 8.11640   9.66781   -6.29486  1.000 36.06188  ? 464 LEU A C      1 
ATOM   1180 O O      . LEU A 1 169 ? 8.50909   9.13554   -5.24765  1.000 34.71895  ? 464 LEU A O      1 
ATOM   1181 C CB     . LEU A 1 169 ? 8.89173   11.90670  -7.13571  1.000 32.86596  ? 464 LEU A CB     1 
ATOM   1182 C CG     . LEU A 1 169 ? 8.65598   13.41344  -7.27594  1.000 40.25543  ? 464 LEU A CG     1 
ATOM   1183 C CD1    . LEU A 1 169 ? 9.79507   14.08530  -8.03896  1.000 46.05000  ? 464 LEU A CD1    1 
ATOM   1184 C CD2    . LEU A 1 169 ? 7.30980   13.68789  -7.94599  1.000 40.36264  ? 464 LEU A CD2    1 
ATOM   1185 N N      . PRO A 1 170 ? 7.95449   8.96141   -7.40900  1.000 34.27237  ? 465 PRO A N      1 
ATOM   1186 C CA     . PRO A 1 170 ? 8.25871   7.52083   -7.41326  1.000 33.01084  ? 465 PRO A CA     1 
ATOM   1187 C C      . PRO A 1 170 ? 9.63712   7.17952   -6.89565  1.000 37.06617  ? 465 PRO A C      1 
ATOM   1188 O O      . PRO A 1 170 ? 9.81507   6.08881   -6.34293  1.000 35.92484  ? 465 PRO A O      1 
ATOM   1189 C CB     . PRO A 1 170 ? 8.10989   7.13511   -8.89285  1.000 34.42749  ? 465 PRO A CB     1 
ATOM   1190 C CG     . PRO A 1 170 ? 7.09365   8.08948   -9.41044  1.000 33.44662  ? 465 PRO A CG     1 
ATOM   1191 C CD     . PRO A 1 170 ? 7.35583   9.40778   -8.67751  1.000 30.77032  ? 465 PRO A CD     1 
ATOM   1192 N N      . ASP A 1 171 ? 10.62325  8.05888   -7.05860  1.000 39.11383  ? 466 ASP A N      1 
ATOM   1193 C CA     . ASP A 1 171 ? 11.95921  7.79994   -6.54019  1.000 40.51947  ? 466 ASP A CA     1 
ATOM   1194 C C      . ASP A 1 171 ? 12.12124  8.24328   -5.08941  1.000 42.88362  ? 466 ASP A C      1 
ATOM   1195 O O      . ASP A 1 171 ? 13.24886  8.26491   -4.58212  1.000 41.59363  ? 466 ASP A O      1 
ATOM   1196 C CB     . ASP A 1 171 ? 13.01560  8.47107   -7.42762  1.000 48.34111  ? 466 ASP A CB     1 
ATOM   1197 C CG     . ASP A 1 171 ? 13.03166  9.98758   -7.29337  1.000 50.96366  ? 466 ASP A CG     1 
ATOM   1198 O OD1    . ASP A 1 171 ? 12.14600  10.55076  -6.61270  1.000 41.19648  ? 466 ASP A OD1    1 
ATOM   1199 O OD2    . ASP A 1 171 ? 13.94378  10.61545  -7.87574  1.000 49.14888  ? 466 ASP A OD2    1 
ATOM   1200 N N      . MET A 1 172 ? 11.01839  8.58795   -4.42256  1.000 36.41300  ? 467 MET A N      1 
ATOM   1201 C CA     . MET A 1 172 ? 10.95758  8.93687   -3.00603  1.000 37.80455  ? 467 MET A CA     1 
ATOM   1202 C C      . MET A 1 172 ? 11.59313  10.28745  -2.68863  1.000 34.34216  ? 467 MET A C      1 
ATOM   1203 O O      . MET A 1 172 ? 11.83945  10.59146  -1.51892  1.000 43.53182  ? 467 MET A O      1 
ATOM   1204 C CB     . MET A 1 172 ? 11.57013  7.83283   -2.13088  1.000 42.35037  ? 467 MET A CB     1 
ATOM   1205 C CG     . MET A 1 172 ? 10.73842  6.53531   -2.10258  1.000 39.06003  ? 467 MET A CG     1 
ATOM   1206 S SD     . MET A 1 172 ? 9.10262   6.71572   -1.34338  1.000 47.03308  ? 467 MET A SD     1 
ATOM   1207 C CE     . MET A 1 172 ? 8.00312   6.22284   -2.68734  1.000 51.26851  ? 467 MET A CE     1 
ATOM   1208 N N      . THR A 1 173 ? 11.82737  11.12092  -3.68395  1.000 36.72138  ? 468 THR A N      1 
ATOM   1209 C CA     . THR A 1 173 ? 12.23941  12.48346  -3.35894  1.000 41.32771  ? 468 THR A CA     1 
ATOM   1210 C C      . THR A 1 173 ? 11.02651  13.40698  -3.24024  1.000 37.16320  ? 468 THR A C      1 
ATOM   1211 O O      . THR A 1 173 ? 10.03165  13.23305  -3.94895  1.000 36.61313  ? 468 THR A O      1 
ATOM   1212 C CB     . THR A 1 173 ? 13.17820  13.02886  -4.42923  1.000 44.41920  ? 468 THR A CB     1 
ATOM   1213 O OG1    . THR A 1 173 ? 12.47100  13.12076  -5.66594  1.000 45.13051  ? 468 THR A OG1    1 
ATOM   1214 C CG2    . THR A 1 173 ? 14.39561  12.11330  -4.60874  1.000 41.58859  ? 468 THR A CG2    1 
ATOM   1215 N N      . PRO A 1 174 ? 11.06471  14.39398  -2.34782  1.000 33.22138  ? 469 PRO A N      1 
ATOM   1216 C CA     . PRO A 1 174 ? 9.90337   15.27678  -2.18402  1.000 33.98420  ? 469 PRO A CA     1 
ATOM   1217 C C      . PRO A 1 174 ? 9.72629   16.21169  -3.37449  1.000 40.21691  ? 469 PRO A C      1 
ATOM   1218 O O      . PRO A 1 174 ? 10.67734  16.53807  -4.08809  1.000 36.63525  ? 469 PRO A O      1 
ATOM   1219 C CB     . PRO A 1 174 ? 10.22173  16.05648  -0.90025  1.000 33.30754  ? 469 PRO A CB     1 
ATOM   1220 C CG     . PRO A 1 174 ? 11.69921  15.94372  -0.72970  1.000 32.04891  ? 469 PRO A CG     1 
ATOM   1221 C CD     . PRO A 1 174 ? 12.08621  14.61318  -1.30712  1.000 35.71326  ? 469 PRO A CD     1 
ATOM   1222 N N      . SER A 1 175 ? 8.47875   16.62480  -3.59462  1.000 33.10729  ? 470 SER A N      1 
ATOM   1223 C CA     . SER A 1 175 ? 8.14277   17.52457  -4.69191  1.000 39.48917  ? 470 SER A CA     1 
ATOM   1224 C C      . SER A 1 175 ? 6.93244   18.36682  -4.31551  1.000 39.38346  ? 470 SER A C      1 
ATOM   1225 O O      . SER A 1 175 ? 5.95739   17.85239  -3.76030  1.000 37.39014  ? 470 SER A O      1 
ATOM   1226 C CB     . SER A 1 175 ? 7.84913   16.75508  -5.98610  1.000 39.97464  ? 470 SER A CB     1 
ATOM   1227 O OG     . SER A 1 175 ? 7.27839   17.61299  -6.96161  1.000 39.45555  ? 470 SER A OG     1 
ATOM   1228 N N      . THR A 1 176 ? 6.98485   19.65839  -4.63977  1.000 36.46568  ? 471 THR A N      1 
ATOM   1229 C CA     . THR A 1 176 ? 5.85564   20.54031  -4.37387  1.000 39.88874  ? 471 THR A CA     1 
ATOM   1230 C C      . THR A 1 176 ? 4.87416   20.62265  -5.54094  1.000 45.15740  ? 471 THR A C      1 
ATOM   1231 O O      . THR A 1 176 ? 3.85239   21.31169  -5.43082  1.000 45.81341  ? 471 THR A O      1 
ATOM   1232 C CB     . THR A 1 176 ? 6.35104   21.94939  -4.01222  1.000 49.28889  ? 471 THR A CB     1 
ATOM   1233 O OG1    . THR A 1 176 ? 7.08385   22.49245  -5.11519  1.000 48.00468  ? 471 THR A OG1    1 
ATOM   1234 C CG2    . THR A 1 176 ? 7.25567   21.90820  -2.78381  1.000 44.51475  ? 471 THR A CG2    1 
ATOM   1235 N N      . GLU A 1 177 ? 5.14332   19.93110  -6.64469  1.000 39.38677  ? 472 GLU A N      1 
ATOM   1236 C CA     . GLU A 1 177 ? 4.29856   20.02171  -7.82624  1.000 49.03373  ? 472 GLU A CA     1 
ATOM   1237 C C      . GLU A 1 177 ? 3.63548   18.71550  -8.22963  1.000 45.38738  ? 472 GLU A C      1 
ATOM   1238 O O      . GLU A 1 177 ? 2.56022   18.75724  -8.82992  1.000 42.61909  ? 472 GLU A O      1 
ATOM   1239 C CB     . GLU A 1 177 ? 5.11469   20.53265  -9.02036  1.000 60.42354  ? 472 GLU A CB     1 
ATOM   1240 C CG     . GLU A 1 177 ? 5.92506   21.77525  -8.72272  1.000 69.69948  ? 472 GLU A CG     1 
ATOM   1241 C CD     . GLU A 1 177 ? 6.72627   22.23892  -9.91879  1.000 92.38933  ? 472 GLU A CD     1 
ATOM   1242 O OE1    . GLU A 1 177 ? 6.68075   21.55849  -10.96699 1.000 100.21548 ? 472 GLU A OE1    1 
ATOM   1243 O OE2    . GLU A 1 177 ? 7.39986   23.28499  -9.81140  1.000 99.06670  ? 472 GLU A OE2    1 
ATOM   1244 N N      . MET A 1 178 ? 4.24775   17.56515  -7.93800  1.000 42.96506  ? 473 MET A N      1 
ATOM   1245 C CA     . MET A 1 178 ? 3.75028   16.27016  -8.37956  1.000 38.55701  ? 473 MET A CA     1 
ATOM   1246 C C      . MET A 1 178 ? 3.85421   15.27250  -7.23609  1.000 36.16010  ? 473 MET A C      1 
ATOM   1247 O O      . MET A 1 178 ? 4.65589   15.44820  -6.31509  1.000 31.34379  ? 473 MET A O      1 
ATOM   1248 C CB     . MET A 1 178 ? 4.54198   15.74150  -9.58078  1.000 41.59644  ? 473 MET A CB     1 
ATOM   1249 C CG     . MET A 1 178 ? 4.65203   16.71988  -10.72407 1.000 54.96702  ? 473 MET A CG     1 
ATOM   1250 S SD     . MET A 1 178 ? 3.18781   16.61699  -11.75748 1.000 63.47007  ? 473 MET A SD     1 
ATOM   1251 C CE     . MET A 1 178 ? 3.55365   15.14499  -12.70530 1.000 51.64688  ? 473 MET A CE     1 
ATOM   1252 N N      . SER A 1 179 ? 3.06178   14.20659  -7.30712  1.000 34.80392  ? 474 SER A N      1 
ATOM   1253 C CA     . SER A 1 179 ? 3.12619   13.18846  -6.26718  1.000 33.27421  ? 474 SER A CA     1 
ATOM   1254 C C      . SER A 1 179 ? 2.55112   11.88333  -6.79317  1.000 32.30801  ? 474 SER A C      1 
ATOM   1255 O O      . SER A 1 179 ? 1.70591   11.88295  -7.69324  1.000 29.59371  ? 474 SER A O      1 
ATOM   1256 C CB     . SER A 1 179 ? 2.36672   13.62914  -4.99986  1.000 29.42842  ? 474 SER A CB     1 
ATOM   1257 O OG     . SER A 1 179 ? 2.58854   12.73065  -3.91485  1.000 32.62764  ? 474 SER A OG     1 
ATOM   1258 N N      . LEU A 1 180 ? 3.00137   10.77085  -6.20367  1.000 29.93022  ? 475 LEU A N      1 
ATOM   1259 C CA     . LEU A 1 180 ? 2.29109   9.50840   -6.36173  1.000 26.41494  ? 475 LEU A CA     1 
ATOM   1260 C C      . LEU A 1 180 ? 0.80222   9.73457   -6.14094  1.000 29.06685  ? 475 LEU A C      1 
ATOM   1261 O O      . LEU A 1 180 ? 0.40139   10.40973  -5.19064  1.000 29.82645  ? 475 LEU A O      1 
ATOM   1262 C CB     . LEU A 1 180 ? 2.82134   8.47517   -5.36415  1.000 24.05148  ? 475 LEU A CB     1 
ATOM   1263 C CG     . LEU A 1 180 ? 4.21051   7.91661   -5.64584  1.000 27.92268  ? 475 LEU A CG     1 
ATOM   1264 C CD1    . LEU A 1 180 ? 4.73791   7.21006   -4.38618  1.000 29.61565  ? 475 LEU A CD1    1 
ATOM   1265 C CD2    . LEU A 1 180 ? 4.13162   6.94744   -6.82337  1.000 29.70907  ? 475 LEU A CD2    1 
ATOM   1266 N N      . ARG A 1 181 ? -0.01622  9.16911   -7.02749  1.000 28.99062  ? 476 ARG A N      1 
ATOM   1267 C CA     . ARG A 1 181 ? -1.45563  9.41926   -7.00518  1.000 27.28998  ? 476 ARG A CA     1 
ATOM   1268 C C      . ARG A 1 181 ? -2.06275  9.09626   -5.63887  1.000 28.12111  ? 476 ARG A C      1 
ATOM   1269 O O      . ARG A 1 181 ? -1.88290  7.99792   -5.10541  1.000 29.79604  ? 476 ARG A O      1 
ATOM   1270 C CB     . ARG A 1 181 ? -2.12716  8.57977   -8.09457  1.000 30.17522  ? 476 ARG A CB     1 
ATOM   1271 C CG     . ARG A 1 181 ? -3.61092  8.32662   -7.85166  1.000 40.45042  ? 476 ARG A CG     1 
ATOM   1272 C CD     . ARG A 1 181 ? -4.20860  7.39282   -8.89369  1.000 44.08913  ? 476 ARG A CD     1 
ATOM   1273 N NE     . ARG A 1 181 ? -3.50079  6.11940   -8.98063  1.000 42.01470  ? 476 ARG A NE     1 
ATOM   1274 C CZ     . ARG A 1 181 ? -3.78308  5.04037   -8.26028  1.000 45.26269  ? 476 ARG A CZ     1 
ATOM   1275 N NH1    . ARG A 1 181 ? -4.72656  5.05075   -7.32524  1.000 37.76029  ? 476 ARG A NH1    1 
ATOM   1276 N NH2    . ARG A 1 181 ? -3.10112  3.92139   -8.48057  1.000 38.24024  ? 476 ARG A NH2    1 
ATOM   1277 N N      . GLY A 1 182 ? -2.77167  10.06810  -5.06536  1.000 29.22267  ? 477 GLY A N      1 
ATOM   1278 C CA     . GLY A 1 182 ? -3.44023  9.90824   -3.78363  1.000 26.55636  ? 477 GLY A CA     1 
ATOM   1279 C C      . GLY A 1 182 ? -2.56003  10.00971  -2.55285  1.000 26.63779  ? 477 GLY A C      1 
ATOM   1280 O O      . GLY A 1 182 ? -3.08997  9.98084   -1.43088  1.000 26.30002  ? 477 GLY A O      1 
ATOM   1281 N N      . VAL A 1 183 ? -1.24846  10.15589  -2.70864  1.000 23.41076  ? 478 VAL A N      1 
ATOM   1282 C CA     . VAL A 1 183 ? -0.31444  10.08554  -1.58286  1.000 23.21968  ? 478 VAL A CA     1 
ATOM   1283 C C      . VAL A 1 183 ? 0.24297   11.47421  -1.30632  1.000 29.57098  ? 478 VAL A C      1 
ATOM   1284 O O      . VAL A 1 183 ? 0.70794   12.14989  -2.23012  1.000 26.37458  ? 478 VAL A O      1 
ATOM   1285 C CB     . VAL A 1 183 ? 0.84137   9.11891   -1.87753  1.000 25.53529  ? 478 VAL A CB     1 
ATOM   1286 C CG1    . VAL A 1 183 ? 1.74788   8.98874   -0.64527  1.000 26.28055  ? 478 VAL A CG1    1 
ATOM   1287 C CG2    . VAL A 1 183 ? 0.29054   7.74797   -2.31856  1.000 25.20481  ? 478 VAL A CG2    1 
ATOM   1288 N N      . ARG A 1 184 ? 0.25449   11.86838  -0.03034  1.000 26.85876  ? 479 ARG A N      1 
ATOM   1289 C CA     . ARG A 1 184 ? 0.95568   13.05803  0.43331   1.000 28.13166  ? 479 ARG A CA     1 
ATOM   1290 C C      . ARG A 1 184 ? 1.73982   12.72469  1.69638   1.000 27.98123  ? 479 ARG A C      1 
ATOM   1291 O O      . ARG A 1 184 ? 1.35082   11.84912  2.47388   1.000 26.08708  ? 479 ARG A O      1 
ATOM   1292 C CB     . ARG A 1 184 ? -0.00970  14.19837  0.74202   1.000 28.50588  ? 479 ARG A CB     1 
ATOM   1293 C CG     . ARG A 1 184 ? -0.93392  14.55552  -0.41675  1.000 32.20002  ? 479 ARG A CG     1 
ATOM   1294 C CD     . ARG A 1 184 ? -0.16343  15.20493  -1.54923  1.000 35.21889  ? 479 ARG A CD     1 
ATOM   1295 N NE     . ARG A 1 184 ? -1.08782  15.75049  -2.53410  1.000 38.60979  ? 479 ARG A NE     1 
ATOM   1296 C CZ     . ARG A 1 184 ? -1.63540  15.04378  -3.51293  1.000 47.42297  ? 479 ARG A CZ     1 
ATOM   1297 N NH1    . ARG A 1 184 ? -1.35163  13.75623  -3.68060  1.000 32.28861  ? 479 ARG A NH1    1 
ATOM   1298 N NH2    . ARG A 1 184 ? -2.49895  15.63953  -4.33652  1.000 39.93753  ? 479 ARG A NH2    1 
ATOM   1299 N N      . VAL A 1 185 ? 2.82932   13.44998  1.91451   1.000 27.27898  ? 480 VAL A N      1 
ATOM   1300 C CA     . VAL A 1 185 ? 3.66070   13.27902  3.10613   1.000 27.43463  ? 480 VAL A CA     1 
ATOM   1301 C C      . VAL A 1 185 ? 3.43081   14.47917  4.01034   1.000 30.66323  ? 480 VAL A C      1 
ATOM   1302 O O      . VAL A 1 185 ? 3.53695   15.62316  3.56255   1.000 29.88551  ? 480 VAL A O      1 
ATOM   1303 C CB     . VAL A 1 185 ? 5.15168   13.14739  2.74637   1.000 25.97892  ? 480 VAL A CB     1 
ATOM   1304 C CG1    . VAL A 1 185 ? 6.00810   13.12329  4.01930   1.000 31.22522  ? 480 VAL A CG1    1 
ATOM   1305 C CG2    . VAL A 1 185 ? 5.41109   11.90545  1.90129   1.000 25.31937  ? 480 VAL A CG2    1 
ATOM   1306 N N      . SER A 1 186 ? 3.12866   14.22212  5.27725   1.000 26.75244  ? 481 SER A N      1 
ATOM   1307 C CA     . SER A 1 186 ? 2.91750   15.25889  6.27690   1.000 32.73472  ? 481 SER A CA     1 
ATOM   1308 C C      . SER A 1 186 ? 4.16380   15.42327  7.13969   1.000 31.80901  ? 481 SER A C      1 
ATOM   1309 O O      . SER A 1 186 ? 4.89732   14.46372  7.37452   1.000 33.58331  ? 481 SER A O      1 
ATOM   1310 C CB     . SER A 1 186 ? 1.72538   14.89879  7.17001   1.000 37.20065  ? 481 SER A CB     1 
ATOM   1311 O OG     . SER A 1 186 ? 1.59255   15.81329  8.24624   1.000 47.53676  ? 481 SER A OG     1 
ATOM   1312 N N      . LYS A 1 187 ? 4.39755   16.64558  7.62231   1.000 38.15799  ? 482 LYS A N      1 
ATOM   1313 C CA     . LYS A 1 187 ? 5.44673   16.85369  8.61864   1.000 38.28586  ? 482 LYS A CA     1 
ATOM   1314 C C      . LYS A 1 187 ? 5.07678   16.13857  9.90865   1.000 37.16291  ? 482 LYS A C      1 
ATOM   1315 O O      . LYS A 1 187 ? 3.90334   16.07818  10.28445  1.000 43.10284  ? 482 LYS A O      1 
ATOM   1316 C CB     . LYS A 1 187 ? 5.65218   18.34594  8.88301   1.000 38.96044  ? 482 LYS A CB     1 
ATOM   1317 C CG     . LYS A 1 187 ? 6.53835   19.00856  7.85394   1.000 43.67913  ? 482 LYS A CG     1 
ATOM   1318 C CD     . LYS A 1 187 ? 6.32471   20.51751  7.80013   1.000 44.35281  ? 482 LYS A CD     1 
ATOM   1319 C CE     . LYS A 1 187 ? 6.87155   21.08407  6.49025   1.000 53.55959  ? 482 LYS A CE     1 
ATOM   1320 N NZ     . LYS A 1 187 ? 7.03528   22.57481  6.51642   1.000 50.42717  ? 482 LYS A NZ     1 
ATOM   1321 N N      . MET A 1 188 ? 6.08011   15.57289  10.57412  1.000 41.89543  ? 483 MET A N      1 
ATOM   1322 C CA     . MET A 1 188 ? 5.83259   14.77483  11.76925  1.000 50.63594  ? 483 MET A CA     1 
ATOM   1323 C C      . MET A 1 188 ? 5.87891   15.64469  13.02097  1.000 60.26240  ? 483 MET A C      1 
ATOM   1324 O O      . MET A 1 188 ? 4.92263   16.36843  13.31778  1.000 69.75512  ? 483 MET A O      1 
ATOM   1325 C CB     . MET A 1 188 ? 6.84323   13.62911  11.87587  1.000 46.66560  ? 483 MET A CB     1 
ATOM   1326 C CG     . MET A 1 188 ? 6.31678   12.43860  12.66657  1.000 57.00920  ? 483 MET A CG     1 
ATOM   1327 S SD     . MET A 1 188 ? 7.61598   11.29590  13.16357  1.000 80.01345  ? 483 MET A SD     1 
ATOM   1328 C CE     . MET A 1 188 ? 8.92903   12.44115  13.59587  1.000 54.19479  ? 483 MET A CE     1 
HETATM 1329 P PG     . MGT B 2 .   ? -6.71219  -15.22409 4.85912   0.878 78.68528  ? 501 MGT A PG     1 
HETATM 1330 O O1G    . MGT B 2 .   ? -6.78105  -14.34904 3.62757   0.878 62.28453  ? 501 MGT A O1G    1 
HETATM 1331 O O2G    . MGT B 2 .   ? -5.57378  -16.22364 4.80488   0.878 67.02629  ? 501 MGT A O2G    1 
HETATM 1332 O O3G    . MGT B 2 .   ? -8.04124  -15.87563 5.18376   0.878 74.73837  ? 501 MGT A O3G    1 
HETATM 1333 O O3B    . MGT B 2 .   ? -6.34114  -14.27695 6.15428   0.878 68.36870  ? 501 MGT A O3B    1 
HETATM 1334 P PB     . MGT B 2 .   ? -6.79589  -12.93287 6.89680   0.878 71.50616  ? 501 MGT A PB     1 
HETATM 1335 O O1B    . MGT B 2 .   ? -5.95587  -12.75971 8.10445   0.878 61.95112  ? 501 MGT A O1B    1 
HETATM 1336 O O2B    . MGT B 2 .   ? -8.27435  -12.91189 7.02308   0.878 65.75121  ? 501 MGT A O2B    1 
HETATM 1337 O O3A    . MGT B 2 .   ? -6.37597  -11.83168 5.81417   0.878 59.24234  ? 501 MGT A O3A    1 
HETATM 1338 P PA     . MGT B 2 .   ? -5.02699  -11.03561 5.48004   0.878 62.48022  ? 501 MGT A PA     1 
HETATM 1339 O O1A    . MGT B 2 .   ? -3.87073  -11.74667 6.07885   0.878 47.35074  ? 501 MGT A O1A    1 
HETATM 1340 O O2A    . MGT B 2 .   ? -5.04327  -10.77982 4.01978   0.878 50.29650  ? 501 MGT A O2A    1 
HETATM 1341 O "O5'"  . MGT B 2 .   ? -5.24570  -9.64501  6.24998   0.878 49.47112  ? 501 MGT A "O5'"  1 
HETATM 1342 C "C5'"  . MGT B 2 .   ? -4.81874  -9.45472  7.62165   0.878 43.29563  ? 501 MGT A "C5'"  1 
HETATM 1343 C "C4'"  . MGT B 2 .   ? -5.80841  -8.58960  8.36874   0.878 38.71749  ? 501 MGT A "C4'"  1 
HETATM 1344 O "O4'"  . MGT B 2 .   ? -6.12533  -7.39600  7.60773   0.878 32.35617  ? 501 MGT A "O4'"  1 
HETATM 1345 C "C3'"  . MGT B 2 .   ? -7.13686  -9.28735  8.66191   0.878 36.82435  ? 501 MGT A "C3'"  1 
HETATM 1346 O "O3'"  . MGT B 2 .   ? -7.63293  -8.98263  9.95884   0.878 42.20902  ? 501 MGT A "O3'"  1 
HETATM 1347 C "C2'"  . MGT B 2 .   ? -8.05962  -8.74123  7.56848   0.878 33.90724  ? 501 MGT A "C2'"  1 
HETATM 1348 O "O2'"  . MGT B 2 .   ? -9.41869  -8.72269  7.98747   0.878 38.82750  ? 501 MGT A "O2'"  1 
HETATM 1349 C "C1'"  . MGT B 2 .   ? -7.52749  -7.31862  7.41611   0.878 33.62636  ? 501 MGT A "C1'"  1 
HETATM 1350 N N9     . MGT B 2 .   ? -7.83118  -6.65243  6.18116   0.878 32.05441  ? 501 MGT A N9     1 
HETATM 1351 C C8     . MGT B 2 .   ? -7.07183  -6.85294  4.96055   0.878 33.36457  ? 501 MGT A C8     1 
HETATM 1352 N N7     . MGT B 2 .   ? -7.71432  -5.93762  4.09810   0.878 33.97651  ? 501 MGT A N7     1 
HETATM 1353 C CM7    . MGT B 2 .   ? -7.21932  -5.73732  2.74913   0.878 28.50515  ? 501 MGT A CM7    1 
HETATM 1354 C C5     . MGT B 2 .   ? -8.73001  -5.26044  4.67909   0.878 29.81925  ? 501 MGT A C5     1 
HETATM 1355 C C6     . MGT B 2 .   ? -9.60454  -4.26835  4.16354   0.878 30.53887  ? 501 MGT A C6     1 
HETATM 1356 O O6     . MGT B 2 .   ? -9.65623  -3.72837  3.07109   0.878 27.79402  ? 501 MGT A O6     1 
HETATM 1357 N N1     . MGT B 2 .   ? -10.45162 -3.89977  5.13482   0.878 26.63105  ? 501 MGT A N1     1 
HETATM 1358 C C2     . MGT B 2 .   ? -10.45367 -4.39472  6.38007   0.878 32.59285  ? 501 MGT A C2     1 
HETATM 1359 N N2     . MGT B 2 .   ? -11.34383 -3.95043  7.11282   0.878 35.46435  ? 501 MGT A N2     1 
HETATM 1360 N N3     . MGT B 2 .   ? -9.64033  -5.31157  6.86831   0.878 28.62101  ? 501 MGT A N3     1 
HETATM 1361 C C4     . MGT B 2 .   ? -8.80068  -5.72050  5.98702   0.878 31.83834  ? 501 MGT A C4     1 
HETATM 1362 H "H5'1" . MGT B 2 .   ? -4.71704  -10.32120 8.06586   0.878 51.95475  ? 501 MGT A "H5'1" 1 
HETATM 1363 H "H5'2" . MGT B 2 .   ? -3.92651  -9.05236  7.64378   0.878 51.95475  ? 501 MGT A "H5'2" 1 
HETATM 1364 H "H4'"  . MGT B 2 .   ? -5.39650  -8.25925  9.19315   0.878 46.46099  ? 501 MGT A "H4'"  1 
HETATM 1365 H "H3'"  . MGT B 2 .   ? -7.08250  -10.26193 8.58657   0.878 44.18921  ? 501 MGT A "H3'"  1 
HETATM 1366 H "HO3'" . MGT B 2 .   ? -8.23293  -8.40205  9.79936   0.878 50.65082  ? 501 MGT A "HO3'" 1 
HETATM 1367 H "H2'"  . MGT B 2 .   ? -8.03707  -9.26687  6.74286   0.878 40.68869  ? 501 MGT A "H2'"  1 
HETATM 1368 H "HO2'" . MGT B 2 .   ? -9.71257  -8.04041  7.57438   0.878 46.59299  ? 501 MGT A "HO2'" 1 
HETATM 1369 H "H1'"  . MGT B 2 .   ? -7.87050  -6.76507  8.14711   0.878 40.35164  ? 501 MGT A "H1'"  1 
HETATM 1370 H H81    . MGT B 2 .   ? -7.15475  -7.76906  4.62546   0.878 40.03749  ? 501 MGT A H81    1 
HETATM 1371 H H82    . MGT B 2 .   ? -6.12730  -6.62298  5.07640   0.878 40.03749  ? 501 MGT A H82    1 
HETATM 1372 H HM71   . MGT B 2 .   ? -7.69473  -5.00061  2.31361   0.878 34.20618  ? 501 MGT A HM71   1 
HETATM 1373 H HM72   . MGT B 2 .   ? -7.34648  -6.54584  2.21196   0.878 34.20618  ? 501 MGT A HM72   1 
HETATM 1374 H HM73   . MGT B 2 .   ? -6.26418  -5.52284  2.76100   0.878 34.20618  ? 501 MGT A HM73   1 
HETATM 1375 H HN1    . MGT B 2 .   ? -11.06758 -3.28707  4.97708   0.878 31.95725  ? 501 MGT A HN1    1 
HETATM 1376 H HN21   . MGT B 2 .   ? -11.35134 -4.27217  7.93509   0.878 42.55723  ? 501 MGT A HN21   1 
HETATM 1377 H HN22   . MGT B 2 .   ? -11.88003 -3.35733  6.73812   0.878 42.55723  ? 501 MGT A HN22   1 
HETATM 1378 O O      . HOH C 3 .   ? -12.36976 -1.69981  1.73987   1.000 40.27113  ? 601 HOH A O      1 
HETATM 1379 O O      . HOH C 3 .   ? -12.78311 8.63990   9.07250   1.000 42.85262  ? 602 HOH A O      1 
HETATM 1380 O O      . HOH C 3 .   ? 6.32629   -2.58374  7.51645   1.000 38.47787  ? 603 HOH A O      1 
HETATM 1381 O O      . HOH C 3 .   ? 3.28082   -13.22276 -10.81921 1.000 33.09533  ? 604 HOH A O      1 
HETATM 1382 O O      . HOH C 3 .   ? 7.62985   25.01071  7.15757   1.000 53.11007  ? 605 HOH A O      1 
HETATM 1383 O O      . HOH C 3 .   ? 4.14943   6.23480   -10.86557 1.000 37.55667  ? 606 HOH A O      1 
HETATM 1384 O O      . HOH C 3 .   ? 10.66475  -0.90251  2.34123   1.000 44.01436  ? 607 HOH A O      1 
HETATM 1385 O O      . HOH C 3 .   ? -16.64259 2.61677   10.69671  1.000 44.97493  ? 608 HOH A O      1 
HETATM 1386 O O      . HOH C 3 .   ? -8.16730  -1.93870  -8.49960  1.000 30.16290  ? 609 HOH A O      1 
HETATM 1387 O O      . HOH C 3 .   ? 7.01381   -9.33175  5.24067   1.000 30.49273  ? 610 HOH A O      1 
HETATM 1388 O O      . HOH C 3 .   ? 9.51950   13.29146  8.85931   1.000 26.82189  ? 611 HOH A O      1 
HETATM 1389 O O      . HOH C 3 .   ? 13.72383  11.00671  0.32328   1.000 41.56387  ? 612 HOH A O      1 
HETATM 1390 O O      . HOH C 3 .   ? 6.88006   12.94040  8.32882   1.000 32.80549  ? 613 HOH A O      1 
HETATM 1391 O O      . HOH C 3 .   ? 11.91444  12.92790  11.62820  1.000 30.31915  ? 614 HOH A O      1 
HETATM 1392 O O      . HOH C 3 .   ? -16.66432 -4.67097  8.45718   1.000 56.17331  ? 615 HOH A O      1 
HETATM 1393 O O      . HOH C 3 .   ? 1.43570   -8.94316  8.49534   1.000 31.20286  ? 616 HOH A O      1 
HETATM 1394 O O      . HOH C 3 .   ? 13.24044  3.99419   9.18040   1.000 32.13712  ? 617 HOH A O      1 
HETATM 1395 O O      . HOH C 3 .   ? 7.76528   -5.80490  -8.97402  1.000 36.46626  ? 618 HOH A O      1 
HETATM 1396 O O      . HOH C 3 .   ? 5.83241   -0.95360  13.04314  1.000 38.25492  ? 619 HOH A O      1 
HETATM 1397 O O      . HOH C 3 .   ? 1.33138   -1.81918  -12.61098 1.000 38.63009  ? 620 HOH A O      1 
HETATM 1398 O O      . HOH C 3 .   ? 6.88699   -13.08143 -1.81635  1.000 36.75944  ? 621 HOH A O      1 
HETATM 1399 O O      . HOH C 3 .   ? -3.25472  -1.63722  -13.72411 1.000 43.73013  ? 622 HOH A O      1 
HETATM 1400 O O      . HOH C 3 .   ? -10.25807 -3.87929  -1.12282  1.000 28.59262  ? 623 HOH A O      1 
HETATM 1401 O O      . HOH C 3 .   ? 14.48764  -3.80280  0.85599   1.000 36.55244  ? 624 HOH A O      1 
HETATM 1402 O O      . HOH C 3 .   ? 0.02814   -15.01776 5.69633   1.000 44.05757  ? 625 HOH A O      1 
HETATM 1403 O O      . HOH C 3 .   ? 11.50553  1.67544   2.76565   1.000 41.21248  ? 626 HOH A O      1 
HETATM 1404 O O      . HOH C 3 .   ? -12.53069 9.88892   0.10801   1.000 39.84648  ? 627 HOH A O      1 
HETATM 1405 O O      . HOH C 3 .   ? 8.51244   -3.35861  -7.52191  1.000 34.42432  ? 628 HOH A O      1 
HETATM 1406 O O      . HOH C 3 .   ? -19.35910 5.19350   8.38912   1.000 39.07278  ? 629 HOH A O      1 
HETATM 1407 O O      . HOH C 3 .   ? -12.29798 -1.49580  -7.81164  1.000 31.61926  ? 630 HOH A O      1 
HETATM 1408 O O      . HOH C 3 .   ? -5.21781  0.37465   -10.12925 1.000 34.62876  ? 631 HOH A O      1 
HETATM 1409 O O      . HOH C 3 .   ? 1.63253   8.66550   -14.01787 1.000 49.79587  ? 632 HOH A O      1 
HETATM 1410 O O      . HOH C 3 .   ? -7.54839  -9.63478  3.17691   1.000 46.02057  ? 633 HOH A O      1 
HETATM 1411 O O      . HOH C 3 .   ? 11.01083  -16.26849 -2.83877  1.000 53.31682  ? 634 HOH A O      1 
HETATM 1412 O O      . HOH C 3 .   ? 7.97890   -3.89336  17.46936  1.000 46.56527  ? 635 HOH A O      1 
HETATM 1413 O O      . HOH C 3 .   ? 6.56887   1.81419   11.24899  1.000 24.81052  ? 636 HOH A O      1 
HETATM 1414 O O      . HOH C 3 .   ? -10.08604 10.12015  6.94488   1.000 46.01772  ? 637 HOH A O      1 
HETATM 1415 O O      . HOH C 3 .   ? 15.67446  6.84064   5.53243   1.000 37.40107  ? 638 HOH A O      1 
HETATM 1416 O O      . HOH C 3 .   ? 4.78655   -10.97446 4.50719   1.000 40.05364  ? 639 HOH A O      1 
HETATM 1417 O O      . HOH C 3 .   ? -17.90264 -10.31930 5.51799   1.000 45.62362  ? 640 HOH A O      1 
HETATM 1418 O O      . HOH C 3 .   ? 7.59928   2.33556   8.78776   1.000 25.80029  ? 641 HOH A O      1 
HETATM 1419 O O      . HOH C 3 .   ? 9.56634   20.79410  -5.54971  1.000 48.77339  ? 642 HOH A O      1 
HETATM 1420 O O      . HOH C 3 .   ? -5.26113  -18.27586 2.67813   1.000 59.64435  ? 643 HOH A O      1 
HETATM 1421 O O      . HOH C 3 .   ? 9.56086   17.86236  -8.86332  1.000 58.80354  ? 644 HOH A O      1 
HETATM 1422 O O      . HOH C 3 .   ? -3.26929  -17.97515 -4.63480  1.000 35.48660  ? 645 HOH A O      1 
HETATM 1423 O O      . HOH C 3 .   ? 1.72207   -7.14847  11.48146  1.000 31.70769  ? 646 HOH A O      1 
HETATM 1424 O O      . HOH C 3 .   ? -3.47580  18.75863  -3.96158  1.000 58.13592  ? 647 HOH A O      1 
HETATM 1425 O O      . HOH C 3 .   ? 6.51804   -15.52654 -0.34547  1.000 49.43913  ? 648 HOH A O      1 
HETATM 1426 O O      . HOH C 3 .   ? -10.59346 11.75345  -0.09477  1.000 34.76784  ? 649 HOH A O      1 
HETATM 1427 O O      . HOH C 3 .   ? -12.90564 -13.80044 -8.85892  1.000 31.19342  ? 650 HOH A O      1 
HETATM 1428 O O      . HOH C 3 .   ? -5.48692  -13.12974 1.09627   1.000 33.40684  ? 651 HOH A O      1 
HETATM 1429 O O      . HOH C 3 .   ? 8.85973   -8.44436  -10.52620 1.000 48.39167  ? 652 HOH A O      1 
HETATM 1430 O O      . HOH C 3 .   ? -1.89780  -9.87196  8.91159   1.000 47.33665  ? 653 HOH A O      1 
HETATM 1431 O O      . HOH C 3 .   ? 13.78655  8.71540   19.01858  1.000 52.05412  ? 654 HOH A O      1 
HETATM 1432 O O      . HOH C 3 .   ? -1.32607  18.72675  -1.50138  1.000 53.78427  ? 655 HOH A O      1 
HETATM 1433 O O      . HOH C 3 .   ? -0.31728  11.55100  8.89840   1.000 45.29135  ? 656 HOH A O      1 
HETATM 1434 O O      . HOH C 3 .   ? 5.36283   7.34835   -12.89831 1.000 50.18029  ? 657 HOH A O      1 
HETATM 1435 O O      . HOH C 3 .   ? -7.88959  15.80549  -1.47979  1.000 60.51374  ? 658 HOH A O      1 
HETATM 1436 O O      . HOH C 3 .   ? -13.89035 7.87650   -5.12305  1.000 19.34516  ? 659 HOH A O      1 
HETATM 1437 O O      . HOH C 3 .   ? -16.18980 0.68891   -3.68897  1.000 21.11817  ? 660 HOH A O      1 
HETATM 1438 O O      . HOH C 3 .   ? 10.11802  1.13684   8.93655   1.000 28.59103  ? 661 HOH A O      1 
HETATM 1439 O O      . HOH C 3 .   ? 11.08214  9.86183   -9.84991  1.000 45.51812  ? 662 HOH A O      1 
HETATM 1440 O O      . HOH C 3 .   ? -16.70262 -15.62450 -1.62886  1.000 52.75371  ? 663 HOH A O      1 
HETATM 1441 O O      . HOH C 3 .   ? 11.19446  0.90471   15.78227  1.000 27.95775  ? 664 HOH A O      1 
HETATM 1442 O O      . HOH C 3 .   ? -9.30152  9.87169   10.96952  1.000 51.50348  ? 665 HOH A O      1 
HETATM 1443 O O      . HOH C 3 .   ? 10.79058  20.21262  -2.73467  1.000 54.14788  ? 666 HOH A O      1 
HETATM 1444 O O      . HOH C 3 .   ? -4.15049  -19.12029 -2.42073  1.000 47.98085  ? 667 HOH A O      1 
HETATM 1445 O O      . HOH C 3 .   ? -3.62493  7.46766   15.60922  1.000 61.32197  ? 668 HOH A O      1 
HETATM 1446 O O      . HOH C 3 .   ? -12.49763 10.02086  -5.75320  1.000 42.17975  ? 669 HOH A O      1 
HETATM 1447 O O      . HOH C 3 .   ? 4.83222   -12.21910 6.67951   1.000 41.66268  ? 670 HOH A O      1 
HETATM 1448 O O      . HOH C 3 .   ? -2.94082  11.39766  12.76572  1.000 60.95734  ? 671 HOH A O      1 
# 
